data_4GX0
#
_entry.id   4GX0
#
_cell.length_a   232.934
_cell.length_b   111.670
_cell.length_c   164.133
_cell.angle_alpha   90.00
_cell.angle_beta   134.47
_cell.angle_gamma   90.00
#
_symmetry.space_group_name_H-M   'C 1 2 1'
#
loop_
_entity.id
_entity.type
_entity.pdbx_description
1 polymer 'TrkA domain protein'
2 branched alpha-D-glucopyranose-(1-4)-alpha-D-glucopyranose
3 non-polymer 'POTASSIUM ION'
4 non-polymer 'ZINC ION'
5 non-polymer 'CALCIUM ION'
6 non-polymer 'PHOSPHATE ION'
7 non-polymer alpha-D-glucopyranose
8 water water
#
_entity_poly.entity_id   1
_entity_poly.type   'polypeptide(L)'
_entity_poly.pdbx_seq_one_letter_code
;MQRGSAYFLRGRARQNLKVLLLYCAFLLVMLLAYASIFRYLMWHLEGRAYSFMAGIYWTITVMTTLGFGDITFESDAGYL
FASIVTVSGVIFLDIILPFGFVSMFLAPWIERRLRYHPTIELPDDTRGHILIFGIDPITRTLIRKLESRNHLFVVVTDNY
DQALHLEEQEGFKVVYGSPTDAHVLAGLRVAAARSIIANLSDPDNANLCLTVRSLCQTPIIAVVKEPVHGELLRLAGANQ
VVPLTRILGRYLGIRATTCGALAHILDSFGNLQIAELPVHGTPFAGKTIGESGIRQRTGLSIIGVWERGSLTTPQRETVL
TEQSLLVLAGTKSQLAALEYLIGEAPEDELIFIIGHGRIGCAAAAFLDRKPVPFILIDRQESPVCNDHVVVYGDATVGQT
LRQAGIDRASGIIVTTNDDSTNIFLTLACRHLHSHIRIVARANGEENVDQLYAAGADFVVSNASVGANILGNLLEHKESA
FLSEGMAVFRRPLPPAMAGKTIAETRLRPLTGCSIVAIEAPDRADILISPPPETILAEGARLILIGTSEQEKTFDQTIAA
RLVPR
;
_entity_poly.pdbx_strand_id   A,B,C,D
#
loop_
_chem_comp.id
_chem_comp.type
_chem_comp.name
_chem_comp.formula
CA non-polymer 'CALCIUM ION' 'Ca 2'
GLC D-saccharide, alpha linking alpha-D-glucopyranose 'C6 H12 O6'
K non-polymer 'POTASSIUM ION' 'K 1'
PO4 non-polymer 'PHOSPHATE ION' 'O4 P -3'
ZN non-polymer 'ZINC ION' 'Zn 2'
#
# COMPACT_ATOMS: atom_id res chain seq x y z
N GLN A 15 -0.01 48.40 8.99
CA GLN A 15 -1.03 49.44 9.06
C GLN A 15 -1.43 49.93 7.68
N ASN A 16 -2.67 50.37 7.55
CA ASN A 16 -3.19 50.89 6.29
C ASN A 16 -3.33 52.40 6.31
N LEU A 17 -3.24 52.99 7.50
CA LEU A 17 -3.41 54.44 7.63
C LEU A 17 -2.18 55.20 7.14
N LYS A 18 -0.99 54.65 7.42
CA LYS A 18 0.24 55.30 7.00
C LYS A 18 0.37 55.36 5.48
N VAL A 19 0.25 54.21 4.82
CA VAL A 19 0.31 54.15 3.37
C VAL A 19 -0.72 55.09 2.74
N LEU A 20 -1.85 55.24 3.40
CA LEU A 20 -2.93 56.10 2.89
C LEU A 20 -2.55 57.57 2.92
N LEU A 21 -2.23 58.10 4.09
CA LEU A 21 -1.92 59.52 4.22
C LEU A 21 -0.53 59.84 3.66
N LEU A 22 0.29 58.81 3.51
CA LEU A 22 1.57 58.97 2.81
C LEU A 22 1.30 59.18 1.33
N TYR A 23 0.18 58.64 0.86
CA TYR A 23 -0.25 58.83 -0.51
C TYR A 23 -0.77 60.26 -0.68
N CYS A 24 -1.56 60.70 0.30
CA CYS A 24 -2.05 62.07 0.32
C CYS A 24 -0.89 63.05 0.31
N ALA A 25 0.21 62.66 0.95
CA ALA A 25 1.42 63.46 0.96
C ALA A 25 1.97 63.62 -0.45
N PHE A 26 2.10 62.50 -1.15
CA PHE A 26 2.58 62.52 -2.53
C PHE A 26 1.62 63.28 -3.45
N LEU A 27 0.33 63.15 -3.19
CA LEU A 27 -0.68 63.87 -3.96
C LEU A 27 -0.55 65.36 -3.74
N LEU A 28 -0.19 65.76 -2.51
CA LEU A 28 -0.03 67.17 -2.18
C LEU A 28 1.19 67.76 -2.87
N VAL A 29 2.31 67.04 -2.82
CA VAL A 29 3.53 67.45 -3.49
C VAL A 29 3.31 67.62 -4.98
N MET A 30 2.51 66.72 -5.55
CA MET A 30 2.19 66.75 -6.97
C MET A 30 1.39 68.00 -7.31
N LEU A 31 0.49 68.38 -6.41
CA LEU A 31 -0.33 69.57 -6.58
C LEU A 31 0.54 70.83 -6.63
N LEU A 32 1.45 70.95 -5.68
CA LEU A 32 2.31 72.13 -5.59
C LEU A 32 3.29 72.15 -6.75
N ALA A 33 3.81 70.99 -7.11
CA ALA A 33 4.76 70.88 -8.22
C ALA A 33 4.11 71.31 -9.52
N TYR A 34 2.90 70.82 -9.77
CA TYR A 34 2.17 71.14 -10.99
C TYR A 34 1.70 72.59 -11.04
N ALA A 35 1.33 73.14 -9.89
CA ALA A 35 0.89 74.53 -9.81
C ALA A 35 2.05 75.47 -10.11
N SER A 36 3.23 75.14 -9.60
CA SER A 36 4.42 75.94 -9.81
C SER A 36 4.90 75.84 -11.26
N ILE A 37 4.93 74.62 -11.79
CA ILE A 37 5.29 74.42 -13.18
C ILE A 37 4.30 75.18 -14.07
N PHE A 38 3.03 75.17 -13.67
CA PHE A 38 1.98 75.89 -14.37
C PHE A 38 2.33 77.37 -14.53
N ARG A 39 2.59 78.03 -13.42
CA ARG A 39 2.91 79.46 -13.42
C ARG A 39 4.15 79.74 -14.26
N TYR A 40 5.15 78.87 -14.12
CA TYR A 40 6.41 78.99 -14.85
C TYR A 40 6.20 78.95 -16.36
N LEU A 41 5.41 77.98 -16.82
CA LEU A 41 5.13 77.84 -18.24
C LEU A 41 4.26 79.00 -18.75
N MET A 42 3.23 79.35 -17.99
CA MET A 42 2.36 80.46 -18.36
C MET A 42 3.15 81.74 -18.60
N TRP A 43 4.16 81.97 -17.76
CA TRP A 43 4.97 83.17 -17.88
C TRP A 43 5.98 83.06 -19.02
N HIS A 44 6.81 82.03 -19.00
CA HIS A 44 7.87 81.90 -19.99
C HIS A 44 7.39 81.54 -21.40
N LEU A 45 6.24 80.88 -21.48
CA LEU A 45 5.71 80.48 -22.78
C LEU A 45 4.78 81.51 -23.40
N GLU A 46 3.98 82.17 -22.56
CA GLU A 46 2.91 83.01 -23.09
C GLU A 46 2.84 84.40 -22.44
N GLY A 47 3.85 84.73 -21.63
CA GLY A 47 3.92 86.04 -21.00
C GLY A 47 2.73 86.37 -20.12
N ARG A 48 2.13 85.32 -19.54
CA ARG A 48 0.96 85.48 -18.68
C ARG A 48 1.33 85.22 -17.22
N ALA A 49 0.89 86.11 -16.33
CA ALA A 49 1.25 86.01 -14.93
C ALA A 49 0.07 85.55 -14.09
N TYR A 50 0.24 84.44 -13.39
CA TYR A 50 -0.81 83.91 -12.52
C TYR A 50 -0.34 83.79 -11.08
N SER A 51 -1.26 84.06 -10.15
CA SER A 51 -0.96 83.96 -8.72
C SER A 51 -0.76 82.51 -8.30
N PHE A 52 -0.35 82.33 -7.05
CA PHE A 52 -0.19 80.99 -6.51
C PHE A 52 -1.53 80.28 -6.39
N MET A 53 -2.54 80.98 -5.88
CA MET A 53 -3.87 80.41 -5.75
C MET A 53 -4.41 80.01 -7.12
N ALA A 54 -4.12 80.84 -8.12
CA ALA A 54 -4.58 80.57 -9.48
C ALA A 54 -4.02 79.23 -9.97
N GLY A 55 -2.77 78.97 -9.66
CA GLY A 55 -2.11 77.74 -10.08
C GLY A 55 -2.64 76.51 -9.38
N ILE A 56 -2.91 76.63 -8.08
CA ILE A 56 -3.52 75.56 -7.31
C ILE A 56 -4.90 75.28 -7.89
N TYR A 57 -5.65 76.35 -8.10
CA TYR A 57 -7.02 76.28 -8.62
C TYR A 57 -7.09 75.63 -9.99
N TRP A 58 -6.11 75.93 -10.84
CA TRP A 58 -6.05 75.33 -12.16
C TRP A 58 -5.66 73.85 -12.09
N THR A 59 -4.69 73.55 -11.23
CA THR A 59 -4.20 72.18 -11.13
C THR A 59 -5.29 71.26 -10.57
N ILE A 60 -6.00 71.72 -9.55
CA ILE A 60 -7.13 70.99 -9.00
C ILE A 60 -8.21 70.83 -10.05
N THR A 61 -8.46 71.89 -10.81
CA THR A 61 -9.49 71.90 -11.85
C THR A 61 -9.21 70.87 -12.95
N VAL A 62 -7.94 70.68 -13.27
CA VAL A 62 -7.54 69.74 -14.30
C VAL A 62 -7.50 68.29 -13.80
N MET A 63 -6.81 68.05 -12.69
CA MET A 63 -6.64 66.70 -12.18
C MET A 63 -7.95 66.11 -11.70
N THR A 64 -8.79 66.96 -11.14
CA THR A 64 -10.10 66.55 -10.67
C THR A 64 -11.04 66.41 -11.85
N THR A 65 -10.55 66.75 -13.04
CA THR A 65 -11.29 66.66 -14.28
C THR A 65 -12.48 67.56 -14.35
N LEU A 66 -12.55 68.56 -13.50
CA LEU A 66 -13.69 69.45 -13.54
C LEU A 66 -13.61 70.06 -14.89
N GLY A 67 -12.56 70.81 -15.11
CA GLY A 67 -12.32 71.45 -16.39
C GLY A 67 -13.07 72.73 -16.74
N PHE A 68 -13.10 73.71 -15.86
CA PHE A 68 -13.76 74.96 -16.14
C PHE A 68 -13.41 75.60 -17.48
N GLY A 69 -12.16 75.51 -17.90
CA GLY A 69 -11.75 76.09 -19.16
C GLY A 69 -11.51 77.57 -19.18
N ASP A 70 -11.66 78.23 -18.03
CA ASP A 70 -11.46 79.67 -17.95
C ASP A 70 -9.98 80.02 -18.09
N ILE A 71 -9.13 79.02 -17.88
CA ILE A 71 -7.68 79.20 -18.02
C ILE A 71 -7.07 78.06 -18.83
N THR A 72 -6.78 78.33 -20.09
CA THR A 72 -6.19 77.34 -20.99
C THR A 72 -4.95 77.91 -21.66
N PHE A 73 -4.03 77.04 -22.05
CA PHE A 73 -2.85 77.45 -22.81
C PHE A 73 -3.25 77.67 -24.28
N GLU A 74 -2.35 78.26 -25.05
CA GLU A 74 -2.58 78.44 -26.48
C GLU A 74 -1.39 77.94 -27.30
N SER A 75 -0.32 77.57 -26.61
CA SER A 75 0.87 77.05 -27.26
C SER A 75 0.96 75.53 -27.14
N ASP A 76 1.62 74.90 -28.10
CA ASP A 76 1.75 73.45 -28.11
C ASP A 76 2.36 72.89 -26.83
N ALA A 77 3.41 73.53 -26.33
CA ALA A 77 4.07 73.07 -25.11
C ALA A 77 3.10 73.16 -23.93
N GLY A 78 2.22 74.15 -23.96
CA GLY A 78 1.21 74.29 -22.93
C GLY A 78 0.16 73.20 -23.04
N TYR A 79 -0.20 72.88 -24.28
CA TYR A 79 -1.12 71.77 -24.53
C TYR A 79 -0.54 70.46 -24.00
N LEU A 80 0.74 70.22 -24.27
CA LEU A 80 1.42 69.02 -23.81
C LEU A 80 1.33 68.92 -22.29
N PHE A 81 1.76 70.00 -21.63
CA PHE A 81 1.73 70.04 -20.17
C PHE A 81 0.31 69.80 -19.64
N ALA A 82 -0.66 70.47 -20.26
CA ALA A 82 -2.05 70.31 -19.87
C ALA A 82 -2.50 68.85 -20.00
N SER A 83 -2.05 68.19 -21.05
CA SER A 83 -2.35 66.77 -21.27
C SER A 83 -1.73 65.88 -20.19
N ILE A 84 -0.50 66.20 -19.79
CA ILE A 84 0.21 65.42 -18.78
C ILE A 84 -0.47 65.48 -17.42
N VAL A 85 -0.95 66.66 -17.05
CA VAL A 85 -1.62 66.84 -15.78
C VAL A 85 -2.98 66.16 -15.79
N THR A 86 -3.68 66.24 -16.92
CA THR A 86 -4.96 65.56 -17.07
C THR A 86 -4.81 64.06 -16.82
N VAL A 87 -3.82 63.46 -17.46
CA VAL A 87 -3.57 62.03 -17.34
C VAL A 87 -3.13 61.66 -15.92
N SER A 88 -2.31 62.52 -15.32
CA SER A 88 -1.89 62.32 -13.93
C SER A 88 -3.08 62.24 -12.99
N GLY A 89 -4.09 63.06 -13.23
CA GLY A 89 -5.26 63.10 -12.38
C GLY A 89 -6.08 61.84 -12.54
N VAL A 90 -6.05 61.28 -13.75
CA VAL A 90 -6.81 60.06 -14.03
C VAL A 90 -6.12 58.86 -13.40
N ILE A 91 -4.81 58.78 -13.57
CA ILE A 91 -4.01 57.69 -13.02
C ILE A 91 -3.99 57.70 -11.49
N PHE A 92 -3.72 58.86 -10.91
CA PHE A 92 -3.54 58.97 -9.46
C PHE A 92 -4.82 59.22 -8.68
N LEU A 93 -5.93 59.52 -9.37
CA LEU A 93 -7.18 59.78 -8.68
C LEU A 93 -8.31 58.83 -9.09
N ASP A 94 -8.17 58.19 -10.24
CA ASP A 94 -9.22 57.33 -10.74
C ASP A 94 -8.76 55.89 -10.95
N ILE A 95 -7.51 55.61 -10.58
CA ILE A 95 -6.96 54.28 -10.75
C ILE A 95 -6.25 53.81 -9.49
N ILE A 96 -5.17 54.49 -9.13
CA ILE A 96 -4.40 54.11 -7.94
C ILE A 96 -5.21 54.27 -6.66
N LEU A 97 -6.03 55.30 -6.59
CA LEU A 97 -6.82 55.55 -5.39
C LEU A 97 -7.80 54.41 -5.09
N PRO A 98 -8.58 53.99 -6.10
CA PRO A 98 -9.50 52.85 -5.89
C PRO A 98 -8.76 51.52 -5.85
N PHE A 99 -7.90 51.25 -6.83
CA PHE A 99 -7.10 50.03 -6.83
C PHE A 99 -6.39 49.87 -5.49
N GLY A 100 -5.97 51.00 -4.93
CA GLY A 100 -5.40 51.00 -3.59
C GLY A 100 -6.45 50.59 -2.59
N PHE A 101 -7.51 51.38 -2.49
CA PHE A 101 -8.66 51.05 -1.65
C PHE A 101 -8.89 49.55 -1.54
N VAL A 102 -9.16 48.91 -2.67
CA VAL A 102 -9.53 47.50 -2.69
C VAL A 102 -8.37 46.59 -2.30
N SER A 103 -7.21 46.80 -2.91
CA SER A 103 -6.05 45.97 -2.66
C SER A 103 -5.42 46.27 -1.29
N MET A 104 -5.71 47.45 -0.77
CA MET A 104 -5.14 47.88 0.51
C MET A 104 -5.90 47.31 1.70
N PHE A 105 -7.21 47.45 1.71
CA PHE A 105 -7.98 47.01 2.88
C PHE A 105 -9.28 46.24 2.57
N LEU A 106 -9.64 46.12 1.30
CA LEU A 106 -10.76 45.26 0.95
C LEU A 106 -10.24 43.85 0.70
N ALA A 107 -8.92 43.72 0.61
CA ALA A 107 -8.27 42.42 0.49
C ALA A 107 -8.22 41.73 1.85
N PRO A 108 -7.67 42.42 2.87
CA PRO A 108 -7.65 41.87 4.23
C PRO A 108 -9.05 41.42 4.68
N TRP A 109 -10.06 42.13 4.20
CA TRP A 109 -11.45 41.81 4.56
C TRP A 109 -11.84 40.39 4.18
N ILE A 110 -11.51 39.97 2.96
CA ILE A 110 -11.85 38.62 2.52
C ILE A 110 -11.04 37.58 3.27
N GLU A 111 -9.76 37.85 3.48
CA GLU A 111 -8.85 36.89 4.09
C GLU A 111 -9.05 36.79 5.60
N ARG A 112 -10.02 37.53 6.12
CA ARG A 112 -10.28 37.51 7.56
C ARG A 112 -11.76 37.50 7.91
N ARG A 113 -12.63 37.53 6.91
CA ARG A 113 -14.06 37.56 7.17
C ARG A 113 -14.88 36.60 6.29
N LEU A 114 -14.27 36.14 5.20
CA LEU A 114 -14.92 35.18 4.32
C LEU A 114 -14.27 33.81 4.47
N ARG A 115 -13.11 33.79 5.10
CA ARG A 115 -12.35 32.57 5.30
C ARG A 115 -11.62 32.67 6.63
N TYR A 116 -12.11 31.94 7.64
CA TYR A 116 -11.52 32.02 8.97
C TYR A 116 -10.01 31.88 8.93
N HIS A 117 -9.33 32.85 9.52
CA HIS A 117 -7.87 32.85 9.57
C HIS A 117 -7.43 32.75 11.03
N PRO A 118 -7.03 31.54 11.45
CA PRO A 118 -6.62 31.31 12.84
C PRO A 118 -5.31 32.01 13.16
N THR A 119 -5.16 32.45 14.40
CA THR A 119 -3.92 33.07 14.86
C THR A 119 -2.92 31.98 15.24
N ILE A 120 -1.74 32.01 14.61
CA ILE A 120 -0.74 30.98 14.84
C ILE A 120 0.48 31.52 15.57
N GLU A 121 0.42 32.77 15.99
CA GLU A 121 1.55 33.43 16.63
C GLU A 121 1.14 34.74 17.30
N LEU A 122 1.64 34.97 18.51
CA LEU A 122 1.38 36.21 19.21
C LEU A 122 2.43 37.28 18.87
N PRO A 123 2.04 38.56 18.96
CA PRO A 123 2.97 39.67 18.69
C PRO A 123 4.26 39.52 19.50
N ASP A 124 5.36 39.99 18.92
CA ASP A 124 6.68 39.88 19.53
C ASP A 124 6.73 40.37 20.99
N ASP A 125 6.03 41.47 21.26
CA ASP A 125 6.15 42.13 22.56
C ASP A 125 5.07 41.73 23.56
N THR A 126 4.40 40.61 23.31
CA THR A 126 3.38 40.14 24.23
C THR A 126 4.03 39.70 25.54
N ARG A 127 3.56 40.27 26.65
CA ARG A 127 4.15 39.99 27.95
C ARG A 127 3.10 39.90 29.06
N GLY A 128 3.40 39.10 30.08
CA GLY A 128 2.52 38.96 31.23
C GLY A 128 1.23 38.20 30.96
N HIS A 129 1.19 37.45 29.87
CA HIS A 129 0.00 36.68 29.53
C HIS A 129 -0.02 35.30 30.18
N ILE A 130 -1.21 34.72 30.28
CA ILE A 130 -1.37 33.40 30.85
C ILE A 130 -1.80 32.40 29.77
N LEU A 131 -0.90 31.50 29.41
CA LEU A 131 -1.20 30.44 28.43
C LEU A 131 -2.09 29.36 29.05
N ILE A 132 -3.19 29.04 28.37
CA ILE A 132 -4.04 27.91 28.77
C ILE A 132 -3.94 26.78 27.75
N PHE A 133 -3.54 25.60 28.20
CA PHE A 133 -3.50 24.43 27.34
C PHE A 133 -4.54 23.40 27.78
N GLY A 134 -5.51 23.14 26.91
CA GLY A 134 -6.61 22.25 27.24
C GLY A 134 -7.79 23.00 27.84
N ILE A 135 -8.60 23.60 26.97
CA ILE A 135 -9.75 24.35 27.43
C ILE A 135 -10.92 23.43 27.78
N ASP A 136 -11.63 23.77 28.85
CA ASP A 136 -12.76 22.99 29.33
C ASP A 136 -13.57 23.80 30.36
N PRO A 137 -14.65 23.23 30.91
CA PRO A 137 -15.47 24.02 31.83
C PRO A 137 -14.65 24.66 32.95
N ILE A 138 -13.70 23.92 33.50
CA ILE A 138 -12.89 24.44 34.59
C ILE A 138 -12.07 25.67 34.16
N THR A 139 -11.28 25.51 33.11
CA THR A 139 -10.46 26.62 32.63
C THR A 139 -11.28 27.76 32.03
N ARG A 140 -12.47 27.43 31.53
CA ARG A 140 -13.37 28.43 30.98
C ARG A 140 -13.92 29.29 32.11
N THR A 141 -14.24 28.64 33.22
CA THR A 141 -14.72 29.32 34.42
C THR A 141 -13.59 30.13 35.06
N LEU A 142 -12.36 29.68 34.89
CA LEU A 142 -11.19 30.40 35.39
C LEU A 142 -11.05 31.74 34.67
N ILE A 143 -11.19 31.72 33.35
CA ILE A 143 -11.08 32.91 32.53
C ILE A 143 -12.12 33.96 32.89
N ARG A 144 -13.38 33.56 32.93
CA ARG A 144 -14.46 34.50 33.21
C ARG A 144 -14.45 34.97 34.65
N LYS A 145 -13.64 34.32 35.48
CA LYS A 145 -13.58 34.64 36.90
C LYS A 145 -12.56 35.73 37.19
N LEU A 146 -11.37 35.61 36.59
CA LEU A 146 -10.32 36.59 36.80
C LEU A 146 -10.35 37.70 35.75
N GLU A 147 -11.55 37.99 35.26
CA GLU A 147 -11.72 38.98 34.19
C GLU A 147 -11.53 40.41 34.71
N SER A 148 -11.86 40.63 35.98
CA SER A 148 -11.73 41.96 36.58
C SER A 148 -10.27 42.31 36.83
N ARG A 149 -9.44 41.29 36.96
CA ARG A 149 -8.00 41.50 37.10
C ARG A 149 -7.43 41.89 35.74
N ASN A 150 -8.23 41.69 34.70
CA ASN A 150 -7.86 42.03 33.33
C ASN A 150 -6.53 41.42 32.85
N HIS A 151 -6.38 40.11 33.06
CA HIS A 151 -5.25 39.39 32.50
C HIS A 151 -5.55 39.10 31.04
N LEU A 152 -4.50 38.98 30.23
CA LEU A 152 -4.67 38.49 28.87
C LEU A 152 -4.51 36.98 28.86
N PHE A 153 -5.62 36.26 28.79
CA PHE A 153 -5.59 34.81 28.68
C PHE A 153 -5.52 34.39 27.22
N VAL A 154 -4.62 33.46 26.92
CA VAL A 154 -4.53 32.88 25.59
C VAL A 154 -4.78 31.38 25.70
N VAL A 155 -5.82 30.89 25.02
CA VAL A 155 -6.07 29.46 24.98
C VAL A 155 -5.42 28.85 23.74
N VAL A 156 -4.73 27.73 23.93
CA VAL A 156 -4.06 27.07 22.82
C VAL A 156 -4.73 25.75 22.48
N THR A 157 -4.89 25.48 21.18
CA THR A 157 -5.52 24.25 20.74
C THR A 157 -5.00 23.81 19.39
N ASP A 158 -4.86 22.50 19.22
CA ASP A 158 -4.39 21.95 17.95
C ASP A 158 -5.58 21.49 17.10
N ASN A 159 -6.78 21.83 17.55
CA ASN A 159 -7.99 21.49 16.82
C ASN A 159 -8.57 22.70 16.10
N TYR A 160 -8.63 22.62 14.77
CA TYR A 160 -9.09 23.73 13.97
C TYR A 160 -10.52 24.15 14.31
N ASP A 161 -11.43 23.19 14.28
CA ASP A 161 -12.83 23.46 14.53
C ASP A 161 -13.06 24.08 15.91
N GLN A 162 -12.19 23.75 16.86
CA GLN A 162 -12.32 24.28 18.21
C GLN A 162 -11.81 25.72 18.28
N ALA A 163 -10.73 26.00 17.56
CA ALA A 163 -10.20 27.35 17.49
C ALA A 163 -11.23 28.27 16.86
N LEU A 164 -11.92 27.76 15.85
CA LEU A 164 -12.95 28.50 15.15
C LEU A 164 -14.08 28.91 16.10
N HIS A 165 -14.57 27.94 16.85
CA HIS A 165 -15.67 28.19 17.77
C HIS A 165 -15.26 29.10 18.93
N LEU A 166 -14.02 28.97 19.38
CA LEU A 166 -13.52 29.80 20.46
C LEU A 166 -13.25 31.23 20.00
N GLU A 167 -13.38 31.45 18.70
CA GLU A 167 -13.12 32.77 18.13
C GLU A 167 -14.36 33.67 18.21
N GLU A 168 -15.52 33.13 17.83
CA GLU A 168 -16.75 33.92 17.79
C GLU A 168 -17.05 34.58 19.13
N GLN A 169 -17.13 33.79 20.19
CA GLN A 169 -17.34 34.31 21.53
C GLN A 169 -16.00 34.30 22.27
N GLU A 170 -15.74 35.36 23.03
CA GLU A 170 -14.44 35.49 23.67
C GLU A 170 -14.36 36.46 24.86
N GLY A 171 -13.56 36.05 25.85
CA GLY A 171 -13.02 36.94 26.86
C GLY A 171 -11.55 36.58 26.93
N PHE A 172 -11.05 36.05 25.81
CA PHE A 172 -9.71 35.47 25.73
C PHE A 172 -9.30 35.25 24.28
N LYS A 173 -8.00 35.34 24.01
CA LYS A 173 -7.45 35.17 22.67
C LYS A 173 -7.22 33.69 22.38
N VAL A 174 -7.41 33.30 21.11
CA VAL A 174 -7.24 31.90 20.73
C VAL A 174 -6.10 31.70 19.74
N VAL A 175 -5.14 30.86 20.10
CA VAL A 175 -4.06 30.48 19.20
C VAL A 175 -4.23 29.03 18.75
N TYR A 176 -3.92 28.77 17.50
CA TYR A 176 -4.09 27.45 16.91
C TYR A 176 -2.74 26.86 16.53
N GLY A 177 -2.39 25.74 17.15
CA GLY A 177 -1.12 25.10 16.90
C GLY A 177 -0.86 23.95 17.85
N SER A 178 0.20 23.18 17.58
CA SER A 178 0.56 22.06 18.44
C SER A 178 1.20 22.57 19.73
N PRO A 179 0.58 22.24 20.88
CA PRO A 179 1.04 22.74 22.17
C PRO A 179 2.44 22.23 22.50
N THR A 180 2.79 21.07 21.95
CA THR A 180 4.05 20.43 22.27
C THR A 180 5.12 20.69 21.22
N ASP A 181 4.93 21.71 20.39
CA ASP A 181 5.93 22.05 19.38
C ASP A 181 6.70 23.30 19.81
N ALA A 182 8.02 23.17 19.92
CA ALA A 182 8.86 24.25 20.41
C ALA A 182 8.70 25.54 19.61
N HIS A 183 8.67 25.42 18.29
CA HIS A 183 8.49 26.60 17.43
C HIS A 183 7.16 27.29 17.71
N VAL A 184 6.13 26.51 18.01
CA VAL A 184 4.82 27.04 18.33
C VAL A 184 4.82 27.78 19.67
N LEU A 185 5.53 27.23 20.65
CA LEU A 185 5.64 27.85 21.96
C LEU A 185 6.45 29.15 21.93
N ALA A 186 7.41 29.22 21.01
CA ALA A 186 8.23 30.42 20.87
C ALA A 186 7.41 31.56 20.29
N GLY A 187 6.48 31.23 19.39
CA GLY A 187 5.60 32.22 18.80
C GLY A 187 4.53 32.63 19.79
N LEU A 188 4.38 31.84 20.85
CA LEU A 188 3.43 32.13 21.91
C LEU A 188 4.12 32.93 23.02
N ARG A 189 5.42 33.18 22.84
CA ARG A 189 6.19 33.99 23.78
C ARG A 189 6.16 33.44 25.20
N VAL A 190 6.30 32.12 25.33
CA VAL A 190 6.28 31.49 26.65
C VAL A 190 7.29 32.10 27.61
N ALA A 191 8.45 32.47 27.08
CA ALA A 191 9.52 33.04 27.91
C ALA A 191 9.08 34.32 28.62
N ALA A 192 8.09 35.01 28.07
CA ALA A 192 7.65 36.29 28.63
C ALA A 192 6.30 36.20 29.33
N ALA A 193 5.71 35.01 29.30
CA ALA A 193 4.38 34.81 29.87
C ALA A 193 4.40 34.87 31.40
N ARG A 194 3.26 35.19 31.98
CA ARG A 194 3.12 35.23 33.43
C ARG A 194 3.14 33.81 33.97
N SER A 195 2.22 32.99 33.48
CA SER A 195 2.10 31.62 33.95
C SER A 195 1.54 30.72 32.85
N ILE A 196 1.72 29.42 33.01
CA ILE A 196 1.20 28.44 32.06
C ILE A 196 0.34 27.41 32.79
N ILE A 197 -0.89 27.23 32.34
CA ILE A 197 -1.77 26.20 32.89
C ILE A 197 -1.85 24.98 31.97
N ALA A 198 -1.26 23.88 32.41
CA ALA A 198 -1.26 22.63 31.64
C ALA A 198 -2.43 21.73 32.03
N ASN A 199 -3.45 21.71 31.19
CA ASN A 199 -4.65 20.94 31.47
C ASN A 199 -4.94 19.90 30.38
N LEU A 200 -3.88 19.24 29.91
CA LEU A 200 -4.03 18.19 28.91
C LEU A 200 -3.94 16.83 29.59
N SER A 201 -3.85 15.77 28.79
CA SER A 201 -3.60 14.45 29.34
C SER A 201 -2.26 14.47 30.06
N ASP A 202 -2.03 13.51 30.94
CA ASP A 202 -0.79 13.49 31.70
C ASP A 202 0.45 13.32 30.82
N PRO A 203 0.40 12.38 29.85
CA PRO A 203 1.47 12.30 28.85
C PRO A 203 1.68 13.61 28.10
N ASP A 204 0.61 14.22 27.63
CA ASP A 204 0.72 15.51 26.94
C ASP A 204 1.32 16.58 27.87
N ASN A 205 0.83 16.63 29.11
CA ASN A 205 1.38 17.58 30.08
C ASN A 205 2.88 17.40 30.23
N ALA A 206 3.33 16.15 30.30
CA ALA A 206 4.74 15.85 30.47
C ALA A 206 5.52 16.35 29.27
N ASN A 207 4.98 16.09 28.08
CA ASN A 207 5.59 16.59 26.85
C ASN A 207 5.66 18.12 26.87
N LEU A 208 4.56 18.76 27.25
CA LEU A 208 4.49 20.21 27.32
C LEU A 208 5.51 20.80 28.29
N CYS A 209 5.60 20.22 29.48
CA CYS A 209 6.53 20.73 30.49
C CYS A 209 7.98 20.70 30.00
N LEU A 210 8.43 19.53 29.56
CA LEU A 210 9.80 19.37 29.10
C LEU A 210 10.13 20.32 27.96
N THR A 211 9.17 20.50 27.05
CA THR A 211 9.37 21.39 25.92
C THR A 211 9.49 22.83 26.39
N VAL A 212 8.58 23.25 27.25
CA VAL A 212 8.62 24.59 27.82
C VAL A 212 9.93 24.82 28.58
N ARG A 213 10.35 23.80 29.33
CA ARG A 213 11.55 23.93 30.14
C ARG A 213 12.83 24.05 29.32
N SER A 214 12.76 23.65 28.04
CA SER A 214 13.91 23.78 27.16
C SER A 214 13.99 25.20 26.59
N LEU A 215 12.94 25.99 26.80
CA LEU A 215 12.91 27.37 26.34
C LEU A 215 13.08 28.33 27.51
N CYS A 216 12.37 28.07 28.59
CA CYS A 216 12.30 29.01 29.70
C CYS A 216 11.96 28.32 31.00
N GLN A 217 11.80 29.12 32.05
CA GLN A 217 11.39 28.60 33.36
C GLN A 217 10.11 29.29 33.82
N THR A 218 9.26 29.63 32.86
CA THR A 218 7.93 30.15 33.16
C THR A 218 7.21 29.17 34.08
N PRO A 219 6.64 29.68 35.18
CA PRO A 219 5.93 28.81 36.12
C PRO A 219 4.77 28.04 35.46
N ILE A 220 4.67 26.77 35.78
CA ILE A 220 3.68 25.88 35.18
C ILE A 220 2.79 25.27 36.25
N ILE A 221 1.47 25.38 36.04
CA ILE A 221 0.51 24.73 36.91
C ILE A 221 -0.16 23.60 36.14
N ALA A 222 0.11 22.37 36.54
CA ALA A 222 -0.41 21.20 35.83
C ALA A 222 -1.58 20.56 36.55
N VAL A 223 -2.67 20.33 35.83
CA VAL A 223 -3.77 19.54 36.36
C VAL A 223 -3.53 18.07 36.02
N VAL A 224 -3.37 17.24 37.04
CA VAL A 224 -3.05 15.84 36.82
C VAL A 224 -4.22 14.92 37.11
N LYS A 225 -4.41 13.92 36.25
CA LYS A 225 -5.55 13.02 36.33
C LYS A 225 -5.32 11.90 37.35
N GLU A 226 -4.14 11.29 37.30
CA GLU A 226 -3.80 10.22 38.21
C GLU A 226 -2.76 10.69 39.23
N PRO A 227 -3.17 10.81 40.49
CA PRO A 227 -2.33 11.30 41.59
C PRO A 227 -0.91 10.72 41.59
N VAL A 228 -0.75 9.50 41.11
CA VAL A 228 0.58 8.88 41.03
C VAL A 228 1.47 9.65 40.05
N HIS A 229 0.85 10.30 39.07
CA HIS A 229 1.55 11.01 38.03
C HIS A 229 2.04 12.39 38.46
N GLY A 230 1.59 12.83 39.63
CA GLY A 230 1.99 14.11 40.17
C GLY A 230 3.51 14.25 40.28
N GLU A 231 4.15 13.21 40.80
CA GLU A 231 5.61 13.21 40.96
C GLU A 231 6.33 13.37 39.63
N LEU A 232 5.86 12.67 38.62
CA LEU A 232 6.48 12.71 37.29
C LEU A 232 6.34 14.09 36.65
N LEU A 233 5.15 14.68 36.74
CA LEU A 233 4.93 16.02 36.21
C LEU A 233 5.89 17.03 36.86
N ARG A 234 6.08 16.90 38.17
CA ARG A 234 7.07 17.72 38.85
C ARG A 234 8.41 17.53 38.18
N LEU A 235 8.79 16.27 37.97
CA LEU A 235 10.06 15.92 37.39
C LEU A 235 10.23 16.54 36.00
N ALA A 236 9.14 16.59 35.25
CA ALA A 236 9.15 17.18 33.92
C ALA A 236 9.42 18.69 33.99
N GLY A 237 8.96 19.32 35.06
CA GLY A 237 9.23 20.72 35.30
C GLY A 237 8.06 21.56 35.77
N ALA A 238 7.01 20.93 36.27
CA ALA A 238 5.86 21.66 36.77
C ALA A 238 6.12 22.25 38.15
N ASN A 239 5.74 23.51 38.33
CA ASN A 239 5.88 24.20 39.60
C ASN A 239 4.88 23.70 40.62
N GLN A 240 3.65 23.49 40.17
CA GLN A 240 2.59 22.99 41.05
C GLN A 240 1.72 21.96 40.34
N VAL A 241 1.34 20.94 41.10
CA VAL A 241 0.53 19.86 40.57
C VAL A 241 -0.79 19.80 41.32
N VAL A 242 -1.88 19.95 40.57
CA VAL A 242 -3.21 19.94 41.16
C VAL A 242 -4.00 18.70 40.73
N PRO A 243 -4.20 17.76 41.66
CA PRO A 243 -4.96 16.54 41.38
C PRO A 243 -6.46 16.77 41.60
N LEU A 244 -7.14 17.36 40.61
CA LEU A 244 -8.54 17.72 40.78
C LEU A 244 -9.49 16.55 40.99
N THR A 245 -9.29 15.46 40.24
CA THR A 245 -10.19 14.33 40.33
C THR A 245 -10.15 13.68 41.72
N ARG A 246 -8.97 13.65 42.32
CA ARG A 246 -8.86 13.16 43.69
C ARG A 246 -9.60 14.10 44.64
N ILE A 247 -9.35 15.40 44.51
CA ILE A 247 -9.98 16.41 45.35
C ILE A 247 -11.50 16.42 45.21
N LEU A 248 -11.98 16.38 43.98
CA LEU A 248 -13.42 16.37 43.72
C LEU A 248 -14.09 15.10 44.25
N GLY A 249 -13.41 13.98 44.10
CA GLY A 249 -13.91 12.72 44.63
C GLY A 249 -14.03 12.77 46.13
N ARG A 250 -13.03 13.36 46.77
CA ARG A 250 -13.03 13.51 48.23
C ARG A 250 -14.17 14.41 48.68
N TYR A 251 -14.45 15.47 47.91
CA TYR A 251 -15.55 16.36 48.25
C TYR A 251 -16.87 15.61 48.22
N LEU A 252 -17.02 14.72 47.25
CA LEU A 252 -18.22 13.91 47.14
C LEU A 252 -18.37 12.96 48.34
N GLY A 253 -17.31 12.21 48.62
CA GLY A 253 -17.32 11.26 49.72
C GLY A 253 -17.55 11.93 51.06
N ILE A 254 -16.95 13.10 51.24
CA ILE A 254 -17.12 13.86 52.48
C ILE A 254 -18.57 14.29 52.66
N ARG A 255 -19.20 14.79 51.59
CA ARG A 255 -20.57 15.27 51.65
C ARG A 255 -21.60 14.14 51.81
N ALA A 256 -21.24 12.93 51.39
CA ALA A 256 -22.17 11.81 51.42
C ALA A 256 -22.22 11.13 52.79
N THR A 257 -21.27 11.48 53.65
CA THR A 257 -21.23 10.94 55.01
C THR A 257 -21.39 12.03 56.06
N THR A 258 -20.53 13.05 55.99
CA THR A 258 -20.61 14.20 56.90
C THR A 258 -20.35 15.51 56.16
N GLU A 347 -24.60 0.35 62.63
CA GLU A 347 -24.05 0.88 61.38
C GLU A 347 -25.10 0.83 60.27
N ASP A 348 -24.96 -0.18 59.40
CA ASP A 348 -25.90 -0.38 58.30
C ASP A 348 -25.92 0.78 57.31
N GLU A 349 -24.80 1.50 57.21
CA GLU A 349 -24.68 2.60 56.27
C GLU A 349 -24.15 2.07 54.93
N LEU A 350 -24.81 2.45 53.84
CA LEU A 350 -24.51 1.89 52.52
C LEU A 350 -24.67 2.96 51.44
N ILE A 351 -23.61 3.20 50.68
CA ILE A 351 -23.58 4.30 49.71
C ILE A 351 -23.48 3.85 48.25
N PHE A 352 -24.44 4.25 47.44
CA PHE A 352 -24.42 3.97 46.00
C PHE A 352 -23.67 5.06 45.26
N ILE A 353 -22.61 4.69 44.55
CA ILE A 353 -21.89 5.63 43.70
C ILE A 353 -22.16 5.34 42.24
N ILE A 354 -22.99 6.17 41.62
CA ILE A 354 -23.33 6.00 40.21
C ILE A 354 -22.31 6.70 39.32
N GLY A 355 -21.49 5.91 38.63
CA GLY A 355 -20.44 6.45 37.79
C GLY A 355 -19.07 6.07 38.31
N HIS A 356 -18.34 5.28 37.54
CA HIS A 356 -17.01 4.84 37.96
C HIS A 356 -15.90 5.47 37.11
N GLY A 357 -16.09 6.72 36.71
CA GLY A 357 -15.03 7.48 36.08
C GLY A 357 -13.96 7.78 37.12
N ARG A 358 -12.97 8.60 36.75
CA ARG A 358 -11.88 8.88 37.68
C ARG A 358 -12.38 9.48 38.99
N ILE A 359 -13.29 10.44 38.88
CA ILE A 359 -13.84 11.11 40.06
C ILE A 359 -14.62 10.14 40.94
N GLY A 360 -15.62 9.47 40.35
CA GLY A 360 -16.36 8.45 41.07
C GLY A 360 -15.44 7.44 41.71
N CYS A 361 -14.38 7.08 40.99
CA CYS A 361 -13.38 6.15 41.48
C CYS A 361 -12.65 6.72 42.69
N ALA A 362 -12.34 8.01 42.65
CA ALA A 362 -11.68 8.67 43.75
C ALA A 362 -12.57 8.72 45.00
N ALA A 363 -13.87 8.92 44.79
CA ALA A 363 -14.81 8.94 45.91
C ALA A 363 -14.86 7.58 46.58
N ALA A 364 -14.84 6.52 45.77
CA ALA A 364 -14.82 5.16 46.30
C ALA A 364 -13.55 4.95 47.12
N ALA A 365 -12.41 5.29 46.53
CA ALA A 365 -11.13 5.18 47.22
C ALA A 365 -11.16 5.89 48.57
N PHE A 366 -11.82 7.04 48.60
CA PHE A 366 -11.95 7.83 49.82
C PHE A 366 -12.78 7.11 50.88
N LEU A 367 -13.88 6.49 50.46
CA LEU A 367 -14.79 5.82 51.38
C LEU A 367 -14.18 4.57 51.99
N ASP A 368 -13.19 3.99 51.33
CA ASP A 368 -12.47 2.84 51.86
C ASP A 368 -11.73 3.22 53.15
N ARG A 369 -11.15 4.41 53.17
CA ARG A 369 -10.34 4.86 54.29
C ARG A 369 -11.17 5.00 55.57
N LYS A 370 -12.47 5.21 55.42
CA LYS A 370 -13.33 5.48 56.57
C LYS A 370 -13.32 4.36 57.62
N PRO A 371 -13.76 3.14 57.24
CA PRO A 371 -14.34 2.73 55.95
C PRO A 371 -15.86 2.79 55.98
N VAL A 372 -16.46 2.99 54.81
CA VAL A 372 -17.91 2.97 54.67
C VAL A 372 -18.28 2.10 53.49
N PRO A 373 -19.13 1.09 53.71
CA PRO A 373 -19.53 0.19 52.62
C PRO A 373 -20.24 0.95 51.50
N PHE A 374 -19.91 0.61 50.26
CA PHE A 374 -20.46 1.31 49.10
C PHE A 374 -20.56 0.38 47.89
N ILE A 375 -21.35 0.79 46.91
CA ILE A 375 -21.50 0.03 45.66
C ILE A 375 -21.30 0.92 44.44
N LEU A 376 -20.32 0.57 43.61
CA LEU A 376 -20.08 1.29 42.37
C LEU A 376 -20.99 0.76 41.28
N ILE A 377 -21.57 1.68 40.50
CA ILE A 377 -22.43 1.28 39.39
C ILE A 377 -22.08 2.02 38.12
N ASP A 378 -21.73 1.28 37.08
CA ASP A 378 -21.40 1.87 35.79
C ASP A 378 -21.94 0.98 34.68
N ARG A 379 -21.85 1.45 33.45
CA ARG A 379 -22.35 0.69 32.31
C ARG A 379 -21.20 0.06 31.54
N GLN A 380 -19.97 0.40 31.95
CA GLN A 380 -18.77 -0.10 31.29
C GLN A 380 -17.74 -0.51 32.32
N GLU A 381 -16.64 -1.10 31.84
CA GLU A 381 -15.52 -1.42 32.71
C GLU A 381 -14.53 -0.26 32.69
N SER A 382 -13.79 -0.09 33.79
CA SER A 382 -12.84 1.00 33.89
C SER A 382 -11.54 0.67 33.18
N PRO A 383 -11.17 1.50 32.19
CA PRO A 383 -9.93 1.33 31.41
C PRO A 383 -8.68 1.65 32.21
N VAL A 384 -8.84 2.33 33.33
CA VAL A 384 -7.69 2.73 34.15
C VAL A 384 -7.73 2.12 35.54
N CYS A 385 -8.87 1.56 35.92
CA CYS A 385 -9.03 1.00 37.26
C CYS A 385 -9.35 -0.49 37.26
N ASN A 386 -8.76 -1.20 38.22
CA ASN A 386 -9.01 -2.64 38.38
C ASN A 386 -8.96 -3.06 39.84
N ASP A 387 -9.02 -2.07 40.74
CA ASP A 387 -8.95 -2.34 42.18
C ASP A 387 -10.31 -2.24 42.85
N HIS A 388 -11.33 -1.93 42.06
CA HIS A 388 -12.69 -1.81 42.58
C HIS A 388 -13.65 -2.78 41.89
N VAL A 389 -14.61 -3.31 42.65
CA VAL A 389 -15.66 -4.12 42.07
C VAL A 389 -16.79 -3.22 41.59
N VAL A 390 -17.22 -3.42 40.35
CA VAL A 390 -18.26 -2.57 39.76
C VAL A 390 -19.47 -3.38 39.31
N VAL A 391 -20.64 -3.00 39.80
CA VAL A 391 -21.88 -3.61 39.35
C VAL A 391 -22.24 -3.03 37.97
N TYR A 392 -21.94 -3.79 36.93
CA TYR A 392 -22.13 -3.32 35.56
C TYR A 392 -23.59 -3.35 35.14
N GLY A 393 -23.91 -2.65 34.06
CA GLY A 393 -25.28 -2.54 33.59
C GLY A 393 -25.79 -1.12 33.72
N ASP A 394 -26.22 -0.54 32.60
CA ASP A 394 -26.70 0.84 32.58
C ASP A 394 -27.77 1.10 33.64
N ALA A 395 -27.77 2.32 34.20
CA ALA A 395 -28.69 2.66 35.27
C ALA A 395 -29.86 3.52 34.82
N THR A 396 -29.72 4.16 33.67
CA THR A 396 -30.76 5.06 33.15
C THR A 396 -32.02 4.28 32.72
N VAL A 397 -31.85 3.00 32.42
CA VAL A 397 -32.95 2.17 31.93
C VAL A 397 -34.17 2.20 32.86
N GLY A 398 -33.97 1.90 34.13
CA GLY A 398 -35.05 1.99 35.10
C GLY A 398 -34.81 1.26 36.41
N GLN A 399 -34.85 -0.07 36.35
CA GLN A 399 -34.85 -0.89 37.57
C GLN A 399 -33.45 -1.38 37.96
N THR A 400 -32.43 -0.89 37.28
CA THR A 400 -31.05 -1.27 37.58
C THR A 400 -30.67 -0.83 38.99
N LEU A 401 -31.28 0.25 39.45
CA LEU A 401 -31.07 0.72 40.82
C LEU A 401 -31.92 -0.07 41.80
N ARG A 402 -33.16 -0.37 41.38
CA ARG A 402 -34.06 -1.18 42.19
C ARG A 402 -33.46 -2.56 42.43
N GLN A 403 -32.95 -3.17 41.37
CA GLN A 403 -32.25 -4.45 41.47
C GLN A 403 -31.17 -4.38 42.55
N ALA A 404 -30.22 -3.47 42.36
CA ALA A 404 -29.11 -3.29 43.29
C ALA A 404 -29.59 -3.04 44.72
N GLY A 405 -30.76 -2.43 44.84
CA GLY A 405 -31.35 -2.18 46.14
C GLY A 405 -31.18 -0.74 46.62
N ILE A 406 -31.69 0.20 45.84
CA ILE A 406 -31.61 1.62 46.20
C ILE A 406 -32.49 1.88 47.43
N ASP A 407 -33.02 0.81 48.00
CA ASP A 407 -33.97 0.90 49.09
C ASP A 407 -33.28 0.97 50.46
N ARG A 408 -32.33 0.06 50.69
CA ARG A 408 -31.65 -0.02 51.98
C ARG A 408 -30.40 0.85 52.05
N ALA A 409 -30.16 1.62 50.98
CA ALA A 409 -29.00 2.52 50.93
C ALA A 409 -29.24 3.73 51.82
N SER A 410 -28.14 4.32 52.29
CA SER A 410 -28.24 5.51 53.14
C SER A 410 -27.76 6.77 52.42
N GLY A 411 -27.08 6.58 51.30
CA GLY A 411 -26.58 7.69 50.51
C GLY A 411 -26.41 7.35 49.04
N ILE A 412 -26.52 8.37 48.19
CA ILE A 412 -26.29 8.23 46.76
C ILE A 412 -25.38 9.33 46.24
N ILE A 413 -24.34 8.95 45.51
CA ILE A 413 -23.47 9.92 44.84
C ILE A 413 -23.66 9.79 43.33
N VAL A 414 -24.05 10.88 42.68
CA VAL A 414 -24.25 10.88 41.24
C VAL A 414 -23.04 11.52 40.57
N THR A 415 -22.27 10.73 39.82
CA THR A 415 -20.98 11.20 39.31
C THR A 415 -20.71 10.88 37.85
N THR A 416 -21.75 10.86 37.02
CA THR A 416 -21.57 10.73 35.59
C THR A 416 -20.86 11.97 35.07
N ASN A 417 -20.17 11.83 33.93
CA ASN A 417 -19.50 12.97 33.31
C ASN A 417 -20.45 13.78 32.43
N ASP A 418 -21.74 13.50 32.53
CA ASP A 418 -22.76 14.23 31.79
C ASP A 418 -23.79 14.85 32.74
N ASP A 419 -23.86 16.18 32.76
CA ASP A 419 -24.72 16.89 33.69
C ASP A 419 -26.21 16.56 33.58
N SER A 420 -26.73 16.45 32.36
CA SER A 420 -28.14 16.12 32.17
C SER A 420 -28.43 14.72 32.70
N THR A 421 -27.51 13.80 32.50
CA THR A 421 -27.69 12.44 32.99
C THR A 421 -27.70 12.48 34.52
N ASN A 422 -26.83 13.29 35.09
CA ASN A 422 -26.80 13.50 36.53
C ASN A 422 -28.11 14.08 37.05
N ILE A 423 -28.64 15.06 36.34
CA ILE A 423 -29.91 15.68 36.72
C ILE A 423 -31.04 14.65 36.67
N PHE A 424 -31.06 13.86 35.61
CA PHE A 424 -32.09 12.83 35.46
C PHE A 424 -32.02 11.80 36.59
N LEU A 425 -30.81 11.32 36.90
CA LEU A 425 -30.63 10.33 37.95
C LEU A 425 -31.05 10.90 39.31
N THR A 426 -30.72 12.16 39.55
CA THR A 426 -31.14 12.83 40.78
C THR A 426 -32.67 12.89 40.89
N LEU A 427 -33.34 13.27 39.81
CA LEU A 427 -34.80 13.24 39.76
C LEU A 427 -35.35 11.87 40.10
N ALA A 428 -34.88 10.85 39.38
CA ALA A 428 -35.35 9.49 39.56
C ALA A 428 -35.14 9.02 41.01
N CYS A 429 -33.97 9.31 41.55
CA CYS A 429 -33.67 8.93 42.92
C CYS A 429 -34.59 9.62 43.92
N ARG A 430 -34.65 10.94 43.85
CA ARG A 430 -35.50 11.71 44.76
C ARG A 430 -36.95 11.26 44.62
N HIS A 431 -37.29 10.74 43.45
CA HIS A 431 -38.65 10.28 43.20
C HIS A 431 -38.90 8.93 43.90
N LEU A 432 -37.92 8.04 43.84
CA LEU A 432 -38.03 6.73 44.44
C LEU A 432 -37.89 6.78 45.97
N HIS A 433 -37.11 7.73 46.46
CA HIS A 433 -36.87 7.87 47.89
C HIS A 433 -36.80 9.36 48.26
N SER A 434 -37.79 9.82 49.00
CA SER A 434 -37.94 11.25 49.26
C SER A 434 -36.92 11.87 50.22
N HIS A 435 -36.10 11.04 50.86
CA HIS A 435 -35.23 11.56 51.92
C HIS A 435 -33.79 11.07 51.92
N ILE A 436 -33.48 10.05 51.14
CA ILE A 436 -32.12 9.54 51.10
C ILE A 436 -31.16 10.65 50.65
N ARG A 437 -30.03 10.75 51.35
CA ARG A 437 -29.06 11.80 51.05
C ARG A 437 -28.52 11.64 49.63
N ILE A 438 -28.63 12.70 48.83
CA ILE A 438 -28.12 12.68 47.46
C ILE A 438 -27.07 13.76 47.21
N VAL A 439 -25.88 13.33 46.83
CA VAL A 439 -24.80 14.25 46.48
C VAL A 439 -24.51 14.14 44.98
N ALA A 440 -24.76 15.22 44.25
CA ALA A 440 -24.58 15.21 42.79
C ALA A 440 -23.38 16.02 42.32
N ARG A 441 -22.75 15.53 41.26
CA ARG A 441 -21.60 16.22 40.66
C ARG A 441 -22.06 17.06 39.49
N ALA A 442 -21.60 18.31 39.45
CA ALA A 442 -21.89 19.22 38.35
C ALA A 442 -20.63 19.51 37.54
N ASN A 443 -20.61 19.06 36.29
CA ASN A 443 -19.47 19.26 35.42
C ASN A 443 -19.33 20.72 34.97
N GLY A 444 -20.47 21.41 34.86
CA GLY A 444 -20.49 22.82 34.53
C GLY A 444 -21.38 23.59 35.48
N GLU A 445 -20.97 24.82 35.79
CA GLU A 445 -21.69 25.64 36.78
C GLU A 445 -23.09 26.04 36.30
N GLU A 446 -23.37 25.83 35.03
CA GLU A 446 -24.68 26.16 34.49
C GLU A 446 -25.73 25.09 34.80
N ASN A 447 -25.31 24.00 35.44
CA ASN A 447 -26.24 22.96 35.83
C ASN A 447 -26.40 22.82 37.34
N VAL A 448 -25.59 23.54 38.10
CA VAL A 448 -25.64 23.48 39.55
C VAL A 448 -27.05 23.68 40.12
N ASP A 449 -27.77 24.67 39.60
CA ASP A 449 -29.10 24.99 40.13
C ASP A 449 -30.17 23.95 39.82
N GLN A 450 -30.03 23.26 38.69
CA GLN A 450 -31.01 22.26 38.30
C GLN A 450 -30.83 20.94 39.05
N LEU A 451 -29.61 20.69 39.53
CA LEU A 451 -29.33 19.55 40.39
C LEU A 451 -30.01 19.73 41.75
N TYR A 452 -29.91 20.93 42.31
CA TYR A 452 -30.62 21.26 43.56
C TYR A 452 -32.12 21.22 43.35
N ALA A 453 -32.57 21.68 42.20
CA ALA A 453 -33.99 21.65 41.88
C ALA A 453 -34.47 20.22 41.68
N ALA A 454 -33.57 19.35 41.25
CA ALA A 454 -33.89 17.95 41.00
C ALA A 454 -34.04 17.17 42.30
N GLY A 455 -33.48 17.69 43.39
CA GLY A 455 -33.62 17.07 44.69
C GLY A 455 -32.32 16.73 45.40
N ALA A 456 -31.21 17.20 44.86
CA ALA A 456 -29.91 16.96 45.50
C ALA A 456 -29.81 17.68 46.83
N ASP A 457 -29.11 17.07 47.78
CA ASP A 457 -28.90 17.67 49.10
C ASP A 457 -27.64 18.53 49.11
N PHE A 458 -26.67 18.15 48.28
CA PHE A 458 -25.48 18.96 48.10
C PHE A 458 -24.90 18.74 46.70
N VAL A 459 -24.33 19.80 46.14
CA VAL A 459 -23.79 19.74 44.80
C VAL A 459 -22.33 20.18 44.76
N VAL A 460 -21.46 19.31 44.27
CA VAL A 460 -20.06 19.67 44.07
C VAL A 460 -19.89 20.15 42.63
N SER A 461 -19.45 21.41 42.48
CA SER A 461 -19.28 22.00 41.16
C SER A 461 -17.83 21.90 40.68
N ASN A 462 -17.57 20.99 39.74
CA ASN A 462 -16.23 20.80 39.19
C ASN A 462 -15.57 22.11 38.77
N ALA A 463 -16.30 22.92 38.00
CA ALA A 463 -15.76 24.15 37.45
C ALA A 463 -15.46 25.19 38.53
N SER A 464 -16.31 25.25 39.56
CA SER A 464 -16.13 26.22 40.63
C SER A 464 -14.93 25.86 41.50
N VAL A 465 -14.89 24.61 41.96
CA VAL A 465 -13.78 24.13 42.77
C VAL A 465 -12.48 24.20 41.97
N GLY A 466 -12.57 23.83 40.69
CA GLY A 466 -11.43 23.91 39.80
C GLY A 466 -10.92 25.32 39.63
N ALA A 467 -11.79 26.22 39.17
CA ALA A 467 -11.41 27.62 38.94
C ALA A 467 -10.86 28.28 40.20
N ASN A 468 -11.44 27.96 41.35
CA ASN A 468 -11.00 28.53 42.62
C ASN A 468 -9.58 28.11 42.98
N ILE A 469 -9.32 26.82 42.94
CA ILE A 469 -8.01 26.28 43.24
C ILE A 469 -6.95 26.88 42.32
N LEU A 470 -7.19 26.81 41.01
CA LEU A 470 -6.25 27.34 40.03
C LEU A 470 -6.11 28.85 40.18
N GLY A 471 -7.21 29.51 40.52
CA GLY A 471 -7.22 30.94 40.72
C GLY A 471 -6.33 31.39 41.87
N ASN A 472 -6.52 30.79 43.04
CA ASN A 472 -5.72 31.12 44.20
C ASN A 472 -4.28 30.68 44.03
N LEU A 473 -4.05 29.88 43.00
CA LEU A 473 -2.72 29.38 42.69
C LEU A 473 -2.01 30.35 41.76
N LEU A 474 -2.80 31.17 41.05
CA LEU A 474 -2.26 32.19 40.16
C LEU A 474 -2.08 33.51 40.91
N GLU A 475 -3.00 33.80 41.82
CA GLU A 475 -2.93 35.04 42.60
C GLU A 475 -1.76 34.99 43.59
N HIS A 476 -1.77 33.98 44.46
CA HIS A 476 -0.69 33.82 45.43
C HIS A 476 0.59 33.38 44.75
N LYS A 477 0.46 32.84 43.54
CA LYS A 477 1.59 32.46 42.70
C LYS A 477 2.81 32.00 43.48
N GLN B 15 -31.95 50.05 9.36
CA GLN B 15 -30.74 50.66 9.91
C GLN B 15 -29.92 51.33 8.83
N ASN B 16 -29.58 50.58 7.79
CA ASN B 16 -28.75 51.08 6.71
C ASN B 16 -29.42 52.16 5.87
N LEU B 17 -30.69 51.96 5.54
CA LEU B 17 -31.43 52.94 4.74
C LEU B 17 -31.41 54.31 5.38
N LYS B 18 -31.71 54.38 6.67
CA LYS B 18 -31.69 55.65 7.39
C LYS B 18 -30.36 56.37 7.19
N VAL B 19 -29.27 55.66 7.45
CA VAL B 19 -27.94 56.20 7.25
C VAL B 19 -27.75 56.70 5.81
N LEU B 20 -28.32 55.97 4.87
CA LEU B 20 -28.20 56.32 3.45
C LEU B 20 -28.83 57.68 3.14
N LEU B 21 -30.14 57.79 3.32
CA LEU B 21 -30.81 59.04 2.99
C LEU B 21 -30.64 60.09 4.09
N LEU B 22 -29.87 59.75 5.12
CA LEU B 22 -29.38 60.74 6.07
C LEU B 22 -28.19 61.43 5.43
N TYR B 23 -27.43 60.65 4.67
CA TYR B 23 -26.31 61.17 3.89
C TYR B 23 -26.84 62.07 2.79
N CYS B 24 -27.93 61.63 2.15
CA CYS B 24 -28.58 62.42 1.11
C CYS B 24 -29.01 63.78 1.64
N ALA B 25 -29.43 63.82 2.89
CA ALA B 25 -29.83 65.07 3.53
C ALA B 25 -28.62 65.98 3.72
N PHE B 26 -27.51 65.40 4.18
CA PHE B 26 -26.28 66.15 4.39
C PHE B 26 -25.73 66.68 3.07
N LEU B 27 -25.97 65.94 2.00
CA LEU B 27 -25.58 66.36 0.67
C LEU B 27 -26.40 67.58 0.26
N LEU B 28 -27.69 67.55 0.54
CA LEU B 28 -28.58 68.65 0.20
C LEU B 28 -28.19 69.91 0.95
N VAL B 29 -27.92 69.77 2.24
CA VAL B 29 -27.53 70.90 3.07
C VAL B 29 -26.24 71.51 2.54
N MET B 30 -25.32 70.64 2.13
CA MET B 30 -24.05 71.08 1.57
C MET B 30 -24.33 71.89 0.30
N LEU B 31 -25.26 71.39 -0.52
CA LEU B 31 -25.65 72.06 -1.75
C LEU B 31 -26.15 73.48 -1.48
N LEU B 32 -27.18 73.59 -0.64
CA LEU B 32 -27.77 74.87 -0.31
C LEU B 32 -26.74 75.81 0.31
N ALA B 33 -25.90 75.28 1.17
CA ALA B 33 -24.86 76.08 1.83
C ALA B 33 -23.87 76.65 0.83
N TYR B 34 -23.25 75.78 0.04
CA TYR B 34 -22.29 76.21 -0.98
C TYR B 34 -22.92 77.20 -1.95
N ALA B 35 -24.19 76.96 -2.29
CA ALA B 35 -24.91 77.83 -3.20
C ALA B 35 -25.07 79.22 -2.58
N SER B 36 -25.45 79.24 -1.30
CA SER B 36 -25.65 80.49 -0.58
C SER B 36 -24.33 81.26 -0.45
N ILE B 37 -23.26 80.55 -0.10
CA ILE B 37 -21.96 81.17 0.04
C ILE B 37 -21.49 81.69 -1.33
N PHE B 38 -21.78 80.94 -2.38
CA PHE B 38 -21.42 81.34 -3.74
C PHE B 38 -21.96 82.74 -4.08
N ARG B 39 -23.26 82.92 -3.89
CA ARG B 39 -23.89 84.20 -4.15
C ARG B 39 -23.28 85.30 -3.30
N TYR B 40 -22.92 84.94 -2.07
CA TYR B 40 -22.33 85.89 -1.14
C TYR B 40 -20.97 86.37 -1.62
N LEU B 41 -20.12 85.42 -2.01
CA LEU B 41 -18.77 85.74 -2.46
C LEU B 41 -18.78 86.50 -3.77
N MET B 42 -19.60 86.05 -4.71
CA MET B 42 -19.71 86.72 -6.00
C MET B 42 -20.09 88.19 -5.83
N TRP B 43 -20.81 88.49 -4.76
CA TRP B 43 -21.22 89.87 -4.49
C TRP B 43 -20.14 90.67 -3.78
N HIS B 44 -19.77 90.23 -2.58
CA HIS B 44 -18.83 90.98 -1.75
C HIS B 44 -17.39 90.90 -2.23
N LEU B 45 -17.13 90.10 -3.26
CA LEU B 45 -15.77 89.93 -3.77
C LEU B 45 -15.59 90.42 -5.20
N GLU B 46 -16.66 90.39 -5.97
CA GLU B 46 -16.57 90.75 -7.38
C GLU B 46 -17.76 91.58 -7.87
N GLY B 47 -18.63 91.97 -6.95
CA GLY B 47 -19.76 92.81 -7.29
C GLY B 47 -20.62 92.23 -8.41
N ARG B 48 -20.82 90.92 -8.35
CA ARG B 48 -21.69 90.25 -9.30
C ARG B 48 -22.88 89.64 -8.57
N ALA B 49 -24.05 89.69 -9.18
CA ALA B 49 -25.27 89.24 -8.53
C ALA B 49 -25.92 88.09 -9.28
N TYR B 50 -25.96 86.92 -8.63
CA TYR B 50 -26.60 85.75 -9.22
C TYR B 50 -27.83 85.34 -8.42
N SER B 51 -28.82 84.79 -9.13
CA SER B 51 -30.04 84.31 -8.49
C SER B 51 -29.78 83.04 -7.67
N PHE B 52 -30.74 82.69 -6.82
CA PHE B 52 -30.68 81.44 -6.08
C PHE B 52 -30.50 80.25 -7.01
N MET B 53 -31.25 80.24 -8.11
CA MET B 53 -31.18 79.13 -9.05
C MET B 53 -29.79 79.01 -9.66
N ALA B 54 -29.20 80.15 -10.01
CA ALA B 54 -27.86 80.16 -10.56
C ALA B 54 -26.88 79.57 -9.54
N GLY B 55 -27.10 79.88 -8.28
CA GLY B 55 -26.29 79.33 -7.20
C GLY B 55 -26.34 77.81 -7.17
N ILE B 56 -27.55 77.26 -7.12
CA ILE B 56 -27.73 75.82 -7.16
C ILE B 56 -27.07 75.26 -8.41
N TYR B 57 -27.41 75.85 -9.56
CA TYR B 57 -26.89 75.44 -10.85
C TYR B 57 -25.36 75.37 -10.88
N TRP B 58 -24.71 76.45 -10.43
CA TRP B 58 -23.25 76.47 -10.34
C TRP B 58 -22.73 75.37 -9.41
N THR B 59 -23.27 75.31 -8.20
CA THR B 59 -22.81 74.35 -7.20
C THR B 59 -22.91 72.90 -7.69
N ILE B 60 -24.06 72.55 -8.23
CA ILE B 60 -24.25 71.23 -8.84
C ILE B 60 -23.23 71.02 -9.96
N THR B 61 -23.02 72.07 -10.76
CA THR B 61 -22.09 72.02 -11.88
C THR B 61 -20.65 71.71 -11.44
N VAL B 62 -20.28 72.13 -10.25
CA VAL B 62 -18.94 71.93 -9.74
C VAL B 62 -18.80 70.61 -8.97
N MET B 63 -19.66 70.42 -7.96
CA MET B 63 -19.62 69.21 -7.14
C MET B 63 -19.70 67.99 -8.03
N THR B 64 -20.49 68.09 -9.09
CA THR B 64 -20.74 66.99 -10.00
C THR B 64 -19.63 66.90 -11.05
N THR B 65 -18.71 67.86 -11.02
CA THR B 65 -17.57 67.93 -11.95
C THR B 65 -17.92 68.15 -13.40
N LEU B 66 -19.04 68.77 -13.71
CA LEU B 66 -19.42 69.01 -15.08
C LEU B 66 -18.52 70.13 -15.51
N GLY B 67 -18.61 71.22 -14.81
CA GLY B 67 -17.77 72.39 -15.05
C GLY B 67 -17.92 73.11 -16.37
N PHE B 68 -19.10 73.63 -16.64
CA PHE B 68 -19.36 74.37 -17.83
C PHE B 68 -18.37 75.50 -18.03
N GLY B 69 -18.12 76.28 -17.00
CA GLY B 69 -17.20 77.36 -17.11
C GLY B 69 -17.82 78.67 -17.49
N ASP B 70 -19.14 78.70 -17.68
CA ASP B 70 -19.83 79.93 -18.04
C ASP B 70 -19.89 80.88 -16.84
N ILE B 71 -19.78 80.32 -15.64
CA ILE B 71 -19.73 81.11 -14.43
C ILE B 71 -18.51 80.72 -13.60
N THR B 72 -17.50 81.59 -13.60
CA THR B 72 -16.28 81.36 -12.85
C THR B 72 -15.89 82.62 -12.08
N PHE B 73 -15.08 82.44 -11.04
CA PHE B 73 -14.55 83.59 -10.29
C PHE B 73 -13.33 84.18 -10.98
N GLU B 74 -12.87 85.32 -10.50
CA GLU B 74 -11.66 85.94 -11.02
C GLU B 74 -10.68 86.35 -9.92
N SER B 75 -11.13 86.28 -8.67
CA SER B 75 -10.28 86.63 -7.53
C SER B 75 -9.71 85.37 -6.88
N ASP B 76 -8.56 85.52 -6.23
CA ASP B 76 -7.93 84.39 -5.55
C ASP B 76 -8.85 83.76 -4.52
N ALA B 77 -9.61 84.60 -3.81
CA ALA B 77 -10.54 84.11 -2.80
C ALA B 77 -11.64 83.29 -3.45
N GLY B 78 -12.06 83.71 -4.64
CA GLY B 78 -13.03 82.96 -5.42
C GLY B 78 -12.45 81.64 -5.88
N TYR B 79 -11.18 81.66 -6.28
CA TYR B 79 -10.49 80.45 -6.69
C TYR B 79 -10.40 79.47 -5.51
N LEU B 80 -10.07 80.01 -4.34
CA LEU B 80 -9.95 79.19 -3.14
C LEU B 80 -11.28 78.50 -2.82
N PHE B 81 -12.38 79.22 -3.01
CA PHE B 81 -13.71 78.67 -2.76
C PHE B 81 -14.11 77.63 -3.80
N ALA B 82 -13.89 77.95 -5.07
CA ALA B 82 -14.23 77.02 -6.15
C ALA B 82 -13.43 75.73 -5.97
N SER B 83 -12.18 75.87 -5.53
CA SER B 83 -11.33 74.72 -5.29
C SER B 83 -11.87 73.85 -4.15
N ILE B 84 -12.37 74.50 -3.11
CA ILE B 84 -12.93 73.80 -1.96
C ILE B 84 -14.19 73.03 -2.34
N VAL B 85 -15.08 73.68 -3.08
CA VAL B 85 -16.31 73.01 -3.53
C VAL B 85 -15.97 71.85 -4.45
N THR B 86 -15.00 72.05 -5.34
CA THR B 86 -14.59 71.01 -6.28
C THR B 86 -14.15 69.75 -5.55
N VAL B 87 -13.26 69.91 -4.58
CA VAL B 87 -12.75 68.79 -3.81
C VAL B 87 -13.87 68.15 -2.98
N SER B 88 -14.74 68.98 -2.43
CA SER B 88 -15.88 68.48 -1.66
C SER B 88 -16.73 67.53 -2.50
N GLY B 89 -16.85 67.82 -3.79
CA GLY B 89 -17.67 67.00 -4.67
C GLY B 89 -17.05 65.64 -4.90
N VAL B 90 -15.74 65.62 -5.09
CA VAL B 90 -15.02 64.37 -5.32
C VAL B 90 -15.06 63.49 -4.08
N ILE B 91 -14.87 64.09 -2.91
CA ILE B 91 -14.88 63.35 -1.66
C ILE B 91 -16.25 62.75 -1.35
N PHE B 92 -17.31 63.55 -1.47
CA PHE B 92 -18.64 63.12 -1.05
C PHE B 92 -19.48 62.46 -2.15
N LEU B 93 -18.99 62.46 -3.38
CA LEU B 93 -19.73 61.84 -4.48
C LEU B 93 -18.91 60.77 -5.22
N ASP B 94 -17.59 60.83 -5.08
CA ASP B 94 -16.72 59.91 -5.81
C ASP B 94 -15.99 58.96 -4.88
N ILE B 95 -15.98 59.27 -3.58
CA ILE B 95 -15.26 58.45 -2.61
C ILE B 95 -16.20 57.89 -1.55
N ILE B 96 -16.63 58.76 -0.64
CA ILE B 96 -17.55 58.38 0.42
C ILE B 96 -18.74 57.58 -0.11
N LEU B 97 -19.41 58.12 -1.12
CA LEU B 97 -20.65 57.53 -1.63
C LEU B 97 -20.49 56.08 -2.08
N PRO B 98 -19.52 55.78 -2.96
CA PRO B 98 -19.31 54.39 -3.35
C PRO B 98 -18.78 53.53 -2.21
N PHE B 99 -17.77 54.03 -1.51
CA PHE B 99 -17.20 53.32 -0.36
C PHE B 99 -18.29 52.92 0.62
N GLY B 100 -19.13 53.87 1.00
CA GLY B 100 -20.21 53.63 1.93
C GLY B 100 -21.15 52.56 1.41
N PHE B 101 -21.33 52.54 0.09
CA PHE B 101 -22.17 51.54 -0.55
C PHE B 101 -21.53 50.16 -0.46
N VAL B 102 -20.21 50.12 -0.54
CA VAL B 102 -19.46 48.87 -0.42
C VAL B 102 -19.46 48.36 1.02
N SER B 103 -19.53 49.29 1.97
CA SER B 103 -19.47 48.93 3.38
C SER B 103 -20.85 48.67 3.99
N MET B 104 -21.81 49.54 3.69
CA MET B 104 -23.15 49.40 4.25
C MET B 104 -23.95 48.30 3.56
N PHE B 105 -23.66 48.08 2.28
CA PHE B 105 -24.41 47.11 1.49
C PHE B 105 -23.60 45.89 1.09
N LEU B 106 -22.51 46.11 0.37
CA LEU B 106 -21.76 45.02 -0.24
C LEU B 106 -21.18 44.03 0.77
N ALA B 107 -20.43 44.56 1.74
CA ALA B 107 -19.80 43.71 2.75
C ALA B 107 -20.81 42.81 3.47
N PRO B 108 -21.85 43.41 4.09
CA PRO B 108 -22.83 42.64 4.85
C PRO B 108 -23.45 41.52 4.01
N TRP B 109 -23.59 41.77 2.71
CA TRP B 109 -24.21 40.80 1.82
C TRP B 109 -23.29 39.59 1.57
N ILE B 110 -22.07 39.86 1.14
CA ILE B 110 -21.13 38.80 0.81
C ILE B 110 -20.65 38.03 2.04
N GLU B 111 -20.59 38.70 3.18
CA GLU B 111 -20.20 38.03 4.43
C GLU B 111 -21.28 37.03 4.84
N ARG B 112 -22.53 37.48 4.81
CA ARG B 112 -23.64 36.68 5.29
C ARG B 112 -24.23 35.77 4.21
N ARG B 113 -23.44 35.53 3.16
CA ARG B 113 -23.87 34.64 2.09
C ARG B 113 -22.75 33.66 1.72
N LEU B 114 -21.54 33.97 2.16
CA LEU B 114 -20.39 33.08 1.96
C LEU B 114 -19.87 32.59 3.30
N ARG B 115 -20.51 33.03 4.38
CA ARG B 115 -20.07 32.72 5.72
C ARG B 115 -21.26 32.78 6.68
N TYR B 116 -21.54 31.65 7.32
CA TYR B 116 -22.66 31.58 8.26
C TYR B 116 -22.38 32.37 9.54
N HIS B 117 -23.20 33.38 9.79
CA HIS B 117 -23.14 34.14 11.03
C HIS B 117 -24.29 33.71 11.93
N PRO B 118 -23.99 32.91 12.96
CA PRO B 118 -25.02 32.28 13.81
C PRO B 118 -25.85 33.29 14.59
N THR B 119 -27.17 33.14 14.53
CA THR B 119 -28.06 33.93 15.37
C THR B 119 -28.00 33.35 16.78
N ILE B 120 -27.38 34.09 17.69
CA ILE B 120 -27.11 33.58 19.03
C ILE B 120 -28.19 34.02 20.02
N GLU B 121 -29.03 34.95 19.59
CA GLU B 121 -29.99 35.60 20.48
C GLU B 121 -31.23 36.05 19.72
N LEU B 122 -32.31 36.33 20.46
CA LEU B 122 -33.55 36.80 19.88
C LEU B 122 -33.82 38.23 20.30
N PRO B 123 -34.41 39.05 19.40
CA PRO B 123 -34.70 40.44 19.72
C PRO B 123 -35.56 40.56 20.97
N ASP B 124 -35.35 41.62 21.75
CA ASP B 124 -35.99 41.77 23.06
C ASP B 124 -37.51 41.77 22.98
N ASP B 125 -38.06 42.20 21.85
CA ASP B 125 -39.50 42.36 21.71
C ASP B 125 -40.21 41.11 21.19
N THR B 126 -39.49 39.99 21.15
CA THR B 126 -40.07 38.74 20.67
C THR B 126 -41.09 38.18 21.65
N ARG B 127 -42.32 37.99 21.18
CA ARG B 127 -43.41 37.52 22.03
C ARG B 127 -44.24 36.46 21.30
N GLY B 128 -44.89 35.59 22.07
CA GLY B 128 -45.80 34.61 21.52
C GLY B 128 -45.20 33.66 20.50
N HIS B 129 -43.89 33.43 20.57
CA HIS B 129 -43.23 32.53 19.65
C HIS B 129 -43.18 31.11 20.19
N ILE B 130 -42.90 30.16 19.31
CA ILE B 130 -42.82 28.75 19.69
C ILE B 130 -41.38 28.24 19.58
N LEU B 131 -40.82 27.82 20.71
CA LEU B 131 -39.46 27.31 20.77
C LEU B 131 -39.39 25.81 20.50
N ILE B 132 -38.55 25.41 19.55
CA ILE B 132 -38.39 24.00 19.21
C ILE B 132 -36.99 23.49 19.55
N PHE B 133 -36.91 22.57 20.51
CA PHE B 133 -35.63 21.97 20.88
C PHE B 133 -35.58 20.51 20.44
N GLY B 134 -34.64 20.19 19.55
CA GLY B 134 -34.53 18.84 19.04
C GLY B 134 -35.25 18.69 17.72
N ILE B 135 -34.49 18.76 16.63
CA ILE B 135 -35.09 18.71 15.30
C ILE B 135 -35.00 17.31 14.71
N ASP B 136 -36.07 16.90 14.03
CA ASP B 136 -36.12 15.59 13.38
C ASP B 136 -37.34 15.56 12.45
N PRO B 137 -37.61 14.40 11.81
CA PRO B 137 -38.78 14.34 10.92
C PRO B 137 -40.06 14.88 11.56
N ILE B 138 -40.35 14.44 12.77
CA ILE B 138 -41.55 14.88 13.49
C ILE B 138 -41.66 16.40 13.53
N THR B 139 -40.64 17.05 14.08
CA THR B 139 -40.67 18.50 14.27
C THR B 139 -40.50 19.27 12.96
N ARG B 140 -39.80 18.68 11.99
CA ARG B 140 -39.70 19.27 10.67
C ARG B 140 -41.09 19.37 10.04
N THR B 141 -41.82 18.26 10.10
CA THR B 141 -43.17 18.20 9.55
C THR B 141 -44.09 19.13 10.32
N LEU B 142 -43.90 19.20 11.64
CA LEU B 142 -44.68 20.09 12.48
C LEU B 142 -44.46 21.53 12.06
N ILE B 143 -43.21 21.88 11.77
CA ILE B 143 -42.86 23.24 11.39
C ILE B 143 -43.44 23.63 10.04
N ARG B 144 -43.29 22.75 9.04
CA ARG B 144 -43.85 23.01 7.74
C ARG B 144 -45.38 23.13 7.82
N LYS B 145 -45.98 22.30 8.67
CA LYS B 145 -47.43 22.29 8.82
C LYS B 145 -47.95 23.61 9.41
N LEU B 146 -47.24 24.14 10.41
CA LEU B 146 -47.67 25.37 11.07
C LEU B 146 -47.04 26.63 10.46
N GLU B 147 -46.31 26.44 9.37
CA GLU B 147 -45.89 27.56 8.53
C GLU B 147 -47.01 27.84 7.54
N SER B 148 -47.94 26.89 7.44
CA SER B 148 -49.13 27.04 6.63
C SER B 148 -50.16 27.87 7.40
N ARG B 149 -49.75 28.34 8.56
CA ARG B 149 -50.58 29.22 9.38
C ARG B 149 -49.74 30.43 9.77
N ASN B 150 -48.49 30.43 9.36
CA ASN B 150 -47.56 31.52 9.67
C ASN B 150 -47.45 31.79 11.16
N HIS B 151 -47.14 30.75 11.94
CA HIS B 151 -46.80 30.91 13.34
C HIS B 151 -45.30 31.16 13.44
N LEU B 152 -44.89 31.98 14.40
CA LEU B 152 -43.47 32.30 14.56
C LEU B 152 -42.73 31.16 15.26
N PHE B 153 -42.01 30.37 14.48
CA PHE B 153 -41.24 29.26 15.03
C PHE B 153 -39.77 29.62 15.18
N VAL B 154 -39.17 29.15 16.26
CA VAL B 154 -37.74 29.32 16.48
C VAL B 154 -37.13 28.00 16.95
N VAL B 155 -36.31 27.39 16.10
CA VAL B 155 -35.66 26.14 16.48
C VAL B 155 -34.29 26.43 17.07
N VAL B 156 -33.94 25.67 18.10
CA VAL B 156 -32.67 25.86 18.79
C VAL B 156 -31.82 24.59 18.68
N THR B 157 -30.52 24.77 18.57
CA THR B 157 -29.60 23.64 18.43
C THR B 157 -28.18 24.03 18.83
N ASP B 158 -27.44 23.06 19.34
CA ASP B 158 -26.05 23.29 19.75
C ASP B 158 -25.07 22.64 18.77
N ASN B 159 -25.56 22.33 17.58
CA ASN B 159 -24.72 21.80 16.51
C ASN B 159 -24.53 22.82 15.40
N TYR B 160 -23.30 23.33 15.29
CA TYR B 160 -22.96 24.31 14.27
C TYR B 160 -23.37 23.85 12.87
N ASP B 161 -22.91 22.67 12.49
CA ASP B 161 -23.19 22.11 11.17
C ASP B 161 -24.68 22.02 10.89
N GLN B 162 -25.46 21.72 11.93
CA GLN B 162 -26.90 21.59 11.77
C GLN B 162 -27.56 22.96 11.66
N ALA B 163 -27.04 23.93 12.41
CA ALA B 163 -27.53 25.29 12.33
C ALA B 163 -27.40 25.84 10.91
N LEU B 164 -26.25 25.62 10.28
CA LEU B 164 -26.04 26.02 8.89
C LEU B 164 -27.11 25.44 7.98
N HIS B 165 -27.21 24.12 7.97
CA HIS B 165 -28.16 23.44 7.11
C HIS B 165 -29.57 23.99 7.30
N LEU B 166 -29.93 24.27 8.54
CA LEU B 166 -31.26 24.79 8.85
C LEU B 166 -31.44 26.24 8.43
N GLU B 167 -30.33 26.94 8.24
CA GLU B 167 -30.37 28.35 7.88
C GLU B 167 -30.50 28.58 6.38
N GLU B 168 -29.81 27.75 5.59
CA GLU B 168 -29.87 27.87 4.14
C GLU B 168 -31.32 27.87 3.68
N GLN B 169 -32.05 26.82 4.01
CA GLN B 169 -33.49 26.79 3.80
C GLN B 169 -34.17 26.99 5.15
N GLU B 170 -35.11 27.92 5.22
CA GLU B 170 -35.74 28.25 6.50
C GLU B 170 -37.25 28.41 6.41
N GLY B 171 -37.95 27.63 7.22
CA GLY B 171 -39.37 27.85 7.47
C GLY B 171 -39.46 28.40 8.87
N PHE B 172 -38.36 29.02 9.32
CA PHE B 172 -38.21 29.42 10.71
C PHE B 172 -36.82 30.00 10.96
N LYS B 173 -36.71 30.79 12.03
CA LYS B 173 -35.43 31.32 12.44
C LYS B 173 -34.67 30.25 13.22
N VAL B 174 -33.34 30.30 13.16
CA VAL B 174 -32.51 29.33 13.86
C VAL B 174 -31.58 29.99 14.86
N VAL B 175 -31.67 29.59 16.11
CA VAL B 175 -30.74 30.07 17.14
C VAL B 175 -29.75 28.98 17.50
N TYR B 176 -28.47 29.35 17.56
CA TYR B 176 -27.40 28.42 17.86
C TYR B 176 -26.88 28.64 19.27
N GLY B 177 -27.14 27.69 20.16
CA GLY B 177 -26.71 27.80 21.53
C GLY B 177 -27.09 26.59 22.37
N SER B 178 -26.51 26.49 23.57
CA SER B 178 -26.84 25.40 24.47
C SER B 178 -28.27 25.54 24.95
N PRO B 179 -29.11 24.54 24.65
CA PRO B 179 -30.52 24.54 25.00
C PRO B 179 -30.75 24.55 26.50
N THR B 180 -29.78 24.05 27.25
CA THR B 180 -29.93 23.90 28.69
C THR B 180 -29.18 24.96 29.49
N ASP B 181 -28.84 26.07 28.84
CA ASP B 181 -28.20 27.18 29.53
C ASP B 181 -29.22 28.30 29.77
N ALA B 182 -29.44 28.63 31.04
CA ALA B 182 -30.42 29.66 31.39
C ALA B 182 -30.14 30.99 30.70
N HIS B 183 -28.87 31.31 30.49
CA HIS B 183 -28.52 32.54 29.79
C HIS B 183 -29.05 32.49 28.36
N VAL B 184 -28.84 31.35 27.70
CA VAL B 184 -29.32 31.16 26.33
C VAL B 184 -30.84 31.17 26.27
N LEU B 185 -31.49 30.65 27.30
CA LEU B 185 -32.94 30.60 27.36
C LEU B 185 -33.53 32.00 27.55
N ALA B 186 -32.82 32.82 28.31
CA ALA B 186 -33.22 34.22 28.51
C ALA B 186 -33.10 34.99 27.20
N GLY B 187 -32.08 34.65 26.41
CA GLY B 187 -31.89 35.27 25.11
C GLY B 187 -33.01 34.91 24.15
N LEU B 188 -33.58 33.72 24.35
CA LEU B 188 -34.67 33.23 23.52
C LEU B 188 -36.01 33.82 23.96
N ARG B 189 -36.00 34.52 25.10
CA ARG B 189 -37.20 35.14 25.63
C ARG B 189 -38.25 34.11 26.03
N VAL B 190 -37.83 33.03 26.69
CA VAL B 190 -38.73 31.94 27.03
C VAL B 190 -39.97 32.40 27.80
N ALA B 191 -39.80 33.42 28.64
CA ALA B 191 -40.90 33.92 29.46
C ALA B 191 -42.02 34.50 28.60
N ALA B 192 -41.64 35.22 27.56
CA ALA B 192 -42.63 35.85 26.67
C ALA B 192 -43.12 34.91 25.57
N ALA B 193 -42.57 33.70 25.55
CA ALA B 193 -42.90 32.73 24.50
C ALA B 193 -44.26 32.07 24.73
N ARG B 194 -44.88 31.64 23.64
CA ARG B 194 -46.18 30.99 23.70
C ARG B 194 -46.10 29.55 24.22
N SER B 195 -45.26 28.75 23.57
CA SER B 195 -45.12 27.35 23.95
C SER B 195 -43.70 26.86 23.71
N ILE B 196 -43.36 25.71 24.30
CA ILE B 196 -42.03 25.11 24.13
C ILE B 196 -42.13 23.62 23.86
N ILE B 197 -41.57 23.18 22.74
CA ILE B 197 -41.51 21.77 22.41
C ILE B 197 -40.15 21.18 22.82
N ALA B 198 -40.17 20.31 23.81
CA ALA B 198 -38.95 19.66 24.29
C ALA B 198 -38.80 18.28 23.63
N ASN B 199 -38.03 18.23 22.55
CA ASN B 199 -37.86 17.00 21.80
C ASN B 199 -36.41 16.50 21.80
N LEU B 200 -35.74 16.65 22.93
CA LEU B 200 -34.38 16.14 23.09
C LEU B 200 -34.43 14.76 23.75
N SER B 201 -33.26 14.24 24.11
CA SER B 201 -33.23 13.00 24.88
C SER B 201 -33.95 13.25 26.20
N ASP B 202 -34.32 12.18 26.90
CA ASP B 202 -35.07 12.35 28.14
C ASP B 202 -34.26 13.09 29.22
N PRO B 203 -32.97 12.77 29.38
CA PRO B 203 -32.15 13.52 30.34
C PRO B 203 -32.03 15.00 29.95
N ASP B 204 -31.81 15.29 28.67
CA ASP B 204 -31.70 16.67 28.22
C ASP B 204 -33.03 17.42 28.37
N ASN B 205 -34.14 16.72 28.11
CA ASN B 205 -35.46 17.30 28.31
C ASN B 205 -35.67 17.68 29.77
N ALA B 206 -35.31 16.77 30.67
CA ALA B 206 -35.46 17.01 32.10
C ALA B 206 -34.62 18.23 32.49
N ASN B 207 -33.40 18.29 31.98
CA ASN B 207 -32.54 19.44 32.20
C ASN B 207 -33.19 20.72 31.68
N LEU B 208 -33.70 20.65 30.45
CA LEU B 208 -34.37 21.78 29.82
C LEU B 208 -35.55 22.31 30.63
N CYS B 209 -36.43 21.40 31.05
CA CYS B 209 -37.64 21.76 31.80
C CYS B 209 -37.32 22.45 33.12
N LEU B 210 -36.40 21.87 33.88
CA LEU B 210 -36.01 22.46 35.15
C LEU B 210 -35.45 23.87 34.96
N THR B 211 -34.62 24.04 33.93
CA THR B 211 -34.01 25.33 33.65
C THR B 211 -35.06 26.37 33.23
N VAL B 212 -35.88 26.00 32.25
CA VAL B 212 -36.97 26.88 31.84
C VAL B 212 -37.85 27.26 33.03
N ARG B 213 -38.13 26.29 33.90
CA ARG B 213 -39.00 26.52 35.05
C ARG B 213 -38.39 27.45 36.08
N SER B 214 -37.07 27.58 36.08
CA SER B 214 -36.40 28.48 37.01
C SER B 214 -36.51 29.93 36.53
N LEU B 215 -37.03 30.11 35.31
CA LEU B 215 -37.15 31.43 34.70
C LEU B 215 -38.60 31.84 34.49
N CYS B 216 -39.44 30.87 34.13
CA CYS B 216 -40.82 31.18 33.77
C CYS B 216 -41.79 30.01 33.98
N GLN B 217 -43.06 30.25 33.65
CA GLN B 217 -44.09 29.21 33.72
C GLN B 217 -44.62 28.88 32.34
N THR B 218 -43.89 29.32 31.32
CA THR B 218 -44.23 29.03 29.93
C THR B 218 -44.52 27.54 29.74
N PRO B 219 -45.67 27.22 29.12
CA PRO B 219 -46.09 25.82 28.94
C PRO B 219 -45.08 25.02 28.14
N ILE B 220 -44.85 23.78 28.56
CA ILE B 220 -43.88 22.90 27.92
C ILE B 220 -44.52 21.58 27.50
N ILE B 221 -44.26 21.17 26.26
CA ILE B 221 -44.70 19.88 25.75
C ILE B 221 -43.46 19.03 25.49
N ALA B 222 -43.29 17.96 26.26
CA ALA B 222 -42.11 17.11 26.13
C ALA B 222 -42.42 15.82 25.39
N VAL B 223 -41.56 15.45 24.46
CA VAL B 223 -41.67 14.18 23.77
C VAL B 223 -40.75 13.17 24.47
N VAL B 224 -41.33 12.21 25.17
CA VAL B 224 -40.55 11.22 25.91
C VAL B 224 -40.19 10.03 25.03
N LYS B 225 -38.95 9.55 25.17
CA LYS B 225 -38.46 8.45 24.35
C LYS B 225 -38.70 7.10 25.02
N GLU B 226 -39.00 7.13 26.31
CA GLU B 226 -39.28 5.91 27.07
C GLU B 226 -40.41 6.17 28.06
N PRO B 227 -41.59 5.63 27.78
CA PRO B 227 -42.84 5.84 28.54
C PRO B 227 -42.66 5.88 30.05
N VAL B 228 -41.67 5.17 30.58
CA VAL B 228 -41.43 5.12 32.02
C VAL B 228 -40.91 6.46 32.55
N HIS B 229 -40.24 7.23 31.69
CA HIS B 229 -39.68 8.51 32.05
C HIS B 229 -40.71 9.63 32.02
N GLY B 230 -41.93 9.31 31.58
CA GLY B 230 -42.99 10.29 31.51
C GLY B 230 -43.21 11.01 32.82
N GLU B 231 -43.33 10.24 33.90
CA GLU B 231 -43.56 10.80 35.22
C GLU B 231 -42.45 11.79 35.60
N LEU B 232 -41.21 11.38 35.38
CA LEU B 232 -40.04 12.20 35.69
C LEU B 232 -40.08 13.57 34.99
N LEU B 233 -40.54 13.60 33.74
CA LEU B 233 -40.61 14.84 32.98
C LEU B 233 -41.71 15.78 33.48
N ARG B 234 -42.83 15.21 33.92
CA ARG B 234 -43.87 16.03 34.53
C ARG B 234 -43.34 16.65 35.82
N LEU B 235 -42.46 15.93 36.49
CA LEU B 235 -41.81 16.42 37.70
C LEU B 235 -40.91 17.61 37.42
N ALA B 236 -40.12 17.50 36.35
CA ALA B 236 -39.16 18.54 35.99
C ALA B 236 -39.84 19.82 35.52
N GLY B 237 -41.12 19.73 35.15
CA GLY B 237 -41.88 20.92 34.81
C GLY B 237 -42.73 20.84 33.55
N ALA B 238 -42.70 19.69 32.87
CA ALA B 238 -43.45 19.53 31.64
C ALA B 238 -44.96 19.52 31.90
N ASN B 239 -45.69 20.31 31.12
CA ASN B 239 -47.14 20.40 31.25
C ASN B 239 -47.84 19.28 30.49
N GLN B 240 -47.16 18.78 29.46
CA GLN B 240 -47.70 17.71 28.64
C GLN B 240 -46.56 16.77 28.25
N VAL B 241 -46.82 15.47 28.32
CA VAL B 241 -45.84 14.48 27.89
C VAL B 241 -46.39 13.58 26.79
N VAL B 242 -45.67 13.50 25.67
CA VAL B 242 -46.11 12.70 24.55
C VAL B 242 -45.15 11.53 24.28
N PRO B 243 -45.58 10.31 24.64
CA PRO B 243 -44.79 9.10 24.36
C PRO B 243 -44.98 8.62 22.93
N LEU B 244 -44.31 9.28 21.99
CA LEU B 244 -44.50 8.99 20.56
C LEU B 244 -44.30 7.53 20.19
N THR B 245 -43.19 6.93 20.60
CA THR B 245 -42.89 5.56 20.20
C THR B 245 -43.94 4.58 20.75
N ARG B 246 -44.43 4.85 21.96
CA ARG B 246 -45.47 4.03 22.54
C ARG B 246 -46.75 4.15 21.71
N ILE B 247 -47.14 5.39 21.44
CA ILE B 247 -48.30 5.68 20.62
C ILE B 247 -48.18 5.07 19.22
N LEU B 248 -47.01 5.23 18.61
CA LEU B 248 -46.78 4.70 17.28
C LEU B 248 -46.88 3.18 17.26
N GLY B 249 -46.26 2.54 18.24
CA GLY B 249 -46.33 1.10 18.36
C GLY B 249 -47.77 0.62 18.47
N ARG B 250 -48.57 1.39 19.20
CA ARG B 250 -49.97 1.06 19.39
C ARG B 250 -50.77 1.16 18.09
N TYR B 251 -50.51 2.21 17.31
CA TYR B 251 -51.22 2.40 16.06
C TYR B 251 -50.83 1.36 15.00
N LEU B 252 -49.63 0.80 15.13
CA LEU B 252 -49.23 -0.33 14.30
C LEU B 252 -49.97 -1.58 14.78
N GLY B 253 -50.01 -1.75 16.09
CA GLY B 253 -50.63 -2.92 16.71
C GLY B 253 -52.11 -3.10 16.45
N ILE B 254 -52.90 -2.04 16.66
CA ILE B 254 -54.35 -2.14 16.51
C ILE B 254 -54.71 -2.47 15.08
N ARG B 255 -53.76 -2.27 14.18
CA ARG B 255 -53.99 -2.47 12.76
C ARG B 255 -53.55 -3.86 12.28
N ALA B 256 -52.78 -4.57 13.10
CA ALA B 256 -52.18 -5.83 12.69
C ALA B 256 -53.10 -7.04 12.86
N THR B 257 -54.07 -6.95 13.76
CA THR B 257 -54.99 -8.05 14.00
C THR B 257 -55.83 -8.32 12.76
N THR B 258 -56.32 -9.54 12.63
CA THR B 258 -57.12 -9.92 11.47
C THR B 258 -58.44 -9.17 11.46
N CYS B 259 -58.96 -8.91 12.66
CA CYS B 259 -60.18 -8.13 12.83
C CYS B 259 -59.92 -6.99 13.81
N GLY B 260 -60.35 -5.79 13.43
CA GLY B 260 -60.19 -4.63 14.30
C GLY B 260 -60.85 -4.85 15.66
N ALA B 261 -60.23 -4.29 16.70
CA ALA B 261 -60.78 -4.42 18.04
C ALA B 261 -60.73 -3.08 18.78
N LEU B 262 -61.63 -2.92 19.76
CA LEU B 262 -61.69 -1.71 20.56
C LEU B 262 -60.36 -1.44 21.24
N ALA B 263 -59.91 -0.19 21.18
CA ALA B 263 -58.69 0.22 21.86
C ALA B 263 -58.96 1.47 22.70
N HIS B 264 -58.77 1.36 24.01
CA HIS B 264 -59.07 2.45 24.93
C HIS B 264 -58.11 3.63 24.77
N ILE B 265 -58.64 4.84 24.89
CA ILE B 265 -57.86 6.06 24.74
C ILE B 265 -57.83 6.90 26.02
N LEU B 266 -59.01 7.21 26.56
CA LEU B 266 -59.10 8.07 27.72
C LEU B 266 -60.20 7.64 28.69
N ASP B 267 -59.94 7.78 29.98
CA ASP B 267 -60.95 7.57 31.00
C ASP B 267 -61.17 8.85 31.80
N SER B 268 -62.30 9.52 31.53
CA SER B 268 -62.58 10.80 32.17
C SER B 268 -63.22 10.60 33.54
N PHE B 269 -62.37 10.35 34.54
CA PHE B 269 -62.81 10.17 35.92
C PHE B 269 -63.82 9.03 36.08
N GLY B 270 -63.63 7.95 35.32
CA GLY B 270 -64.42 6.75 35.47
C GLY B 270 -65.87 6.89 35.02
N ASN B 271 -66.13 7.89 34.19
CA ASN B 271 -67.46 8.14 33.65
C ASN B 271 -67.52 8.04 32.14
N LEU B 272 -67.05 9.06 31.43
CA LEU B 272 -67.03 9.01 29.97
C LEU B 272 -65.74 8.35 29.44
N GLN B 273 -65.90 7.36 28.57
CA GLN B 273 -64.76 6.63 28.01
C GLN B 273 -64.58 6.94 26.53
N ILE B 274 -63.34 7.14 26.11
CA ILE B 274 -63.02 7.36 24.70
C ILE B 274 -62.19 6.20 24.17
N ALA B 275 -62.65 5.60 23.07
CA ALA B 275 -61.95 4.47 22.48
C ALA B 275 -61.93 4.58 20.96
N GLU B 276 -61.02 3.86 20.31
CA GLU B 276 -61.00 3.84 18.85
C GLU B 276 -61.09 2.42 18.30
N LEU B 277 -61.71 2.29 17.13
CA LEU B 277 -61.98 0.99 16.53
C LEU B 277 -61.67 0.97 15.04
N PRO B 278 -60.58 0.29 14.64
CA PRO B 278 -60.34 0.06 13.22
C PRO B 278 -61.41 -0.90 12.68
N VAL B 279 -61.93 -0.60 11.49
CA VAL B 279 -63.10 -1.29 10.95
C VAL B 279 -62.78 -2.58 10.20
N HIS B 280 -61.53 -2.75 9.79
CA HIS B 280 -61.14 -3.92 9.01
C HIS B 280 -61.56 -5.23 9.68
N GLY B 281 -62.18 -6.11 8.88
CA GLY B 281 -62.54 -7.44 9.33
C GLY B 281 -63.70 -7.48 10.30
N THR B 282 -64.32 -6.34 10.54
CA THR B 282 -65.49 -6.26 11.41
C THR B 282 -66.75 -6.27 10.55
N PRO B 283 -67.91 -6.53 11.17
CA PRO B 283 -69.17 -6.50 10.41
C PRO B 283 -69.54 -5.10 9.92
N PHE B 284 -68.84 -4.07 10.41
CA PHE B 284 -69.11 -2.70 9.99
C PHE B 284 -68.44 -2.33 8.67
N ALA B 285 -67.52 -3.16 8.20
CA ALA B 285 -66.81 -2.89 6.96
C ALA B 285 -67.72 -3.03 5.75
N GLY B 286 -67.73 -2.00 4.91
CA GLY B 286 -68.57 -1.99 3.72
C GLY B 286 -69.92 -1.35 3.98
N LYS B 287 -70.38 -1.43 5.22
CA LYS B 287 -71.66 -0.85 5.60
C LYS B 287 -71.51 0.65 5.84
N THR B 288 -72.64 1.33 5.98
CA THR B 288 -72.64 2.75 6.31
C THR B 288 -72.87 2.92 7.80
N ILE B 289 -72.59 4.10 8.33
CA ILE B 289 -72.75 4.35 9.75
C ILE B 289 -74.17 4.08 10.22
N GLY B 290 -75.15 4.53 9.45
CA GLY B 290 -76.55 4.28 9.77
C GLY B 290 -76.91 2.82 9.60
N GLU B 291 -76.37 2.22 8.54
CA GLU B 291 -76.63 0.82 8.23
C GLU B 291 -76.16 -0.09 9.36
N SER B 292 -74.98 0.20 9.91
CA SER B 292 -74.41 -0.62 10.98
C SER B 292 -75.14 -0.41 12.30
N GLY B 293 -75.81 0.73 12.43
CA GLY B 293 -76.56 1.06 13.63
C GLY B 293 -75.78 0.89 14.92
N ILE B 294 -74.58 1.46 14.96
CA ILE B 294 -73.71 1.32 16.13
C ILE B 294 -74.25 2.02 17.37
N ARG B 295 -74.75 3.24 17.22
CA ARG B 295 -75.25 4.00 18.37
C ARG B 295 -76.53 3.40 18.97
N GLN B 296 -77.40 2.90 18.11
CA GLN B 296 -78.67 2.34 18.56
C GLN B 296 -78.45 1.08 19.38
N ARG B 297 -77.46 0.29 18.99
CA ARG B 297 -77.22 -1.00 19.61
C ARG B 297 -76.25 -0.95 20.79
N THR B 298 -75.58 0.18 20.98
CA THR B 298 -74.59 0.29 22.05
C THR B 298 -74.77 1.52 22.94
N GLY B 299 -75.52 2.49 22.46
CA GLY B 299 -75.70 3.73 23.18
C GLY B 299 -74.47 4.61 23.08
N LEU B 300 -73.46 4.14 22.35
CA LEU B 300 -72.22 4.87 22.16
C LEU B 300 -72.39 6.10 21.28
N SER B 301 -71.51 7.08 21.48
CA SER B 301 -71.44 8.24 20.61
C SER B 301 -70.28 8.07 19.65
N ILE B 302 -70.57 8.17 18.36
CA ILE B 302 -69.53 8.21 17.35
C ILE B 302 -69.11 9.66 17.16
N ILE B 303 -67.95 10.03 17.71
CA ILE B 303 -67.54 11.43 17.71
C ILE B 303 -66.65 11.79 16.52
N GLY B 304 -66.30 10.80 15.71
CA GLY B 304 -65.49 11.05 14.54
C GLY B 304 -65.10 9.81 13.76
N VAL B 305 -64.90 9.98 12.46
CA VAL B 305 -64.39 8.92 11.61
C VAL B 305 -63.05 9.33 11.00
N TRP B 306 -62.00 8.59 11.32
CA TRP B 306 -60.66 8.89 10.82
C TRP B 306 -60.32 8.06 9.59
N GLU B 307 -60.31 8.72 8.44
CA GLU B 307 -59.96 8.05 7.18
C GLU B 307 -59.17 8.99 6.27
N ARG B 308 -58.17 8.45 5.59
CA ARG B 308 -57.32 9.24 4.71
C ARG B 308 -56.69 10.44 5.43
N GLY B 309 -56.23 10.21 6.65
CA GLY B 309 -55.52 11.23 7.40
C GLY B 309 -56.34 12.45 7.75
N SER B 310 -57.66 12.32 7.68
CA SER B 310 -58.54 13.44 8.03
C SER B 310 -59.71 12.99 8.91
N LEU B 311 -59.85 13.63 10.06
CA LEU B 311 -60.94 13.35 10.99
C LEU B 311 -62.20 14.11 10.60
N THR B 312 -63.17 13.38 10.04
CA THR B 312 -64.44 14.00 9.64
C THR B 312 -65.55 13.65 10.62
N THR B 313 -66.66 14.37 10.50
CA THR B 313 -67.83 14.10 11.32
C THR B 313 -68.65 12.97 10.72
N PRO B 314 -69.16 12.07 11.57
CA PRO B 314 -69.91 10.88 11.14
C PRO B 314 -71.27 11.20 10.55
N GLN B 315 -71.47 10.88 9.28
CA GLN B 315 -72.78 10.98 8.66
C GLN B 315 -73.45 9.62 8.74
N ARG B 316 -74.69 9.55 8.30
CA ARG B 316 -75.44 8.30 8.29
C ARG B 316 -75.28 7.59 6.95
N GLU B 317 -74.92 8.35 5.93
CA GLU B 317 -74.73 7.81 4.59
C GLU B 317 -73.25 7.50 4.35
N THR B 318 -72.41 7.95 5.29
CA THR B 318 -70.98 7.69 5.22
C THR B 318 -70.69 6.19 5.17
N VAL B 319 -69.83 5.80 4.22
CA VAL B 319 -69.44 4.40 4.08
C VAL B 319 -68.13 4.08 4.80
N LEU B 320 -68.19 3.12 5.72
CA LEU B 320 -67.00 2.67 6.43
C LEU B 320 -66.20 1.70 5.58
N THR B 321 -64.94 2.03 5.33
CA THR B 321 -64.05 1.16 4.57
C THR B 321 -63.15 0.34 5.49
N GLU B 322 -62.50 -0.67 4.93
CA GLU B 322 -61.59 -1.52 5.69
C GLU B 322 -60.57 -0.69 6.48
N GLN B 323 -60.21 0.47 5.95
CA GLN B 323 -59.16 1.29 6.56
C GLN B 323 -59.71 2.40 7.45
N SER B 324 -61.03 2.46 7.59
CA SER B 324 -61.65 3.46 8.45
C SER B 324 -61.35 3.20 9.92
N LEU B 325 -61.45 4.24 10.74
CA LEU B 325 -61.25 4.11 12.18
C LEU B 325 -62.26 4.97 12.92
N LEU B 326 -63.12 4.33 13.71
CA LEU B 326 -64.13 5.04 14.47
C LEU B 326 -63.57 5.55 15.79
N VAL B 327 -63.86 6.81 16.11
CA VAL B 327 -63.57 7.34 17.43
C VAL B 327 -64.86 7.35 18.24
N LEU B 328 -64.84 6.72 19.41
CA LEU B 328 -66.08 6.46 20.16
C LEU B 328 -66.05 7.00 21.58
N ALA B 329 -67.23 7.31 22.10
CA ALA B 329 -67.35 7.83 23.46
C ALA B 329 -68.60 7.31 24.14
N GLY B 330 -68.47 6.86 25.38
CA GLY B 330 -69.60 6.35 26.13
C GLY B 330 -69.19 5.68 27.42
N THR B 331 -70.14 5.00 28.06
CA THR B 331 -69.88 4.34 29.33
C THR B 331 -69.15 3.02 29.14
N LYS B 332 -68.66 2.46 30.24
CA LYS B 332 -67.89 1.22 30.21
C LYS B 332 -68.71 0.07 29.62
N SER B 333 -70.00 0.04 29.96
CA SER B 333 -70.87 -1.02 29.48
C SER B 333 -71.23 -0.83 28.01
N GLN B 334 -71.34 0.42 27.59
CA GLN B 334 -71.62 0.73 26.18
C GLN B 334 -70.46 0.26 25.30
N LEU B 335 -69.24 0.37 25.81
CA LEU B 335 -68.06 -0.12 25.10
C LEU B 335 -68.03 -1.65 25.09
N ALA B 336 -68.55 -2.25 26.15
CA ALA B 336 -68.59 -3.69 26.27
C ALA B 336 -69.62 -4.27 25.31
N ALA B 337 -70.70 -3.53 25.09
CA ALA B 337 -71.72 -3.92 24.13
C ALA B 337 -71.12 -4.00 22.73
N LEU B 338 -70.37 -2.97 22.36
CA LEU B 338 -69.75 -2.91 21.04
C LEU B 338 -68.77 -4.07 20.86
N GLU B 339 -68.02 -4.39 21.91
CA GLU B 339 -67.08 -5.50 21.88
C GLU B 339 -67.78 -6.82 21.63
N TYR B 340 -69.02 -6.92 22.12
CA TYR B 340 -69.82 -8.13 21.93
C TYR B 340 -70.34 -8.23 20.49
N LEU B 341 -70.65 -7.08 19.90
CA LEU B 341 -71.17 -7.03 18.53
C LEU B 341 -70.15 -7.46 17.48
N ILE B 342 -68.87 -7.22 17.76
CA ILE B 342 -67.80 -7.43 16.79
C ILE B 342 -67.63 -8.86 16.28
N GLY B 343 -67.49 -9.83 17.17
CA GLY B 343 -67.45 -9.61 18.60
C GLY B 343 -66.46 -10.56 19.24
N GLU B 344 -65.80 -11.36 18.40
CA GLU B 344 -64.80 -12.31 18.86
C GLU B 344 -63.63 -12.37 17.87
N ALA B 345 -62.49 -12.84 18.35
CA ALA B 345 -61.29 -12.92 17.51
C ALA B 345 -61.10 -14.33 16.97
N PRO B 346 -60.53 -14.44 15.76
CA PRO B 346 -60.24 -15.73 15.14
C PRO B 346 -59.21 -16.52 15.93
N GLU B 347 -59.17 -17.84 15.75
CA GLU B 347 -58.24 -18.67 16.49
C GLU B 347 -56.83 -18.56 15.92
N ASP B 348 -55.86 -19.07 16.68
CA ASP B 348 -54.45 -19.08 16.26
C ASP B 348 -53.98 -17.84 15.49
N GLU B 349 -54.19 -16.68 16.08
CA GLU B 349 -53.67 -15.44 15.52
C GLU B 349 -52.17 -15.39 15.79
N LEU B 350 -51.37 -15.08 14.78
CA LEU B 350 -49.92 -15.03 14.96
C LEU B 350 -49.32 -13.85 14.20
N ILE B 351 -48.73 -12.92 14.94
CA ILE B 351 -48.24 -11.68 14.34
C ILE B 351 -46.72 -11.56 14.37
N PHE B 352 -46.12 -11.51 13.18
CA PHE B 352 -44.68 -11.30 13.06
C PHE B 352 -44.34 -9.81 13.08
N ILE B 353 -43.39 -9.42 13.92
CA ILE B 353 -42.99 -8.03 14.00
C ILE B 353 -41.53 -7.92 13.60
N ILE B 354 -41.28 -7.31 12.45
CA ILE B 354 -39.91 -7.15 11.96
C ILE B 354 -39.34 -5.81 12.38
N GLY B 355 -38.32 -5.85 13.24
CA GLY B 355 -37.73 -4.64 13.77
C GLY B 355 -38.04 -4.48 15.24
N HIS B 356 -37.02 -4.54 16.08
CA HIS B 356 -37.21 -4.44 17.52
C HIS B 356 -36.58 -3.18 18.09
N GLY B 357 -36.87 -2.06 17.46
CA GLY B 357 -36.49 -0.76 18.01
C GLY B 357 -37.56 -0.30 18.98
N ARG B 358 -37.47 0.94 19.42
CA ARG B 358 -38.41 1.45 20.40
C ARG B 358 -39.86 1.31 19.96
N ILE B 359 -40.12 1.53 18.68
CA ILE B 359 -41.49 1.43 18.16
C ILE B 359 -41.96 -0.01 18.00
N GLY B 360 -41.16 -0.84 17.34
CA GLY B 360 -41.48 -2.24 17.23
C GLY B 360 -41.68 -2.83 18.62
N CYS B 361 -40.82 -2.42 19.55
CA CYS B 361 -40.91 -2.88 20.94
C CYS B 361 -42.26 -2.50 21.53
N ALA B 362 -42.72 -1.28 21.23
CA ALA B 362 -43.99 -0.79 21.74
C ALA B 362 -45.17 -1.53 21.13
N ALA B 363 -45.04 -1.88 19.84
CA ALA B 363 -46.08 -2.64 19.16
C ALA B 363 -46.24 -4.02 19.81
N ALA B 364 -45.11 -4.60 20.22
CA ALA B 364 -45.11 -5.89 20.91
C ALA B 364 -45.79 -5.77 22.26
N ALA B 365 -45.44 -4.74 23.02
CA ALA B 365 -45.99 -4.52 24.35
C ALA B 365 -47.51 -4.34 24.27
N PHE B 366 -47.96 -3.59 23.28
CA PHE B 366 -49.39 -3.39 23.07
C PHE B 366 -50.10 -4.70 22.79
N LEU B 367 -49.56 -5.49 21.85
CA LEU B 367 -50.16 -6.77 21.50
C LEU B 367 -50.14 -7.76 22.66
N ASP B 368 -49.23 -7.54 23.60
CA ASP B 368 -49.13 -8.43 24.76
C ASP B 368 -50.16 -8.04 25.82
N ARG B 369 -50.66 -6.82 25.72
CA ARG B 369 -51.63 -6.29 26.66
C ARG B 369 -53.01 -6.94 26.47
N LYS B 370 -53.16 -7.72 25.40
CA LYS B 370 -54.47 -8.25 25.02
C LYS B 370 -54.80 -9.64 25.59
N PRO B 371 -53.94 -10.64 25.33
CA PRO B 371 -52.73 -10.60 24.50
C PRO B 371 -52.93 -11.33 23.18
N VAL B 372 -52.16 -10.95 22.18
CA VAL B 372 -52.12 -11.64 20.90
C VAL B 372 -50.72 -12.20 20.72
N PRO B 373 -50.61 -13.49 20.37
CA PRO B 373 -49.29 -14.09 20.16
C PRO B 373 -48.51 -13.43 19.02
N PHE B 374 -47.23 -13.15 19.27
CA PHE B 374 -46.39 -12.48 18.28
C PHE B 374 -44.98 -13.03 18.28
N ILE B 375 -44.19 -12.62 17.28
CA ILE B 375 -42.78 -13.00 17.18
C ILE B 375 -41.94 -11.82 16.73
N LEU B 376 -41.00 -11.41 17.58
CA LEU B 376 -40.10 -10.30 17.24
C LEU B 376 -38.90 -10.80 16.45
N ILE B 377 -38.46 -9.98 15.48
CA ILE B 377 -37.33 -10.34 14.65
C ILE B 377 -36.43 -9.13 14.41
N ASP B 378 -35.15 -9.25 14.76
CA ASP B 378 -34.21 -8.16 14.56
C ASP B 378 -32.81 -8.72 14.40
N ARG B 379 -31.90 -7.90 13.85
CA ARG B 379 -30.53 -8.32 13.61
C ARG B 379 -29.71 -8.41 14.90
N GLN B 380 -29.90 -7.44 15.80
CA GLN B 380 -29.10 -7.39 17.02
C GLN B 380 -29.96 -7.26 18.27
N GLU B 381 -29.33 -7.52 19.42
CA GLU B 381 -29.99 -7.42 20.71
C GLU B 381 -30.34 -5.96 21.01
N SER B 382 -31.48 -5.75 21.67
CA SER B 382 -31.92 -4.41 22.04
C SER B 382 -31.13 -3.85 23.20
N PRO B 383 -30.58 -2.64 23.04
CA PRO B 383 -29.78 -1.98 24.08
C PRO B 383 -30.65 -1.42 25.20
N VAL B 384 -31.96 -1.44 25.01
CA VAL B 384 -32.87 -0.82 25.97
C VAL B 384 -33.91 -1.80 26.53
N CYS B 385 -34.22 -2.84 25.76
CA CYS B 385 -35.25 -3.79 26.19
C CYS B 385 -34.66 -5.09 26.74
N ASN B 386 -35.29 -5.59 27.80
CA ASN B 386 -34.93 -6.89 28.37
C ASN B 386 -36.13 -7.84 28.52
N ASP B 387 -37.33 -7.28 28.42
CA ASP B 387 -38.55 -8.04 28.69
C ASP B 387 -39.02 -8.92 27.53
N HIS B 388 -38.47 -8.70 26.34
CA HIS B 388 -38.93 -9.41 25.15
C HIS B 388 -37.92 -10.42 24.62
N VAL B 389 -38.42 -11.60 24.23
CA VAL B 389 -37.60 -12.59 23.57
C VAL B 389 -37.61 -12.36 22.07
N VAL B 390 -36.43 -12.15 21.49
CA VAL B 390 -36.32 -11.76 20.09
C VAL B 390 -35.62 -12.83 19.25
N VAL B 391 -36.20 -13.16 18.11
CA VAL B 391 -35.54 -14.04 17.16
C VAL B 391 -34.52 -13.24 16.35
N TYR B 392 -33.25 -13.59 16.52
CA TYR B 392 -32.17 -12.84 15.90
C TYR B 392 -31.84 -13.34 14.50
N GLY B 393 -31.72 -12.40 13.57
CA GLY B 393 -31.44 -12.73 12.19
C GLY B 393 -31.81 -11.56 11.28
N ASP B 394 -31.28 -11.60 10.06
CA ASP B 394 -31.56 -10.54 9.09
C ASP B 394 -32.76 -10.94 8.24
N ALA B 395 -33.87 -10.22 8.39
CA ALA B 395 -35.09 -10.53 7.66
C ALA B 395 -34.88 -10.46 6.15
N THR B 396 -33.86 -9.72 5.73
CA THR B 396 -33.54 -9.55 4.32
C THR B 396 -32.77 -10.75 3.78
N VAL B 397 -31.96 -11.37 4.62
CA VAL B 397 -31.21 -12.56 4.25
C VAL B 397 -32.12 -13.77 4.08
N GLY B 398 -32.01 -14.42 2.94
CA GLY B 398 -32.91 -15.50 2.55
C GLY B 398 -33.34 -16.49 3.63
N GLN B 399 -34.64 -16.68 3.74
CA GLN B 399 -35.22 -17.73 4.57
C GLN B 399 -35.18 -17.48 6.07
N THR B 400 -34.71 -16.31 6.48
CA THR B 400 -34.71 -15.96 7.91
C THR B 400 -36.14 -15.89 8.45
N LEU B 401 -37.07 -15.40 7.62
CA LEU B 401 -38.47 -15.36 8.00
C LEU B 401 -39.12 -16.72 7.84
N ARG B 402 -38.69 -17.47 6.83
CA ARG B 402 -39.19 -18.81 6.58
C ARG B 402 -38.91 -19.73 7.76
N GLN B 403 -37.65 -19.69 8.23
CA GLN B 403 -37.23 -20.51 9.37
C GLN B 403 -37.96 -20.11 10.64
N ALA B 404 -38.34 -18.84 10.74
CA ALA B 404 -39.08 -18.35 11.90
C ALA B 404 -40.54 -18.75 11.83
N GLY B 405 -40.95 -19.30 10.69
CA GLY B 405 -42.31 -19.79 10.52
C GLY B 405 -43.30 -18.73 10.08
N ILE B 406 -42.85 -17.80 9.24
CA ILE B 406 -43.71 -16.75 8.72
C ILE B 406 -44.94 -17.36 8.01
N ASP B 407 -44.87 -18.67 7.78
CA ASP B 407 -45.89 -19.40 7.05
C ASP B 407 -47.25 -19.40 7.73
N ARG B 408 -47.25 -19.58 9.05
CA ARG B 408 -48.50 -19.63 9.81
C ARG B 408 -48.86 -18.28 10.46
N ALA B 409 -48.25 -17.22 9.96
CA ALA B 409 -48.57 -15.88 10.44
C ALA B 409 -49.91 -15.42 9.87
N SER B 410 -50.65 -14.65 10.66
CA SER B 410 -51.90 -14.07 10.19
C SER B 410 -51.69 -12.61 9.82
N GLY B 411 -50.58 -12.04 10.28
CA GLY B 411 -50.27 -10.65 10.01
C GLY B 411 -48.81 -10.33 10.24
N ILE B 412 -48.33 -9.29 9.57
CA ILE B 412 -46.95 -8.85 9.72
C ILE B 412 -46.91 -7.35 9.97
N ILE B 413 -46.05 -6.95 10.89
CA ILE B 413 -45.76 -5.54 11.11
C ILE B 413 -44.32 -5.29 10.70
N VAL B 414 -44.11 -4.47 9.67
CA VAL B 414 -42.74 -4.17 9.26
C VAL B 414 -42.30 -2.81 9.81
N THR B 415 -41.33 -2.85 10.74
CA THR B 415 -40.97 -1.69 11.54
C THR B 415 -39.47 -1.46 11.61
N THR B 416 -38.79 -1.64 10.48
CA THR B 416 -37.38 -1.26 10.39
C THR B 416 -37.27 0.26 10.40
N ASN B 417 -36.11 0.77 10.78
CA ASN B 417 -35.85 2.20 10.74
C ASN B 417 -35.41 2.68 9.35
N ASP B 418 -35.59 1.83 8.35
CA ASP B 418 -35.26 2.17 6.98
C ASP B 418 -36.43 1.94 6.02
N ASP B 419 -37.02 3.03 5.52
CA ASP B 419 -38.21 2.95 4.67
C ASP B 419 -38.06 2.09 3.43
N SER B 420 -36.93 2.22 2.72
CA SER B 420 -36.68 1.38 1.55
C SER B 420 -36.73 -0.10 1.89
N THR B 421 -36.23 -0.45 3.08
CA THR B 421 -36.21 -1.84 3.51
C THR B 421 -37.62 -2.31 3.83
N ASN B 422 -38.39 -1.44 4.48
CA ASN B 422 -39.80 -1.70 4.76
C ASN B 422 -40.63 -1.86 3.49
N ILE B 423 -40.27 -1.10 2.46
CA ILE B 423 -40.96 -1.19 1.18
C ILE B 423 -40.63 -2.52 0.51
N PHE B 424 -39.37 -2.93 0.63
CA PHE B 424 -38.92 -4.19 0.04
C PHE B 424 -39.56 -5.40 0.72
N LEU B 425 -39.67 -5.34 2.06
CA LEU B 425 -40.27 -6.41 2.82
C LEU B 425 -41.78 -6.50 2.56
N THR B 426 -42.43 -5.35 2.52
CA THR B 426 -43.85 -5.30 2.19
C THR B 426 -44.08 -5.94 0.81
N LEU B 427 -43.24 -5.57 -0.15
CA LEU B 427 -43.29 -6.17 -1.49
C LEU B 427 -43.23 -7.69 -1.44
N ALA B 428 -42.18 -8.21 -0.82
CA ALA B 428 -41.93 -9.65 -0.79
C ALA B 428 -43.00 -10.43 -0.03
N CYS B 429 -43.40 -9.91 1.13
CA CYS B 429 -44.40 -10.59 1.95
C CYS B 429 -45.75 -10.68 1.26
N ARG B 430 -46.22 -9.56 0.72
CA ARG B 430 -47.48 -9.53 -0.01
C ARG B 430 -47.44 -10.45 -1.23
N HIS B 431 -46.24 -10.67 -1.75
CA HIS B 431 -46.07 -11.50 -2.94
C HIS B 431 -46.06 -12.99 -2.61
N LEU B 432 -45.64 -13.32 -1.39
CA LEU B 432 -45.56 -14.71 -0.95
C LEU B 432 -46.76 -15.10 -0.09
N HIS B 433 -47.48 -14.10 0.39
CA HIS B 433 -48.64 -14.31 1.24
C HIS B 433 -49.70 -13.25 0.95
N SER B 434 -50.49 -13.48 -0.08
CA SER B 434 -51.46 -12.47 -0.53
C SER B 434 -52.61 -12.31 0.45
N HIS B 435 -52.60 -13.09 1.53
CA HIS B 435 -53.72 -13.14 2.45
C HIS B 435 -53.52 -12.31 3.71
N ILE B 436 -52.37 -12.48 4.36
CA ILE B 436 -52.12 -11.89 5.67
C ILE B 436 -52.19 -10.37 5.69
N ARG B 437 -52.63 -9.83 6.83
CA ARG B 437 -52.56 -8.40 7.10
C ARG B 437 -51.10 -7.94 7.07
N ILE B 438 -50.85 -6.83 6.40
CA ILE B 438 -49.51 -6.24 6.41
C ILE B 438 -49.60 -4.78 6.82
N VAL B 439 -49.10 -4.49 8.01
CA VAL B 439 -49.04 -3.11 8.49
C VAL B 439 -47.59 -2.66 8.47
N ALA B 440 -47.34 -1.51 7.85
CA ALA B 440 -45.97 -1.04 7.69
C ALA B 440 -45.77 0.36 8.27
N ARG B 441 -44.54 0.65 8.66
CA ARG B 441 -44.20 1.95 9.22
C ARG B 441 -43.37 2.79 8.25
N ALA B 442 -43.72 4.07 8.13
CA ALA B 442 -42.96 5.00 7.32
C ALA B 442 -42.23 6.00 8.21
N ASN B 443 -40.91 6.06 8.05
CA ASN B 443 -40.09 7.00 8.81
C ASN B 443 -40.24 8.40 8.25
N GLY B 444 -40.55 8.49 6.97
CA GLY B 444 -40.80 9.75 6.30
C GLY B 444 -42.01 9.65 5.39
N GLU B 445 -42.75 10.75 5.26
CA GLU B 445 -43.99 10.72 4.50
C GLU B 445 -43.79 10.59 3.00
N GLU B 446 -42.55 10.80 2.54
CA GLU B 446 -42.24 10.66 1.12
C GLU B 446 -42.24 9.19 0.69
N ASN B 447 -42.48 8.30 1.65
CA ASN B 447 -42.45 6.86 1.40
C ASN B 447 -43.77 6.15 1.69
N VAL B 448 -44.74 6.89 2.24
CA VAL B 448 -46.03 6.30 2.60
C VAL B 448 -46.75 5.65 1.41
N ASP B 449 -46.83 6.37 0.30
CA ASP B 449 -47.57 5.88 -0.87
C ASP B 449 -46.98 4.59 -1.43
N GLN B 450 -45.66 4.50 -1.43
CA GLN B 450 -44.98 3.34 -1.99
C GLN B 450 -45.21 2.09 -1.13
N LEU B 451 -45.36 2.27 0.17
CA LEU B 451 -45.68 1.16 1.05
C LEU B 451 -47.06 0.60 0.70
N TYR B 452 -48.01 1.50 0.42
CA TYR B 452 -49.32 1.08 -0.05
C TYR B 452 -49.22 0.37 -1.39
N ALA B 453 -48.47 0.98 -2.31
CA ALA B 453 -48.27 0.41 -3.64
C ALA B 453 -47.59 -0.96 -3.58
N ALA B 454 -46.80 -1.18 -2.54
CA ALA B 454 -46.09 -2.45 -2.37
C ALA B 454 -47.00 -3.57 -1.86
N GLY B 455 -48.14 -3.20 -1.28
CA GLY B 455 -49.12 -4.17 -0.83
C GLY B 455 -49.52 -4.07 0.62
N ALA B 456 -49.14 -2.99 1.29
CA ALA B 456 -49.49 -2.81 2.70
C ALA B 456 -50.96 -2.54 2.89
N ASP B 457 -51.56 -3.13 3.92
CA ASP B 457 -52.98 -2.89 4.21
C ASP B 457 -53.18 -1.57 4.93
N PHE B 458 -52.16 -1.15 5.67
CA PHE B 458 -52.20 0.16 6.31
C PHE B 458 -50.78 0.66 6.57
N VAL B 459 -50.59 1.97 6.50
CA VAL B 459 -49.27 2.56 6.75
C VAL B 459 -49.34 3.58 7.88
N VAL B 460 -48.51 3.41 8.89
CA VAL B 460 -48.41 4.37 9.98
C VAL B 460 -47.20 5.27 9.79
N SER B 461 -47.46 6.57 9.66
CA SER B 461 -46.40 7.53 9.39
C SER B 461 -45.96 8.28 10.64
N ASN B 462 -44.70 8.08 11.05
CA ASN B 462 -44.14 8.79 12.18
C ASN B 462 -44.38 10.29 12.11
N ALA B 463 -44.01 10.89 10.99
CA ALA B 463 -44.08 12.32 10.82
C ALA B 463 -45.48 12.88 11.02
N SER B 464 -46.47 12.28 10.36
CA SER B 464 -47.83 12.80 10.41
C SER B 464 -48.50 12.56 11.77
N VAL B 465 -48.28 11.39 12.36
CA VAL B 465 -48.82 11.11 13.68
C VAL B 465 -48.22 12.07 14.70
N GLY B 466 -46.90 12.16 14.71
CA GLY B 466 -46.21 13.08 15.59
C GLY B 466 -46.67 14.52 15.41
N ALA B 467 -46.69 14.97 14.16
CA ALA B 467 -47.07 16.34 13.86
C ALA B 467 -48.50 16.64 14.25
N ASN B 468 -49.42 15.73 13.93
CA ASN B 468 -50.83 15.91 14.28
C ASN B 468 -51.04 16.04 15.78
N ILE B 469 -50.36 15.19 16.55
CA ILE B 469 -50.50 15.23 17.99
C ILE B 469 -49.96 16.54 18.54
N LEU B 470 -48.67 16.79 18.33
CA LEU B 470 -48.05 18.04 18.79
C LEU B 470 -48.81 19.25 18.27
N GLY B 471 -49.20 19.21 16.99
CA GLY B 471 -49.92 20.30 16.38
C GLY B 471 -51.19 20.63 17.13
N ASN B 472 -52.00 19.61 17.41
CA ASN B 472 -53.24 19.79 18.14
C ASN B 472 -53.01 20.26 19.58
N LEU B 473 -52.00 19.69 20.22
CA LEU B 473 -51.63 20.12 21.56
C LEU B 473 -51.29 21.60 21.57
N LEU B 474 -50.72 22.07 20.46
CA LEU B 474 -50.36 23.48 20.33
C LEU B 474 -51.57 24.38 20.09
N GLU B 475 -52.29 24.16 18.99
CA GLU B 475 -53.44 24.98 18.65
C GLU B 475 -54.46 25.05 19.79
N HIS B 476 -54.68 23.91 20.45
CA HIS B 476 -55.62 23.87 21.57
C HIS B 476 -54.92 24.13 22.90
N LYS B 477 -53.84 24.90 22.86
CA LYS B 477 -53.12 25.25 24.07
C LYS B 477 -53.98 26.09 25.00
N GLU B 478 -54.72 27.04 24.43
CA GLU B 478 -55.58 27.92 25.22
C GLU B 478 -56.60 27.10 26.01
N SER B 479 -56.75 25.83 25.64
CA SER B 479 -57.65 24.93 26.35
C SER B 479 -56.97 23.57 26.55
N ALA B 480 -55.64 23.55 26.49
CA ALA B 480 -54.88 22.33 26.67
C ALA B 480 -54.66 22.05 28.15
N PHE B 481 -53.90 22.93 28.80
CA PHE B 481 -53.71 22.84 30.24
C PHE B 481 -55.02 23.01 30.98
N LEU B 482 -55.98 23.66 30.32
CA LEU B 482 -57.34 23.76 30.85
C LEU B 482 -58.00 22.40 30.86
N SER B 483 -58.20 21.82 29.68
CA SER B 483 -58.78 20.49 29.56
C SER B 483 -57.89 19.46 30.25
N GLU B 484 -56.67 19.87 30.57
CA GLU B 484 -55.74 19.05 31.35
C GLU B 484 -56.11 19.10 32.83
N GLY B 485 -56.39 17.93 33.40
CA GLY B 485 -56.84 17.85 34.78
C GLY B 485 -58.34 17.91 34.87
N MET B 486 -58.96 18.47 33.83
CA MET B 486 -60.42 18.55 33.75
C MET B 486 -61.04 17.24 33.27
N ALA B 487 -62.28 17.31 32.82
CA ALA B 487 -63.02 16.11 32.42
C ALA B 487 -63.95 16.36 31.25
N VAL B 488 -64.21 15.31 30.48
CA VAL B 488 -65.23 15.35 29.44
C VAL B 488 -66.40 14.45 29.82
N PHE B 489 -67.61 15.00 29.82
CA PHE B 489 -68.79 14.23 30.21
C PHE B 489 -69.95 14.42 29.25
N ARG B 490 -70.93 13.52 29.33
CA ARG B 490 -72.10 13.58 28.47
C ARG B 490 -73.36 13.72 29.31
N ARG B 491 -74.30 14.54 28.84
CA ARG B 491 -75.55 14.77 29.56
C ARG B 491 -76.75 14.79 28.62
N PRO B 492 -77.78 13.99 28.93
CA PRO B 492 -79.05 14.03 28.20
C PRO B 492 -79.71 15.40 28.36
N LEU B 493 -79.76 16.17 27.27
CA LEU B 493 -80.35 17.50 27.30
C LEU B 493 -81.69 17.51 28.02
N PRO B 494 -81.78 18.27 29.13
CA PRO B 494 -83.02 18.38 29.91
C PRO B 494 -84.16 18.95 29.09
N PRO B 495 -85.31 18.26 29.07
CA PRO B 495 -86.49 18.66 28.31
C PRO B 495 -86.93 20.10 28.59
N ALA B 496 -86.35 20.72 29.61
CA ALA B 496 -86.68 22.09 29.97
C ALA B 496 -86.13 23.10 28.96
N MET B 497 -85.00 22.78 28.36
CA MET B 497 -84.37 23.66 27.38
C MET B 497 -84.70 23.22 25.96
N ALA B 498 -85.81 22.50 25.80
CA ALA B 498 -86.22 22.01 24.49
C ALA B 498 -86.72 23.13 23.59
N GLY B 499 -85.80 23.75 22.86
CA GLY B 499 -86.14 24.82 21.94
C GLY B 499 -85.37 26.11 22.20
N LYS B 500 -84.51 26.08 23.21
CA LYS B 500 -83.73 27.26 23.58
C LYS B 500 -82.36 27.24 22.93
N THR B 501 -81.80 28.44 22.70
CA THR B 501 -80.50 28.59 22.06
C THR B 501 -79.37 28.52 23.09
N ILE B 502 -78.21 28.01 22.67
CA ILE B 502 -77.06 27.87 23.56
C ILE B 502 -76.73 29.17 24.29
N ALA B 503 -76.75 30.28 23.55
CA ALA B 503 -76.49 31.58 24.14
C ALA B 503 -77.63 32.02 25.06
N GLU B 504 -78.83 31.49 24.79
CA GLU B 504 -80.01 31.84 25.58
C GLU B 504 -80.07 31.05 26.90
N THR B 505 -79.59 29.82 26.87
CA THR B 505 -79.60 28.97 28.06
C THR B 505 -78.62 29.47 29.11
N ARG B 506 -77.57 30.16 28.66
CA ARG B 506 -76.52 30.63 29.55
C ARG B 506 -76.03 29.48 30.43
N LEU B 507 -75.51 28.44 29.79
CA LEU B 507 -75.06 27.24 30.49
C LEU B 507 -73.72 27.44 31.18
N ARG B 508 -72.75 27.99 30.46
CA ARG B 508 -71.41 28.20 31.00
C ARG B 508 -71.35 29.16 32.19
N PRO B 509 -72.02 30.32 32.09
CA PRO B 509 -71.99 31.27 33.21
C PRO B 509 -72.51 30.69 34.51
N LEU B 510 -73.36 29.66 34.41
CA LEU B 510 -73.93 29.03 35.59
C LEU B 510 -73.03 27.92 36.12
N THR B 511 -72.79 26.91 35.29
CA THR B 511 -72.00 25.74 35.68
C THR B 511 -70.51 25.97 35.51
N GLY B 512 -70.09 26.34 34.32
CA GLY B 512 -68.69 26.59 34.03
C GLY B 512 -68.16 25.68 32.94
N CYS B 513 -68.96 24.69 32.56
CA CYS B 513 -68.57 23.75 31.51
C CYS B 513 -68.75 24.37 30.12
N SER B 514 -68.57 23.56 29.09
CA SER B 514 -68.69 24.05 27.71
C SER B 514 -69.22 22.96 26.78
N ILE B 515 -70.16 23.32 25.92
CA ILE B 515 -70.74 22.39 24.96
C ILE B 515 -69.77 22.10 23.81
N VAL B 516 -69.34 20.85 23.71
CA VAL B 516 -68.38 20.44 22.69
C VAL B 516 -69.05 19.60 21.61
N ALA B 517 -70.30 19.20 21.85
CA ALA B 517 -71.04 18.40 20.89
C ALA B 517 -72.53 18.33 21.21
N ILE B 518 -73.34 18.19 20.17
CA ILE B 518 -74.79 18.00 20.31
C ILE B 518 -75.28 17.01 19.26
N GLU B 519 -75.69 15.83 19.70
CA GLU B 519 -76.17 14.79 18.78
C GLU B 519 -77.68 14.58 18.90
N ALA B 520 -78.31 14.30 17.76
CA ALA B 520 -79.75 14.08 17.72
C ALA B 520 -80.14 12.78 18.42
N PRO B 521 -81.38 12.72 18.94
CA PRO B 521 -81.93 11.56 19.64
C PRO B 521 -81.86 10.29 18.80
N ASP B 522 -82.33 10.38 17.56
CA ASP B 522 -82.32 9.24 16.65
C ASP B 522 -81.50 9.50 15.39
N ARG B 523 -80.18 9.62 15.57
CA ARG B 523 -79.27 9.91 14.47
C ARG B 523 -77.83 9.67 14.88
N ALA B 524 -77.02 9.20 13.93
CA ALA B 524 -75.58 9.09 14.15
C ALA B 524 -74.95 10.45 13.85
N ASP B 525 -75.79 11.40 13.45
CA ASP B 525 -75.35 12.75 13.13
C ASP B 525 -75.10 13.55 14.39
N ILE B 526 -73.87 14.05 14.53
CA ILE B 526 -73.48 14.82 15.70
C ILE B 526 -72.92 16.17 15.30
N LEU B 527 -73.22 17.19 16.10
CA LEU B 527 -72.71 18.54 15.85
C LEU B 527 -71.57 18.87 16.82
N ILE B 528 -70.35 18.95 16.30
CA ILE B 528 -69.19 19.21 17.13
C ILE B 528 -68.88 20.70 17.23
N SER B 529 -68.55 21.15 18.44
CA SER B 529 -68.30 22.56 18.72
C SER B 529 -69.41 23.46 18.18
N PRO B 530 -70.65 23.24 18.65
CA PRO B 530 -71.82 23.98 18.17
C PRO B 530 -71.70 25.47 18.47
N PRO B 531 -72.18 26.32 17.55
CA PRO B 531 -72.18 27.78 17.75
C PRO B 531 -73.29 28.20 18.72
N PRO B 532 -73.04 29.25 19.51
CA PRO B 532 -74.00 29.78 20.48
C PRO B 532 -75.41 29.93 19.92
N GLU B 533 -75.52 30.21 18.62
CA GLU B 533 -76.82 30.41 17.98
C GLU B 533 -77.61 29.10 17.80
N THR B 534 -76.91 27.97 17.85
CA THR B 534 -77.53 26.67 17.70
C THR B 534 -78.79 26.53 18.57
N ILE B 535 -79.92 26.22 17.93
CA ILE B 535 -81.16 25.99 18.66
C ILE B 535 -81.25 24.55 19.15
N LEU B 536 -81.30 24.38 20.46
CA LEU B 536 -81.37 23.05 21.07
C LEU B 536 -82.73 22.41 20.81
N ALA B 537 -82.77 21.08 20.83
CA ALA B 537 -83.99 20.34 20.54
C ALA B 537 -84.39 19.45 21.71
N GLU B 538 -85.31 18.52 21.44
CA GLU B 538 -85.78 17.59 22.45
C GLU B 538 -85.19 16.20 22.27
N GLY B 539 -84.66 15.63 23.35
CA GLY B 539 -84.05 14.32 23.30
C GLY B 539 -82.58 14.36 22.91
N ALA B 540 -82.11 15.54 22.51
CA ALA B 540 -80.73 15.73 22.11
C ALA B 540 -79.77 15.35 23.24
N ARG B 541 -78.57 14.92 22.88
CA ARG B 541 -77.58 14.48 23.85
C ARG B 541 -76.35 15.37 23.81
N LEU B 542 -76.10 16.07 24.92
CA LEU B 542 -75.00 17.01 25.01
C LEU B 542 -73.70 16.36 25.50
N ILE B 543 -72.58 16.81 24.97
CA ILE B 543 -71.27 16.34 25.42
C ILE B 543 -70.42 17.53 25.87
N LEU B 544 -70.27 17.68 27.18
CA LEU B 544 -69.60 18.84 27.74
C LEU B 544 -68.22 18.53 28.33
N ILE B 545 -67.45 19.57 28.59
CA ILE B 545 -66.12 19.42 29.19
C ILE B 545 -65.90 20.50 30.25
N GLY B 546 -65.24 20.13 31.33
CA GLY B 546 -64.97 21.05 32.42
C GLY B 546 -64.28 20.38 33.58
N THR B 547 -64.04 21.15 34.64
CA THR B 547 -63.36 20.62 35.83
C THR B 547 -64.18 19.51 36.47
N SER B 548 -63.49 18.58 37.15
CA SER B 548 -64.17 17.52 37.88
C SER B 548 -64.92 18.07 39.08
N GLU B 549 -65.06 19.39 39.11
CA GLU B 549 -65.78 20.08 40.17
C GLU B 549 -67.05 20.68 39.59
N GLN B 550 -66.97 21.13 38.34
CA GLN B 550 -68.10 21.74 37.67
C GLN B 550 -69.08 20.70 37.13
N GLU B 551 -68.59 19.47 36.97
CA GLU B 551 -69.43 18.38 36.48
C GLU B 551 -70.43 17.98 37.56
N LYS B 552 -70.01 18.12 38.81
CA LYS B 552 -70.89 17.85 39.95
C LYS B 552 -71.73 19.08 40.25
N THR B 553 -71.15 20.25 40.01
CA THR B 553 -71.86 21.51 40.16
C THR B 553 -72.64 21.81 38.89
N PHE B 554 -72.87 20.78 38.09
CA PHE B 554 -73.65 20.92 36.86
C PHE B 554 -75.12 20.63 37.10
N ASP B 555 -75.45 19.36 37.26
CA ASP B 555 -76.83 18.94 37.49
C ASP B 555 -77.40 19.66 38.72
N GLN B 556 -76.51 20.23 39.53
CA GLN B 556 -76.89 20.99 40.71
C GLN B 556 -77.24 22.43 40.35
N THR B 557 -76.28 23.13 39.74
CA THR B 557 -76.46 24.54 39.41
C THR B 557 -77.54 24.75 38.35
N ILE B 558 -77.67 23.78 37.44
CA ILE B 558 -78.60 23.90 36.34
C ILE B 558 -80.06 23.75 36.78
N ALA B 559 -80.30 22.79 37.67
CA ALA B 559 -81.65 22.54 38.18
C ALA B 559 -82.03 23.61 39.21
N ALA B 560 -81.03 24.20 39.84
CA ALA B 560 -81.26 25.24 40.84
C ALA B 560 -81.70 26.55 40.20
N ARG B 561 -80.82 27.13 39.38
CA ARG B 561 -81.12 28.38 38.70
C ARG B 561 -80.68 28.33 37.24
N ASN C 16 49.98 -3.09 -35.55
CA ASN C 16 49.62 -2.52 -36.84
C ASN C 16 49.10 -1.09 -36.75
N LEU C 17 48.81 -0.65 -35.53
CA LEU C 17 48.34 0.71 -35.30
C LEU C 17 49.44 1.72 -35.65
N LYS C 18 50.69 1.28 -35.54
CA LYS C 18 51.82 2.14 -35.86
C LYS C 18 52.12 2.15 -37.36
N VAL C 19 52.03 0.98 -37.99
CA VAL C 19 52.21 0.87 -39.43
C VAL C 19 51.22 1.78 -40.15
N LEU C 20 50.17 2.16 -39.43
CA LEU C 20 49.13 3.03 -39.98
C LEU C 20 49.60 4.49 -40.04
N LEU C 21 49.84 5.10 -38.87
CA LEU C 21 50.21 6.50 -38.83
C LEU C 21 51.60 6.76 -39.40
N LEU C 22 52.41 5.70 -39.49
CA LEU C 22 53.68 5.80 -40.18
C LEU C 22 53.42 6.08 -41.66
N TYR C 23 52.28 5.59 -42.14
CA TYR C 23 51.89 5.80 -43.53
C TYR C 23 51.26 7.17 -43.71
N CYS C 24 50.48 7.60 -42.72
CA CYS C 24 49.88 8.93 -42.74
C CYS C 24 50.96 10.00 -42.68
N ALA C 25 52.06 9.69 -42.02
CA ALA C 25 53.20 10.60 -41.95
C ALA C 25 53.86 10.72 -43.32
N PHE C 26 53.95 9.59 -44.02
CA PHE C 26 54.50 9.57 -45.38
C PHE C 26 53.64 10.41 -46.32
N LEU C 27 52.32 10.22 -46.24
CA LEU C 27 51.38 11.00 -47.04
C LEU C 27 51.56 12.48 -46.80
N LEU C 28 51.56 12.87 -45.53
CA LEU C 28 51.73 14.27 -45.15
C LEU C 28 53.03 14.84 -45.71
N VAL C 29 54.11 14.07 -45.60
CA VAL C 29 55.39 14.49 -46.16
C VAL C 29 55.26 14.68 -47.67
N MET C 30 54.49 13.78 -48.29
CA MET C 30 54.28 13.81 -49.73
C MET C 30 53.50 15.05 -50.13
N LEU C 31 52.49 15.39 -49.33
CA LEU C 31 51.68 16.58 -49.55
C LEU C 31 52.54 17.84 -49.53
N LEU C 32 53.30 18.02 -48.46
CA LEU C 32 54.16 19.18 -48.31
C LEU C 32 55.23 19.26 -49.39
N ALA C 33 55.80 18.11 -49.74
CA ALA C 33 56.84 18.06 -50.75
C ALA C 33 56.30 18.48 -52.12
N TYR C 34 55.21 17.85 -52.54
CA TYR C 34 54.58 18.19 -53.81
C TYR C 34 54.12 19.65 -53.83
N ALA C 35 53.50 20.10 -52.75
CA ALA C 35 53.04 21.48 -52.65
C ALA C 35 54.21 22.44 -52.83
N SER C 36 55.35 22.12 -52.21
CA SER C 36 56.54 22.94 -52.35
C SER C 36 57.05 22.92 -53.79
N ILE C 37 57.08 21.74 -54.39
CA ILE C 37 57.52 21.60 -55.77
C ILE C 37 56.58 22.33 -56.72
N PHE C 38 55.30 22.33 -56.38
CA PHE C 38 54.30 23.02 -57.19
C PHE C 38 54.57 24.52 -57.27
N ARG C 39 54.84 25.13 -56.12
CA ARG C 39 55.14 26.55 -56.06
C ARG C 39 56.44 26.87 -56.79
N TYR C 40 57.38 25.94 -56.73
CA TYR C 40 58.69 26.14 -57.36
C TYR C 40 58.57 26.10 -58.88
N LEU C 41 57.85 25.10 -59.39
CA LEU C 41 57.67 24.95 -60.84
C LEU C 41 56.82 26.07 -61.40
N MET C 42 55.79 26.47 -60.66
CA MET C 42 54.91 27.54 -61.12
C MET C 42 55.67 28.85 -61.31
N TRP C 43 56.65 29.10 -60.46
CA TRP C 43 57.44 30.31 -60.55
C TRP C 43 58.50 30.26 -61.65
N HIS C 44 59.29 29.18 -61.65
CA HIS C 44 60.42 29.07 -62.57
C HIS C 44 60.05 28.64 -63.98
N LEU C 45 58.86 28.06 -64.13
CA LEU C 45 58.42 27.61 -65.45
C LEU C 45 57.45 28.58 -66.12
N GLU C 46 56.62 29.23 -65.32
CA GLU C 46 55.55 30.06 -65.87
C GLU C 46 55.46 31.46 -65.26
N GLY C 47 56.39 31.79 -64.37
CA GLY C 47 56.43 33.10 -63.77
C GLY C 47 55.19 33.42 -62.96
N ARG C 48 54.65 32.42 -62.28
CA ARG C 48 53.47 32.59 -61.45
C ARG C 48 53.80 32.37 -59.98
N ALA C 49 53.29 33.24 -59.12
CA ALA C 49 53.52 33.12 -57.68
C ALA C 49 52.27 32.64 -56.95
N TYR C 50 52.40 31.51 -56.27
CA TYR C 50 51.30 30.96 -55.48
C TYR C 50 51.68 30.82 -54.02
N SER C 51 50.73 31.08 -53.14
CA SER C 51 50.96 30.97 -51.70
C SER C 51 51.09 29.52 -51.28
N PHE C 52 51.66 29.30 -50.10
CA PHE C 52 51.78 27.95 -49.56
C PHE C 52 50.42 27.26 -49.49
N MET C 53 49.42 27.94 -48.95
CA MET C 53 48.08 27.39 -48.87
C MET C 53 47.53 26.97 -50.23
N ALA C 54 47.75 27.81 -51.24
CA ALA C 54 47.30 27.48 -52.60
C ALA C 54 47.97 26.20 -53.08
N GLY C 55 49.20 25.97 -52.63
CA GLY C 55 49.94 24.77 -52.99
C GLY C 55 49.36 23.52 -52.34
N ILE C 56 49.10 23.62 -51.04
CA ILE C 56 48.43 22.53 -50.31
C ILE C 56 47.10 22.23 -50.96
N TYR C 57 46.35 23.29 -51.26
CA TYR C 57 45.05 23.22 -51.90
C TYR C 57 45.11 22.53 -53.26
N TRP C 58 46.05 22.95 -54.10
CA TRP C 58 46.21 22.35 -55.42
C TRP C 58 46.52 20.85 -55.30
N THR C 59 47.48 20.52 -54.45
CA THR C 59 47.93 19.15 -54.29
C THR C 59 46.81 18.23 -53.81
N ILE C 60 46.10 18.65 -52.77
CA ILE C 60 44.95 17.88 -52.28
C ILE C 60 43.91 17.73 -53.39
N THR C 61 43.70 18.80 -54.15
CA THR C 61 42.76 18.79 -55.26
C THR C 61 43.14 17.74 -56.30
N VAL C 62 44.44 17.55 -56.51
CA VAL C 62 44.95 16.62 -57.51
C VAL C 62 45.04 15.19 -57.00
N MET C 63 45.75 14.99 -55.89
CA MET C 63 45.91 13.66 -55.31
C MET C 63 44.57 13.03 -54.96
N THR C 64 43.63 13.88 -54.61
CA THR C 64 42.31 13.42 -54.20
C THR C 64 41.44 13.21 -55.44
N THR C 65 42.00 13.57 -56.60
CA THR C 65 41.32 13.44 -57.88
C THR C 65 40.13 14.35 -58.07
N LEU C 66 39.94 15.26 -57.15
CA LEU C 66 38.83 16.22 -57.22
C LEU C 66 38.92 17.08 -58.48
N GLY C 67 40.11 17.57 -58.78
CA GLY C 67 40.41 18.32 -59.99
C GLY C 67 39.64 19.58 -60.36
N PHE C 68 39.54 20.56 -59.48
CA PHE C 68 38.80 21.80 -59.79
C PHE C 68 39.11 22.45 -61.16
N GLY C 69 40.35 22.38 -61.59
CA GLY C 69 40.78 23.00 -62.82
C GLY C 69 41.03 24.49 -62.73
N ASP C 70 40.72 25.09 -61.58
CA ASP C 70 40.90 26.53 -61.40
C ASP C 70 42.37 26.92 -61.45
N ILE C 71 43.26 25.96 -61.21
CA ILE C 71 44.69 26.19 -61.26
C ILE C 71 45.38 25.07 -62.04
N THR C 72 45.89 25.40 -63.22
CA THR C 72 46.53 24.41 -64.07
C THR C 72 47.80 24.97 -64.71
N PHE C 73 48.68 24.09 -65.15
CA PHE C 73 49.88 24.48 -65.89
C PHE C 73 49.55 24.66 -67.36
N GLU C 74 50.53 25.16 -68.12
CA GLU C 74 50.35 25.40 -69.55
C GLU C 74 51.57 24.92 -70.32
N SER C 75 52.55 24.42 -69.60
CA SER C 75 53.81 23.99 -70.19
C SER C 75 54.01 22.49 -70.01
N ASP C 76 54.73 21.88 -70.95
CA ASP C 76 54.94 20.44 -70.93
C ASP C 76 55.50 19.95 -69.59
N ALA C 77 56.52 20.64 -69.08
CA ALA C 77 57.12 20.24 -67.81
C ALA C 77 56.08 20.23 -66.70
N GLY C 78 55.17 21.20 -66.72
CA GLY C 78 54.10 21.27 -65.75
C GLY C 78 53.11 20.14 -65.92
N TYR C 79 52.79 19.84 -67.17
CA TYR C 79 51.92 18.71 -67.48
C TYR C 79 52.51 17.42 -66.93
N LEU C 80 53.82 17.29 -67.04
CA LEU C 80 54.54 16.13 -66.52
C LEU C 80 54.33 16.03 -65.01
N PHE C 81 54.64 17.11 -64.31
CA PHE C 81 54.49 17.17 -62.86
C PHE C 81 53.07 16.83 -62.44
N ALA C 82 52.10 17.56 -63.01
CA ALA C 82 50.69 17.35 -62.67
C ALA C 82 50.28 15.89 -62.90
N SER C 83 50.79 15.30 -63.97
CA SER C 83 50.54 13.89 -64.26
C SER C 83 51.14 13.01 -63.16
N ILE C 84 52.38 13.30 -62.78
CA ILE C 84 53.06 12.53 -61.74
C ILE C 84 52.30 12.60 -60.42
N VAL C 85 51.90 13.80 -60.03
CA VAL C 85 51.16 13.97 -58.79
C VAL C 85 49.84 13.26 -58.87
N THR C 86 49.19 13.34 -60.03
CA THR C 86 47.91 12.67 -60.26
C THR C 86 48.00 11.16 -60.04
N VAL C 87 49.00 10.52 -60.68
CA VAL C 87 49.20 9.10 -60.55
C VAL C 87 49.61 8.73 -59.13
N SER C 88 50.44 9.57 -58.52
CA SER C 88 50.85 9.37 -57.13
C SER C 88 49.62 9.22 -56.23
N GLY C 89 48.62 10.07 -56.44
CA GLY C 89 47.42 10.05 -55.63
C GLY C 89 46.61 8.78 -55.83
N VAL C 90 46.65 8.24 -57.04
CA VAL C 90 45.93 7.01 -57.34
C VAL C 90 46.62 5.84 -56.66
N ILE C 91 47.93 5.77 -56.80
CA ILE C 91 48.71 4.70 -56.19
C ILE C 91 48.60 4.69 -54.66
N PHE C 92 48.77 5.85 -54.05
CA PHE C 92 48.86 5.94 -52.59
C PHE C 92 47.51 6.07 -51.87
N LEU C 93 46.48 6.50 -52.58
CA LEU C 93 45.18 6.69 -51.96
C LEU C 93 44.11 5.72 -52.47
N ASP C 94 44.33 5.16 -53.66
CA ASP C 94 43.38 4.25 -54.27
C ASP C 94 43.86 2.80 -54.30
N ILE C 95 45.17 2.60 -54.08
CA ILE C 95 45.74 1.27 -54.16
C ILE C 95 46.40 0.85 -52.85
N ILE C 96 47.53 1.47 -52.53
CA ILE C 96 48.28 1.15 -51.33
C ILE C 96 47.39 1.16 -50.09
N LEU C 97 46.50 2.14 -49.99
CA LEU C 97 45.69 2.31 -48.79
C LEU C 97 44.71 1.16 -48.55
N PRO C 98 43.79 0.92 -49.50
CA PRO C 98 42.83 -0.17 -49.31
C PRO C 98 43.50 -1.54 -49.27
N PHE C 99 44.43 -1.78 -50.18
CA PHE C 99 45.21 -3.02 -50.17
C PHE C 99 45.91 -3.20 -48.84
N GLY C 100 46.56 -2.15 -48.37
CA GLY C 100 47.22 -2.18 -47.08
C GLY C 100 46.26 -2.56 -45.98
N PHE C 101 45.14 -1.85 -45.91
CA PHE C 101 44.09 -2.14 -44.94
C PHE C 101 43.66 -3.60 -45.00
N VAL C 102 43.63 -4.15 -46.21
CA VAL C 102 43.24 -5.54 -46.41
C VAL C 102 44.29 -6.50 -45.86
N SER C 103 45.55 -6.18 -46.09
CA SER C 103 46.64 -7.02 -45.62
C SER C 103 47.04 -6.68 -44.18
N MET C 104 46.49 -5.57 -43.67
CA MET C 104 46.82 -5.11 -42.33
C MET C 104 46.02 -5.84 -41.26
N PHE C 105 44.71 -5.63 -41.26
CA PHE C 105 43.87 -6.28 -40.24
C PHE C 105 42.64 -6.98 -40.82
N LEU C 106 42.73 -7.39 -42.07
CA LEU C 106 41.71 -8.27 -42.66
C LEU C 106 42.25 -9.69 -42.69
N ALA C 107 43.46 -9.85 -43.23
CA ALA C 107 44.11 -11.14 -43.29
C ALA C 107 44.31 -11.74 -41.90
N PRO C 108 44.84 -10.95 -40.95
CA PRO C 108 45.06 -11.51 -39.61
C PRO C 108 43.75 -11.79 -38.89
N TRP C 109 42.79 -10.88 -38.98
CA TRP C 109 41.50 -11.08 -38.33
C TRP C 109 40.88 -12.41 -38.73
N ILE C 110 40.88 -12.69 -40.03
CA ILE C 110 40.22 -13.88 -40.56
C ILE C 110 40.97 -15.17 -40.22
N GLU C 111 42.29 -15.12 -40.30
CA GLU C 111 43.11 -16.29 -39.98
C GLU C 111 42.94 -16.70 -38.53
N ARG C 112 42.51 -15.76 -37.70
CA ARG C 112 42.35 -16.02 -36.27
C ARG C 112 40.90 -16.27 -35.91
N ARG C 113 39.98 -15.76 -36.73
CA ARG C 113 38.56 -15.90 -36.47
C ARG C 113 37.98 -17.13 -37.17
N LEU C 114 38.53 -17.46 -38.33
CA LEU C 114 38.04 -18.59 -39.13
C LEU C 114 38.73 -19.89 -38.75
N ARG C 115 40.05 -19.88 -38.72
CA ARG C 115 40.82 -21.06 -38.33
C ARG C 115 41.54 -20.80 -37.02
N TYR C 116 41.41 -21.72 -36.08
CA TYR C 116 42.07 -21.59 -34.79
C TYR C 116 43.58 -21.67 -34.92
N HIS C 117 44.27 -20.71 -34.33
CA HIS C 117 45.73 -20.73 -34.26
C HIS C 117 46.17 -20.89 -32.81
N PRO C 118 46.70 -22.06 -32.46
CA PRO C 118 47.08 -22.39 -31.08
C PRO C 118 48.22 -21.50 -30.59
N THR C 119 48.08 -20.96 -29.39
CA THR C 119 49.19 -20.27 -28.75
C THR C 119 50.20 -21.33 -28.35
N ILE C 120 51.41 -21.21 -28.87
CA ILE C 120 52.42 -22.25 -28.71
C ILE C 120 53.50 -21.81 -27.73
N GLU C 121 53.41 -20.56 -27.27
CA GLU C 121 54.47 -19.95 -26.47
C GLU C 121 53.94 -18.76 -25.68
N LEU C 122 54.71 -18.32 -24.69
CA LEU C 122 54.38 -17.11 -23.94
C LEU C 122 55.47 -16.06 -24.13
N PRO C 123 55.06 -14.78 -24.19
CA PRO C 123 56.00 -13.66 -24.39
C PRO C 123 57.14 -13.69 -23.38
N ASP C 124 58.31 -13.23 -23.79
CA ASP C 124 59.50 -13.24 -22.94
C ASP C 124 59.23 -12.65 -21.56
N ASP C 125 58.54 -11.52 -21.53
CA ASP C 125 58.36 -10.75 -20.30
C ASP C 125 57.44 -11.42 -19.27
N THR C 126 56.71 -12.43 -19.70
CA THR C 126 55.72 -13.08 -18.83
C THR C 126 56.34 -13.63 -17.56
N ARG C 127 55.72 -13.29 -16.42
CA ARG C 127 56.18 -13.79 -15.12
C ARG C 127 55.14 -13.52 -14.03
N GLY C 128 55.13 -14.37 -13.01
CA GLY C 128 54.18 -14.26 -11.92
C GLY C 128 52.92 -15.07 -12.19
N HIS C 129 52.96 -15.88 -13.25
CA HIS C 129 51.79 -16.64 -13.67
C HIS C 129 51.71 -18.01 -13.00
N ILE C 130 50.58 -18.68 -13.23
CA ILE C 130 50.33 -19.99 -12.65
C ILE C 130 50.03 -21.01 -13.74
N LEU C 131 51.01 -21.88 -14.01
CA LEU C 131 50.82 -22.95 -14.99
C LEU C 131 49.93 -24.06 -14.44
N ILE C 132 49.00 -24.53 -15.26
CA ILE C 132 48.14 -25.64 -14.87
C ILE C 132 48.16 -26.73 -15.92
N PHE C 133 48.69 -27.89 -15.54
CA PHE C 133 48.80 -29.02 -16.47
C PHE C 133 47.76 -30.08 -16.15
N GLY C 134 46.82 -30.28 -17.08
CA GLY C 134 45.74 -31.22 -16.88
C GLY C 134 44.48 -30.50 -16.41
N ILE C 135 43.69 -30.02 -17.36
CA ILE C 135 42.46 -29.29 -17.04
C ILE C 135 41.33 -30.25 -16.70
N ASP C 136 40.60 -29.94 -15.64
CA ASP C 136 39.45 -30.73 -15.22
C ASP C 136 38.60 -29.86 -14.29
N PRO C 137 37.35 -30.28 -14.03
CA PRO C 137 36.44 -29.48 -13.20
C PRO C 137 37.13 -28.85 -11.99
N ILE C 138 37.98 -29.61 -11.32
CA ILE C 138 38.70 -29.12 -10.15
C ILE C 138 39.47 -27.84 -10.46
N THR C 139 40.44 -27.95 -11.37
CA THR C 139 41.29 -26.80 -11.71
C THR C 139 40.53 -25.74 -12.48
N ARG C 140 39.47 -26.13 -13.17
CA ARG C 140 38.63 -25.17 -13.88
C ARG C 140 37.87 -24.33 -12.87
N THR C 141 37.51 -24.94 -11.75
CA THR C 141 36.84 -24.25 -10.65
C THR C 141 37.84 -23.41 -9.88
N LEU C 142 39.07 -23.92 -9.77
CA LEU C 142 40.16 -23.20 -9.11
C LEU C 142 40.42 -21.89 -9.84
N ILE C 143 40.45 -21.96 -11.17
CA ILE C 143 40.67 -20.77 -12.00
C ILE C 143 39.53 -19.78 -11.84
N ARG C 144 38.31 -20.29 -11.67
CA ARG C 144 37.14 -19.43 -11.56
C ARG C 144 37.15 -18.57 -10.30
N LYS C 145 37.45 -19.18 -9.16
CA LYS C 145 37.35 -18.48 -7.88
C LYS C 145 38.61 -17.69 -7.52
N LEU C 146 39.75 -18.13 -8.03
CA LEU C 146 41.03 -17.52 -7.69
C LEU C 146 41.35 -16.33 -8.59
N GLU C 147 40.62 -16.19 -9.69
CA GLU C 147 40.84 -15.07 -10.59
C GLU C 147 40.02 -13.85 -10.16
N SER C 148 39.33 -13.98 -9.02
CA SER C 148 38.64 -12.85 -8.43
C SER C 148 39.59 -11.66 -8.46
N ARG C 149 40.78 -11.86 -7.91
CA ARG C 149 41.89 -10.96 -8.16
C ARG C 149 42.67 -11.49 -9.35
N ASN C 150 43.35 -10.61 -10.07
CA ASN C 150 44.00 -11.01 -11.31
C ASN C 150 45.24 -11.88 -11.11
N HIS C 151 45.02 -13.18 -11.15
CA HIS C 151 46.11 -14.15 -11.26
C HIS C 151 46.08 -14.70 -12.68
N LEU C 152 47.20 -14.57 -13.39
CA LEU C 152 47.25 -15.07 -14.76
C LEU C 152 47.38 -16.59 -14.79
N PHE C 153 46.23 -17.27 -14.87
CA PHE C 153 46.21 -18.72 -15.00
C PHE C 153 46.42 -19.13 -16.45
N VAL C 154 47.45 -19.93 -16.69
CA VAL C 154 47.67 -20.48 -18.02
C VAL C 154 47.53 -21.99 -17.97
N VAL C 155 46.53 -22.53 -18.65
CA VAL C 155 46.40 -23.98 -18.72
C VAL C 155 47.16 -24.51 -19.94
N VAL C 156 47.71 -25.71 -19.82
CA VAL C 156 48.52 -26.29 -20.88
C VAL C 156 47.94 -27.64 -21.27
N THR C 157 47.91 -27.92 -22.56
CA THR C 157 47.34 -29.16 -23.06
C THR C 157 48.02 -29.60 -24.34
N ASP C 158 48.16 -30.91 -24.51
CA ASP C 158 48.76 -31.47 -25.72
C ASP C 158 47.68 -31.97 -26.67
N ASN C 159 46.43 -31.67 -26.34
CA ASN C 159 45.29 -32.07 -27.15
C ASN C 159 44.75 -30.88 -27.94
N TYR C 160 44.90 -30.94 -29.27
CA TYR C 160 44.50 -29.83 -30.12
C TYR C 160 43.04 -29.45 -29.94
N ASP C 161 42.14 -30.42 -30.08
CA ASP C 161 40.72 -30.17 -29.98
C ASP C 161 40.34 -29.57 -28.63
N GLN C 162 41.06 -29.97 -27.59
CA GLN C 162 40.82 -29.45 -26.25
C GLN C 162 41.25 -28.00 -26.16
N ALA C 163 42.35 -27.66 -26.83
CA ALA C 163 42.84 -26.29 -26.85
C ALA C 163 41.80 -25.32 -27.41
N LEU C 164 41.05 -25.77 -28.40
CA LEU C 164 39.98 -24.95 -28.98
C LEU C 164 38.88 -24.68 -27.96
N HIS C 165 38.28 -25.74 -27.44
CA HIS C 165 37.14 -25.63 -26.55
C HIS C 165 37.45 -24.78 -25.32
N LEU C 166 38.73 -24.57 -25.04
CA LEU C 166 39.14 -23.79 -23.89
C LEU C 166 39.30 -22.31 -24.23
N GLU C 167 39.73 -22.02 -25.47
CA GLU C 167 39.97 -20.66 -25.90
C GLU C 167 38.73 -19.77 -25.87
N GLU C 168 37.57 -20.37 -26.13
CA GLU C 168 36.32 -19.62 -26.22
C GLU C 168 35.77 -19.19 -24.86
N GLN C 169 35.83 -20.08 -23.88
CA GLN C 169 35.41 -19.74 -22.53
C GLN C 169 36.60 -19.20 -21.75
N GLU C 170 37.32 -18.29 -22.39
CA GLU C 170 38.62 -17.84 -21.88
C GLU C 170 38.54 -16.92 -20.67
N GLY C 171 38.86 -17.48 -19.50
CA GLY C 171 39.13 -16.72 -18.30
C GLY C 171 40.54 -17.08 -17.88
N PHE C 172 41.33 -17.52 -18.87
CA PHE C 172 42.65 -18.06 -18.64
C PHE C 172 43.30 -18.38 -19.98
N LYS C 173 44.52 -17.90 -20.21
CA LYS C 173 45.20 -18.17 -21.45
C LYS C 173 45.47 -19.67 -21.62
N VAL C 174 45.36 -20.15 -22.85
CA VAL C 174 45.57 -21.57 -23.14
C VAL C 174 46.75 -21.79 -24.07
N VAL C 175 47.65 -22.69 -23.68
CA VAL C 175 48.83 -22.98 -24.49
C VAL C 175 48.84 -24.42 -24.98
N TYR C 176 49.16 -24.60 -26.26
CA TYR C 176 49.15 -25.92 -26.88
C TYR C 176 50.56 -26.45 -27.05
N GLY C 177 50.84 -27.60 -26.42
CA GLY C 177 52.16 -28.20 -26.50
C GLY C 177 52.34 -29.36 -25.53
N SER C 178 53.37 -30.16 -25.75
CA SER C 178 53.65 -31.32 -24.91
C SER C 178 54.16 -30.90 -23.53
N PRO C 179 53.38 -31.21 -22.49
CA PRO C 179 53.64 -30.78 -21.11
C PRO C 179 55.03 -31.17 -20.63
N THR C 180 55.55 -32.29 -21.13
CA THR C 180 56.83 -32.81 -20.66
C THR C 180 57.99 -32.52 -21.62
N ASP C 181 57.91 -31.42 -22.35
CA ASP C 181 59.00 -31.03 -23.24
C ASP C 181 59.69 -29.77 -22.72
N ALA C 182 60.98 -29.87 -22.44
CA ALA C 182 61.74 -28.76 -21.88
C ALA C 182 61.62 -27.49 -22.73
N HIS C 183 61.72 -27.65 -24.05
CA HIS C 183 61.59 -26.51 -24.95
C HIS C 183 60.26 -25.81 -24.77
N VAL C 184 59.20 -26.61 -24.59
CA VAL C 184 57.86 -26.06 -24.38
C VAL C 184 57.78 -25.35 -23.03
N LEU C 185 58.32 -25.99 -21.99
CA LEU C 185 58.27 -25.40 -20.65
C LEU C 185 59.00 -24.07 -20.60
N ALA C 186 60.13 -23.96 -21.30
CA ALA C 186 60.88 -22.71 -21.36
C ALA C 186 60.06 -21.63 -22.03
N GLY C 187 59.31 -22.03 -23.07
CA GLY C 187 58.41 -21.13 -23.75
C GLY C 187 57.29 -20.67 -22.84
N LEU C 188 57.02 -21.46 -21.79
CA LEU C 188 56.03 -21.10 -20.79
C LEU C 188 56.65 -20.28 -19.66
N ARG C 189 57.96 -20.03 -19.78
CA ARG C 189 58.70 -19.26 -18.79
C ARG C 189 58.52 -19.79 -17.38
N VAL C 190 58.59 -21.11 -17.22
CA VAL C 190 58.40 -21.75 -15.92
C VAL C 190 59.27 -21.13 -14.84
N ALA C 191 60.52 -20.80 -15.19
CA ALA C 191 61.44 -20.20 -14.24
C ALA C 191 60.86 -18.95 -13.58
N ALA C 192 60.14 -18.16 -14.37
CA ALA C 192 59.59 -16.90 -13.89
C ALA C 192 58.18 -17.08 -13.33
N ALA C 193 57.63 -18.28 -13.48
CA ALA C 193 56.28 -18.56 -13.01
C ALA C 193 56.20 -18.50 -11.49
N ARG C 194 55.05 -18.09 -10.98
CA ARG C 194 54.83 -18.04 -9.54
C ARG C 194 54.73 -19.45 -8.99
N SER C 195 53.93 -20.27 -9.67
CA SER C 195 53.65 -21.61 -9.19
C SER C 195 53.16 -22.52 -10.32
N ILE C 196 53.30 -23.81 -10.12
CA ILE C 196 52.90 -24.80 -11.12
C ILE C 196 52.00 -25.85 -10.50
N ILE C 197 50.85 -26.11 -11.11
CA ILE C 197 49.97 -27.18 -10.66
C ILE C 197 50.03 -28.37 -11.60
N ALA C 198 50.52 -29.50 -11.09
CA ALA C 198 50.67 -30.71 -11.88
C ALA C 198 49.47 -31.63 -11.68
N ASN C 199 48.56 -31.63 -12.64
CA ASN C 199 47.34 -32.41 -12.52
C ASN C 199 47.20 -33.43 -13.64
N LEU C 200 48.30 -34.08 -13.99
CA LEU C 200 48.28 -35.14 -15.00
C LEU C 200 48.25 -36.48 -14.32
N SER C 201 48.35 -37.56 -15.10
CA SER C 201 48.52 -38.88 -14.52
C SER C 201 49.80 -38.88 -13.69
N ASP C 202 49.93 -39.84 -12.79
CA ASP C 202 51.09 -39.84 -11.89
C ASP C 202 52.43 -39.99 -12.64
N PRO C 203 52.51 -40.91 -13.60
CA PRO C 203 53.74 -40.96 -14.41
C PRO C 203 54.02 -39.64 -15.12
N ASP C 204 53.03 -39.11 -15.83
CA ASP C 204 53.18 -37.82 -16.50
C ASP C 204 53.63 -36.73 -15.52
N ASN C 205 52.98 -36.68 -14.36
CA ASN C 205 53.37 -35.73 -13.32
C ASN C 205 54.86 -35.84 -12.96
N ALA C 206 55.33 -37.07 -12.77
CA ALA C 206 56.73 -37.29 -12.40
C ALA C 206 57.66 -36.78 -13.48
N ASN C 207 57.34 -37.09 -14.72
CA ASN C 207 58.09 -36.58 -15.85
C ASN C 207 58.08 -35.06 -15.85
N LEU C 208 56.91 -34.49 -15.59
CA LEU C 208 56.74 -33.03 -15.55
C LEU C 208 57.63 -32.37 -14.49
N CYS C 209 57.60 -32.90 -13.28
CA CYS C 209 58.40 -32.37 -12.18
C CYS C 209 59.90 -32.44 -12.47
N LEU C 210 60.36 -33.61 -12.93
CA LEU C 210 61.78 -33.79 -13.23
C LEU C 210 62.24 -32.81 -14.29
N THR C 211 61.39 -32.59 -15.30
CA THR C 211 61.74 -31.68 -16.40
C THR C 211 61.77 -30.25 -15.92
N VAL C 212 60.75 -29.85 -15.16
CA VAL C 212 60.72 -28.52 -14.57
C VAL C 212 61.96 -28.26 -13.73
N ARG C 213 62.32 -29.23 -12.91
CA ARG C 213 63.48 -29.09 -12.02
C ARG C 213 64.81 -29.02 -12.78
N SER C 214 64.80 -29.41 -14.04
CA SER C 214 66.00 -29.30 -14.87
C SER C 214 66.13 -27.89 -15.41
N LEU C 215 65.13 -27.05 -15.15
CA LEU C 215 65.11 -25.70 -15.68
C LEU C 215 65.03 -24.65 -14.58
N CYS C 216 64.37 -24.99 -13.47
CA CYS C 216 64.13 -24.01 -12.43
C CYS C 216 63.76 -24.66 -11.09
N GLN C 217 63.46 -23.81 -10.11
CA GLN C 217 63.07 -24.26 -8.79
C GLN C 217 61.65 -23.79 -8.45
N THR C 218 60.92 -23.36 -9.47
CA THR C 218 59.55 -22.93 -9.30
C THR C 218 58.71 -23.97 -8.57
N PRO C 219 58.00 -23.56 -7.51
CA PRO C 219 57.25 -24.50 -6.68
C PRO C 219 56.18 -25.26 -7.47
N ILE C 220 56.00 -26.53 -7.12
CA ILE C 220 55.03 -27.38 -7.80
C ILE C 220 54.07 -28.04 -6.81
N ILE C 221 52.78 -27.94 -7.10
CA ILE C 221 51.76 -28.68 -6.37
C ILE C 221 51.26 -29.78 -7.28
N ALA C 222 51.42 -31.02 -6.86
CA ALA C 222 51.01 -32.16 -7.67
C ALA C 222 49.82 -32.88 -7.04
N VAL C 223 48.79 -33.12 -7.84
CA VAL C 223 47.64 -33.90 -7.39
C VAL C 223 47.90 -35.36 -7.73
N VAL C 224 48.02 -36.20 -6.70
CA VAL C 224 48.40 -37.59 -6.89
C VAL C 224 47.19 -38.54 -6.82
N LYS C 225 47.03 -39.36 -7.85
CA LYS C 225 45.88 -40.26 -7.95
C LYS C 225 45.99 -41.39 -6.94
N GLU C 226 47.17 -42.00 -6.84
CA GLU C 226 47.40 -43.08 -5.91
C GLU C 226 48.34 -42.61 -4.79
N PRO C 227 47.77 -42.39 -3.59
CA PRO C 227 48.50 -41.89 -2.42
C PRO C 227 49.86 -42.57 -2.21
N VAL C 228 49.99 -43.82 -2.63
CA VAL C 228 51.26 -44.53 -2.50
C VAL C 228 52.35 -43.86 -3.33
N HIS C 229 51.93 -43.13 -4.36
CA HIS C 229 52.84 -42.47 -5.30
C HIS C 229 53.36 -41.13 -4.77
N GLY C 230 52.71 -40.60 -3.75
CA GLY C 230 53.08 -39.31 -3.17
C GLY C 230 54.56 -39.16 -2.89
N GLU C 231 55.19 -40.21 -2.35
CA GLU C 231 56.62 -40.16 -2.05
C GLU C 231 57.43 -39.95 -3.32
N LEU C 232 57.12 -40.73 -4.36
CA LEU C 232 57.83 -40.65 -5.64
C LEU C 232 57.69 -39.27 -6.28
N LEU C 233 56.51 -38.69 -6.19
CA LEU C 233 56.27 -37.35 -6.75
C LEU C 233 57.07 -36.29 -6.01
N ARG C 234 57.32 -36.51 -4.72
CA ARG C 234 58.19 -35.62 -3.95
C ARG C 234 59.63 -35.80 -4.38
N LEU C 235 60.04 -37.06 -4.60
CA LEU C 235 61.35 -37.35 -5.14
C LEU C 235 61.53 -36.66 -6.48
N ALA C 236 60.50 -36.71 -7.31
CA ALA C 236 60.56 -36.15 -8.65
C ALA C 236 60.69 -34.63 -8.62
N GLY C 237 60.24 -34.01 -7.53
CA GLY C 237 60.44 -32.58 -7.35
C GLY C 237 59.28 -31.76 -6.84
N ALA C 238 58.13 -32.40 -6.58
CA ALA C 238 56.96 -31.67 -6.10
C ALA C 238 57.15 -31.13 -4.68
N ASN C 239 56.76 -29.87 -4.48
CA ASN C 239 56.87 -29.23 -3.19
C ASN C 239 55.77 -29.69 -2.25
N GLN C 240 54.58 -29.86 -2.81
CA GLN C 240 53.43 -30.34 -2.06
C GLN C 240 52.66 -31.35 -2.89
N VAL C 241 52.16 -32.38 -2.22
CA VAL C 241 51.40 -33.43 -2.88
C VAL C 241 50.01 -33.49 -2.29
N VAL C 242 48.99 -33.50 -3.14
CA VAL C 242 47.62 -33.56 -2.67
C VAL C 242 46.90 -34.80 -3.17
N PRO C 243 46.68 -35.77 -2.26
CA PRO C 243 45.89 -36.98 -2.58
C PRO C 243 44.40 -36.62 -2.59
N LEU C 244 43.98 -35.97 -3.68
CA LEU C 244 42.62 -35.46 -3.81
C LEU C 244 41.56 -36.54 -3.59
N THR C 245 41.68 -37.65 -4.33
CA THR C 245 40.69 -38.72 -4.28
C THR C 245 40.59 -39.38 -2.90
N ARG C 246 41.70 -39.43 -2.18
CA ARG C 246 41.69 -39.96 -0.83
C ARG C 246 40.91 -39.03 0.08
N ILE C 247 41.17 -37.74 -0.07
CA ILE C 247 40.51 -36.72 0.75
C ILE C 247 39.00 -36.71 0.50
N LEU C 248 38.61 -36.79 -0.76
CA LEU C 248 37.20 -36.83 -1.11
C LEU C 248 36.52 -38.06 -0.51
N GLY C 249 37.21 -39.19 -0.57
CA GLY C 249 36.68 -40.41 0.02
C GLY C 249 36.47 -40.24 1.52
N ARG C 250 37.44 -39.62 2.17
CA ARG C 250 37.37 -39.35 3.60
C ARG C 250 36.13 -38.54 3.97
N TYR C 251 35.88 -37.48 3.22
CA TYR C 251 34.75 -36.61 3.52
C TYR C 251 33.38 -37.25 3.24
N LEU C 252 33.35 -38.26 2.39
CA LEU C 252 32.13 -39.03 2.18
C LEU C 252 31.86 -39.95 3.38
N GLY C 253 32.90 -40.57 3.89
CA GLY C 253 32.77 -41.50 4.99
C GLY C 253 32.44 -40.80 6.30
N ILE C 254 33.05 -39.64 6.51
CA ILE C 254 32.82 -38.85 7.71
C ILE C 254 31.35 -38.47 7.89
N ARG C 255 30.69 -38.17 6.77
CA ARG C 255 29.28 -37.77 6.79
C ARG C 255 28.33 -38.97 6.76
N ALA C 256 28.87 -40.17 6.51
CA ALA C 256 28.05 -41.34 6.25
C ALA C 256 27.59 -42.09 7.51
N THR C 257 28.35 -42.01 8.58
CA THR C 257 27.95 -42.68 9.83
C THR C 257 26.67 -42.05 10.37
N THR C 258 25.93 -42.82 11.16
CA THR C 258 24.66 -42.35 11.72
C THR C 258 24.87 -41.23 12.73
N CYS C 259 25.93 -41.33 13.51
CA CYS C 259 26.30 -40.26 14.44
C CYS C 259 27.66 -39.72 14.09
N GLY C 260 27.79 -38.40 14.08
CA GLY C 260 29.07 -37.76 13.87
C GLY C 260 30.12 -38.33 14.80
N ALA C 261 31.34 -38.43 14.30
CA ALA C 261 32.44 -38.99 15.08
C ALA C 261 33.74 -38.29 14.73
N LEU C 262 34.58 -38.09 15.73
CA LEU C 262 35.86 -37.44 15.53
C LEU C 262 36.64 -38.07 14.40
N ALA C 263 37.27 -37.23 13.58
CA ALA C 263 38.11 -37.71 12.51
C ALA C 263 39.43 -36.95 12.56
N HIS C 264 40.49 -37.69 12.86
CA HIS C 264 41.81 -37.11 13.07
C HIS C 264 42.33 -36.41 11.82
N ILE C 265 42.96 -35.26 12.01
CA ILE C 265 43.50 -34.49 10.89
C ILE C 265 45.02 -34.41 10.93
N LEU C 266 45.57 -34.00 12.07
CA LEU C 266 47.01 -33.81 12.20
C LEU C 266 47.53 -34.25 13.56
N ASP C 267 48.67 -34.92 13.56
CA ASP C 267 49.37 -35.29 14.78
C ASP C 267 50.69 -34.53 14.82
N SER C 268 50.72 -33.44 15.59
CA SER C 268 51.92 -32.61 15.64
C SER C 268 52.86 -33.03 16.76
N PHE C 269 53.70 -34.01 16.47
CA PHE C 269 54.72 -34.47 17.42
C PHE C 269 54.13 -35.04 18.71
N GLY C 270 52.97 -35.70 18.59
CA GLY C 270 52.33 -36.37 19.72
C GLY C 270 51.84 -35.43 20.80
N ASN C 271 51.69 -34.15 20.46
CA ASN C 271 51.25 -33.13 21.40
C ASN C 271 49.90 -32.53 21.04
N LEU C 272 49.91 -31.42 20.32
CA LEU C 272 48.65 -30.81 19.89
C LEU C 272 48.03 -31.58 18.75
N GLN C 273 46.79 -32.01 18.92
CA GLN C 273 46.07 -32.75 17.87
C GLN C 273 45.06 -31.83 17.19
N ILE C 274 44.89 -32.02 15.88
CA ILE C 274 43.84 -31.32 15.15
C ILE C 274 42.86 -32.34 14.58
N ALA C 275 41.58 -32.16 14.88
CA ALA C 275 40.56 -33.09 14.40
C ALA C 275 39.31 -32.33 13.94
N GLU C 276 38.39 -33.05 13.31
CA GLU C 276 37.11 -32.46 12.92
C GLU C 276 35.94 -33.35 13.31
N LEU C 277 34.78 -32.74 13.46
CA LEU C 277 33.60 -33.45 13.93
C LEU C 277 32.33 -32.99 13.22
N PRO C 278 31.77 -33.84 12.35
CA PRO C 278 30.45 -33.57 11.80
C PRO C 278 29.40 -33.66 12.91
N VAL C 279 28.52 -32.68 12.97
CA VAL C 279 27.59 -32.52 14.08
C VAL C 279 26.36 -33.45 14.05
N HIS C 280 25.98 -33.88 12.84
CA HIS C 280 24.79 -34.73 12.72
C HIS C 280 24.84 -35.88 13.71
N GLY C 281 23.68 -36.25 14.24
CA GLY C 281 23.56 -37.38 15.15
C GLY C 281 24.00 -37.08 16.57
N THR C 282 25.00 -36.21 16.71
CA THR C 282 25.54 -35.86 18.02
C THR C 282 24.55 -35.07 18.86
N PRO C 283 24.79 -34.99 20.18
CA PRO C 283 23.98 -34.17 21.07
C PRO C 283 24.25 -32.67 20.93
N PHE C 284 25.05 -32.28 19.95
CA PHE C 284 25.34 -30.87 19.72
C PHE C 284 24.46 -30.30 18.62
N ALA C 285 23.78 -31.19 17.89
CA ALA C 285 22.92 -30.77 16.79
C ALA C 285 21.69 -30.01 17.29
N GLY C 286 21.57 -28.76 16.87
CA GLY C 286 20.44 -27.93 17.24
C GLY C 286 20.77 -26.95 18.35
N LYS C 287 21.86 -27.21 19.07
CA LYS C 287 22.27 -26.35 20.17
C LYS C 287 23.23 -25.27 19.69
N THR C 288 23.57 -24.35 20.60
CA THR C 288 24.56 -23.31 20.28
C THR C 288 25.92 -23.74 20.81
N ILE C 289 26.98 -23.17 20.25
CA ILE C 289 28.33 -23.49 20.70
C ILE C 289 28.46 -23.29 22.21
N GLY C 290 27.93 -22.20 22.72
CA GLY C 290 27.99 -21.90 24.14
C GLY C 290 27.15 -22.87 24.95
N GLU C 291 25.97 -23.19 24.42
CA GLU C 291 25.05 -24.09 25.09
C GLU C 291 25.56 -25.53 25.07
N SER C 292 26.50 -25.83 24.18
CA SER C 292 27.08 -27.16 24.10
C SER C 292 28.30 -27.30 25.01
N GLY C 293 28.92 -26.17 25.33
CA GLY C 293 30.01 -26.12 26.29
C GLY C 293 31.18 -27.05 25.98
N ILE C 294 31.50 -27.19 24.70
CA ILE C 294 32.59 -28.05 24.27
C ILE C 294 33.89 -27.73 25.01
N ARG C 295 34.25 -26.45 25.04
CA ARG C 295 35.52 -26.03 25.62
C ARG C 295 35.50 -26.09 27.15
N GLN C 296 34.35 -25.76 27.74
CA GLN C 296 34.22 -25.77 29.19
C GLN C 296 34.41 -27.17 29.78
N ARG C 297 33.89 -28.17 29.10
CA ARG C 297 33.83 -29.51 29.66
C ARG C 297 34.94 -30.42 29.15
N THR C 298 35.79 -29.90 28.28
CA THR C 298 36.80 -30.74 27.62
C THR C 298 38.17 -30.09 27.57
N GLY C 299 38.20 -28.77 27.39
CA GLY C 299 39.46 -28.06 27.27
C GLY C 299 39.88 -27.89 25.82
N LEU C 300 39.12 -28.49 24.91
CA LEU C 300 39.42 -28.38 23.48
C LEU C 300 39.34 -26.94 23.00
N SER C 301 40.08 -26.66 21.92
CA SER C 301 39.98 -25.39 21.24
C SER C 301 39.17 -25.57 19.97
N ILE C 302 38.00 -24.93 19.91
CA ILE C 302 37.25 -24.89 18.67
C ILE C 302 37.79 -23.75 17.83
N ILE C 303 38.50 -24.10 16.76
CA ILE C 303 39.19 -23.10 15.96
C ILE C 303 38.44 -22.74 14.67
N GLY C 304 37.35 -23.45 14.40
CA GLY C 304 36.58 -23.17 13.21
C GLY C 304 35.25 -23.89 13.13
N VAL C 305 34.30 -23.28 12.43
CA VAL C 305 33.02 -23.89 12.17
C VAL C 305 32.78 -23.90 10.67
N TRP C 306 32.44 -25.07 10.14
CA TRP C 306 32.24 -25.25 8.71
C TRP C 306 30.78 -25.48 8.40
N GLU C 307 30.14 -24.49 7.80
CA GLU C 307 28.71 -24.53 7.52
C GLU C 307 28.41 -23.97 6.14
N ARG C 308 27.89 -24.81 5.25
CA ARG C 308 27.55 -24.38 3.90
C ARG C 308 28.72 -23.79 3.14
N GLY C 309 29.90 -24.39 3.27
CA GLY C 309 31.04 -24.03 2.46
C GLY C 309 31.83 -22.82 2.92
N SER C 310 31.49 -22.31 4.10
CA SER C 310 32.21 -21.17 4.66
C SER C 310 32.75 -21.48 6.05
N LEU C 311 34.00 -21.09 6.27
CA LEU C 311 34.69 -21.37 7.52
C LEU C 311 34.67 -20.13 8.43
N THR C 312 33.84 -20.17 9.46
CA THR C 312 33.75 -19.05 10.38
C THR C 312 34.35 -19.38 11.74
N THR C 313 34.73 -18.34 12.47
CA THR C 313 35.18 -18.46 13.83
C THR C 313 33.98 -18.64 14.74
N PRO C 314 34.11 -19.49 15.77
CA PRO C 314 32.99 -19.80 16.68
C PRO C 314 32.61 -18.63 17.59
N GLN C 315 31.31 -18.49 17.83
CA GLN C 315 30.79 -17.55 18.81
C GLN C 315 29.91 -18.33 19.78
N ARG C 316 29.59 -17.73 20.92
CA ARG C 316 28.81 -18.44 21.94
C ARG C 316 27.41 -18.78 21.43
N GLU C 317 26.81 -17.86 20.68
CA GLU C 317 25.41 -17.97 20.27
C GLU C 317 25.18 -18.50 18.85
N THR C 318 26.25 -18.92 18.17
CA THR C 318 26.10 -19.52 16.85
C THR C 318 25.52 -20.93 16.96
N VAL C 319 24.50 -21.20 16.14
CA VAL C 319 23.79 -22.46 16.22
C VAL C 319 24.42 -23.52 15.34
N LEU C 320 24.60 -24.71 15.89
CA LEU C 320 25.14 -25.83 15.15
C LEU C 320 24.01 -26.69 14.58
N THR C 321 23.99 -26.85 13.26
CA THR C 321 22.98 -27.69 12.62
C THR C 321 23.55 -29.07 12.31
N GLU C 322 22.67 -29.97 11.88
CA GLU C 322 23.07 -31.33 11.50
C GLU C 322 24.18 -31.31 10.45
N GLN C 323 24.26 -30.20 9.71
CA GLN C 323 25.21 -30.07 8.61
C GLN C 323 26.56 -29.53 9.07
N SER C 324 26.58 -28.89 10.23
CA SER C 324 27.78 -28.22 10.73
C SER C 324 28.93 -29.19 10.98
N LEU C 325 30.15 -28.70 10.78
CA LEU C 325 31.34 -29.47 11.10
C LEU C 325 32.29 -28.62 11.94
N LEU C 326 32.77 -29.18 13.04
CA LEU C 326 33.67 -28.46 13.94
C LEU C 326 35.13 -28.81 13.67
N VAL C 327 36.00 -27.80 13.76
CA VAL C 327 37.44 -28.02 13.65
C VAL C 327 38.05 -27.81 15.03
N LEU C 328 38.66 -28.86 15.56
CA LEU C 328 39.09 -28.88 16.96
C LEU C 328 40.60 -29.05 17.11
N ALA C 329 41.15 -28.43 18.16
CA ALA C 329 42.55 -28.59 18.50
C ALA C 329 42.70 -28.84 19.99
N GLY C 330 43.58 -29.77 20.34
CA GLY C 330 43.79 -30.14 21.73
C GLY C 330 44.56 -31.43 21.87
N THR C 331 44.65 -31.94 23.09
CA THR C 331 45.37 -33.17 23.36
C THR C 331 44.51 -34.40 23.10
N LYS C 332 45.14 -35.56 23.07
CA LYS C 332 44.43 -36.82 22.85
C LYS C 332 43.45 -37.09 23.98
N SER C 333 43.78 -36.65 25.18
CA SER C 333 42.90 -36.82 26.33
C SER C 333 41.64 -36.00 26.17
N GLN C 334 41.79 -34.77 25.67
CA GLN C 334 40.65 -33.89 25.47
C GLN C 334 39.72 -34.42 24.38
N LEU C 335 40.29 -34.86 23.26
CA LEU C 335 39.49 -35.48 22.21
C LEU C 335 38.72 -36.67 22.75
N ALA C 336 39.37 -37.43 23.63
CA ALA C 336 38.74 -38.61 24.24
C ALA C 336 37.54 -38.20 25.08
N ALA C 337 37.67 -37.08 25.79
CA ALA C 337 36.59 -36.58 26.63
C ALA C 337 35.41 -36.15 25.78
N LEU C 338 35.70 -35.63 24.60
CA LEU C 338 34.66 -35.23 23.66
C LEU C 338 33.93 -36.48 23.16
N GLU C 339 34.71 -37.48 22.80
CA GLU C 339 34.16 -38.74 22.31
C GLU C 339 33.13 -39.32 23.29
N TYR C 340 33.44 -39.23 24.57
CA TYR C 340 32.54 -39.73 25.61
C TYR C 340 31.23 -38.93 25.66
N LEU C 341 31.31 -37.62 25.45
CA LEU C 341 30.12 -36.78 25.41
C LEU C 341 29.24 -37.09 24.20
N ILE C 342 29.87 -37.45 23.09
CA ILE C 342 29.17 -37.76 21.85
C ILE C 342 28.20 -38.93 22.06
N GLY C 343 28.54 -39.81 22.99
CA GLY C 343 27.75 -41.00 23.26
C GLY C 343 28.17 -42.14 22.36
N GLU C 344 27.72 -43.36 22.69
CA GLU C 344 28.02 -44.52 21.88
C GLU C 344 27.29 -44.45 20.55
N ALA C 345 27.91 -44.99 19.50
CA ALA C 345 27.26 -45.07 18.20
C ALA C 345 26.29 -46.25 18.19
N PRO C 346 25.23 -46.14 17.38
CA PRO C 346 24.28 -47.25 17.21
C PRO C 346 25.04 -48.53 16.90
N GLU C 347 24.38 -49.68 17.03
CA GLU C 347 25.07 -50.96 16.87
C GLU C 347 25.07 -51.48 15.44
N ASP C 348 23.90 -51.84 14.93
CA ASP C 348 23.80 -52.40 13.58
C ASP C 348 24.05 -51.34 12.51
N GLU C 349 25.32 -50.95 12.37
CA GLU C 349 25.72 -49.92 11.44
C GLU C 349 26.25 -50.57 10.16
N LEU C 350 25.53 -50.36 9.06
CA LEU C 350 25.94 -50.94 7.78
C LEU C 350 25.87 -49.88 6.69
N ILE C 351 27.01 -49.64 6.03
CA ILE C 351 27.07 -48.58 5.02
C ILE C 351 27.30 -49.12 3.61
N PHE C 352 26.33 -48.85 2.74
CA PHE C 352 26.45 -49.22 1.33
C PHE C 352 27.19 -48.14 0.56
N ILE C 353 28.24 -48.54 -0.15
CA ILE C 353 28.97 -47.61 -1.01
C ILE C 353 28.75 -47.96 -2.47
N ILE C 354 27.96 -47.15 -3.16
CA ILE C 354 27.72 -47.37 -4.58
C ILE C 354 28.77 -46.64 -5.42
N GLY C 355 29.55 -47.41 -6.16
CA GLY C 355 30.65 -46.88 -6.93
C GLY C 355 31.97 -47.23 -6.28
N HIS C 356 32.80 -47.98 -6.99
CA HIS C 356 34.09 -48.41 -6.43
C HIS C 356 35.27 -47.89 -7.27
N GLY C 357 35.20 -46.63 -7.68
CA GLY C 357 36.34 -45.95 -8.27
C GLY C 357 37.33 -45.59 -7.18
N ARG C 358 38.29 -44.73 -7.50
CA ARG C 358 39.30 -44.34 -6.52
C ARG C 358 38.68 -43.71 -5.27
N ILE C 359 37.69 -42.84 -5.47
CA ILE C 359 37.05 -42.14 -4.36
C ILE C 359 36.23 -43.07 -3.47
N GLY C 360 35.30 -43.81 -4.08
CA GLY C 360 34.53 -44.80 -3.34
C GLY C 360 35.45 -45.75 -2.59
N CYS C 361 36.57 -46.09 -3.23
CA CYS C 361 37.57 -46.97 -2.63
C CYS C 361 38.15 -46.32 -1.39
N ALA C 362 38.45 -45.03 -1.48
CA ALA C 362 38.98 -44.30 -0.34
C ALA C 362 37.96 -44.23 0.81
N ALA C 363 36.70 -44.00 0.46
CA ALA C 363 35.64 -43.96 1.45
C ALA C 363 35.57 -45.29 2.20
N ALA C 364 35.76 -46.38 1.46
CA ALA C 364 35.74 -47.71 2.04
C ALA C 364 36.93 -47.89 2.97
N ALA C 365 38.09 -47.43 2.53
CA ALA C 365 39.31 -47.50 3.34
C ALA C 365 39.15 -46.73 4.64
N PHE C 366 38.50 -45.57 4.57
CA PHE C 366 38.33 -44.73 5.74
C PHE C 366 37.39 -45.40 6.75
N LEU C 367 36.24 -45.86 6.27
CA LEU C 367 35.30 -46.57 7.12
C LEU C 367 35.96 -47.83 7.69
N ASP C 368 36.94 -48.37 6.97
CA ASP C 368 37.62 -49.58 7.39
C ASP C 368 38.52 -49.34 8.61
N ARG C 369 39.13 -48.15 8.68
CA ARG C 369 40.04 -47.83 9.78
C ARG C 369 39.29 -47.69 11.11
N LYS C 370 38.28 -46.82 11.13
CA LYS C 370 37.33 -46.81 12.22
C LYS C 370 36.34 -47.94 11.96
N PRO C 371 36.58 -49.11 12.57
CA PRO C 371 35.82 -50.32 12.20
C PRO C 371 34.31 -50.09 12.09
N VAL C 372 33.86 -49.83 10.87
CA VAL C 372 32.43 -49.74 10.55
C VAL C 372 32.15 -50.59 9.33
N PRO C 373 31.25 -51.58 9.45
CA PRO C 373 31.03 -52.46 8.31
C PRO C 373 30.42 -51.73 7.11
N PHE C 374 30.82 -52.13 5.90
CA PHE C 374 30.35 -51.49 4.68
C PHE C 374 30.25 -52.51 3.55
N ILE C 375 29.57 -52.11 2.47
CA ILE C 375 29.45 -52.96 1.29
C ILE C 375 29.66 -52.16 0.00
N LEU C 376 30.68 -52.55 -0.76
CA LEU C 376 30.98 -51.90 -2.03
C LEU C 376 30.18 -52.51 -3.17
N ILE C 377 29.59 -51.65 -4.00
CA ILE C 377 28.85 -52.10 -5.17
C ILE C 377 29.35 -51.40 -6.43
N ASP C 378 29.64 -52.18 -7.47
CA ASP C 378 30.07 -51.61 -8.75
C ASP C 378 29.79 -52.59 -9.89
N ARG C 379 29.94 -52.11 -11.12
CA ARG C 379 29.62 -52.90 -12.30
C ARG C 379 30.80 -53.72 -12.80
N GLN C 380 32.00 -53.16 -12.71
CA GLN C 380 33.20 -53.86 -13.18
C GLN C 380 34.21 -54.07 -12.07
N GLU C 381 35.21 -54.89 -12.33
CA GLU C 381 36.30 -55.09 -11.39
C GLU C 381 37.24 -53.90 -11.44
N SER C 382 37.75 -53.50 -10.27
CA SER C 382 38.70 -52.39 -10.19
C SER C 382 40.05 -52.80 -10.78
N PRO C 383 40.55 -51.99 -11.73
CA PRO C 383 41.85 -52.26 -12.35
C PRO C 383 43.01 -51.84 -11.43
N VAL C 384 42.71 -51.15 -10.34
CA VAL C 384 43.75 -50.59 -9.49
C VAL C 384 43.67 -51.03 -8.03
N CYS C 385 42.60 -51.73 -7.67
CA CYS C 385 42.41 -52.15 -6.28
C CYS C 385 42.20 -53.66 -6.13
N ASN C 386 42.92 -54.25 -5.19
CA ASN C 386 42.84 -55.68 -4.93
C ASN C 386 42.57 -56.01 -3.47
N ASP C 387 42.37 -54.98 -2.66
CA ASP C 387 42.23 -55.15 -1.22
C ASP C 387 40.77 -55.12 -0.78
N HIS C 388 39.87 -54.88 -1.72
CA HIS C 388 38.45 -54.76 -1.39
C HIS C 388 37.60 -55.82 -2.07
N VAL C 389 36.67 -56.39 -1.32
CA VAL C 389 35.70 -57.31 -1.89
C VAL C 389 34.47 -56.52 -2.34
N VAL C 390 34.12 -56.66 -3.60
CA VAL C 390 33.06 -55.86 -4.21
C VAL C 390 31.91 -56.72 -4.75
N VAL C 391 30.70 -56.35 -4.39
CA VAL C 391 29.51 -56.98 -4.96
C VAL C 391 29.25 -56.40 -6.35
N TYR C 392 29.29 -57.25 -7.36
CA TYR C 392 29.16 -56.80 -8.74
C TYR C 392 27.72 -56.81 -9.26
N GLY C 393 27.36 -55.75 -9.97
CA GLY C 393 26.03 -55.60 -10.52
C GLY C 393 25.74 -54.14 -10.82
N ASP C 394 24.63 -53.89 -11.52
CA ASP C 394 24.22 -52.52 -11.83
C ASP C 394 23.21 -52.04 -10.78
N ALA C 395 23.68 -51.20 -9.88
CA ALA C 395 22.83 -50.71 -8.78
C ALA C 395 21.57 -50.02 -9.28
N THR C 396 21.58 -49.62 -10.55
CA THR C 396 20.46 -48.90 -11.14
C THR C 396 19.44 -49.84 -11.78
N VAL C 397 19.87 -51.08 -12.03
CA VAL C 397 19.02 -52.05 -12.72
C VAL C 397 18.55 -53.17 -11.79
N GLY C 398 17.24 -53.45 -11.84
CA GLY C 398 16.67 -54.56 -11.10
C GLY C 398 16.74 -54.45 -9.59
N GLN C 399 16.92 -55.58 -8.92
CA GLN C 399 16.93 -55.63 -7.47
C GLN C 399 18.35 -55.73 -6.92
N THR C 400 19.33 -55.34 -7.73
CA THR C 400 20.74 -55.44 -7.33
C THR C 400 21.00 -54.95 -5.91
N LEU C 401 20.31 -53.89 -5.51
CA LEU C 401 20.47 -53.34 -4.16
C LEU C 401 19.72 -54.18 -3.11
N ARG C 402 18.46 -54.49 -3.40
CA ARG C 402 17.65 -55.29 -2.48
C ARG C 402 18.30 -56.64 -2.21
N GLN C 403 18.88 -57.23 -3.24
CA GLN C 403 19.54 -58.53 -3.13
C GLN C 403 20.83 -58.43 -2.32
N ALA C 404 21.47 -57.26 -2.38
CA ALA C 404 22.70 -57.04 -1.63
C ALA C 404 22.40 -56.72 -0.17
N GLY C 405 21.12 -56.59 0.15
CA GLY C 405 20.69 -56.36 1.52
C GLY C 405 20.55 -54.90 1.92
N ILE C 406 20.25 -54.05 0.94
CA ILE C 406 20.14 -52.60 1.19
C ILE C 406 19.10 -52.29 2.25
N ASP C 407 18.20 -53.25 2.50
CA ASP C 407 17.09 -53.05 3.43
C ASP C 407 17.58 -52.81 4.85
N ARG C 408 18.76 -53.33 5.17
CA ARG C 408 19.28 -53.28 6.52
C ARG C 408 20.41 -52.26 6.67
N ALA C 409 20.61 -51.45 5.64
CA ALA C 409 21.66 -50.45 5.65
C ALA C 409 21.29 -49.27 6.55
N SER C 410 22.29 -48.73 7.25
CA SER C 410 22.08 -47.54 8.07
C SER C 410 22.45 -46.30 7.27
N GLY C 411 23.29 -46.48 6.25
CA GLY C 411 23.75 -45.38 5.43
C GLY C 411 24.20 -45.78 4.04
N ILE C 412 24.04 -44.87 3.09
CA ILE C 412 24.44 -45.11 1.71
C ILE C 412 25.34 -43.98 1.23
N ILE C 413 26.45 -44.35 0.58
CA ILE C 413 27.29 -43.36 -0.09
C ILE C 413 27.14 -43.53 -1.60
N VAL C 414 26.73 -42.46 -2.28
CA VAL C 414 26.50 -42.50 -3.72
C VAL C 414 27.65 -41.84 -4.46
N THR C 415 28.54 -42.67 -5.03
CA THR C 415 29.81 -42.18 -5.57
C THR C 415 30.10 -42.59 -7.01
N THR C 416 29.09 -42.56 -7.87
CA THR C 416 29.30 -42.81 -9.29
C THR C 416 29.96 -41.60 -9.95
N ASN C 417 30.67 -41.83 -11.05
CA ASN C 417 31.31 -40.73 -11.78
C ASN C 417 30.32 -39.96 -12.65
N ASP C 418 29.06 -40.37 -12.61
CA ASP C 418 27.99 -39.69 -13.33
C ASP C 418 26.95 -39.20 -12.32
N ASP C 419 26.91 -37.91 -12.06
CA ASP C 419 26.04 -37.40 -10.99
C ASP C 419 24.56 -37.33 -11.35
N SER C 420 24.23 -37.44 -12.64
CA SER C 420 22.85 -37.66 -13.01
C SER C 420 22.40 -39.00 -12.44
N THR C 421 23.32 -39.96 -12.46
CA THR C 421 23.07 -41.27 -11.88
C THR C 421 23.02 -41.19 -10.36
N ASN C 422 23.96 -40.44 -9.78
CA ASN C 422 23.93 -40.16 -8.35
C ASN C 422 22.63 -39.52 -7.89
N ILE C 423 22.08 -38.64 -8.72
CA ILE C 423 20.82 -37.98 -8.41
C ILE C 423 19.70 -39.00 -8.41
N PHE C 424 19.69 -39.88 -9.41
CA PHE C 424 18.67 -40.89 -9.55
C PHE C 424 18.68 -41.84 -8.36
N LEU C 425 19.87 -42.32 -7.99
CA LEU C 425 20.02 -43.22 -6.87
C LEU C 425 19.59 -42.57 -5.56
N THR C 426 19.92 -41.29 -5.39
CA THR C 426 19.53 -40.57 -4.19
C THR C 426 18.02 -40.46 -4.11
N LEU C 427 17.38 -40.10 -5.22
CA LEU C 427 15.93 -40.04 -5.32
C LEU C 427 15.29 -41.35 -4.88
N ALA C 428 15.69 -42.46 -5.51
CA ALA C 428 15.10 -43.76 -5.24
C ALA C 428 15.33 -44.20 -3.80
N CYS C 429 16.58 -44.09 -3.33
CA CYS C 429 16.93 -44.53 -1.99
C CYS C 429 16.13 -43.79 -0.92
N ARG C 430 16.05 -42.47 -1.05
CA ARG C 430 15.31 -41.66 -0.10
C ARG C 430 13.81 -41.99 -0.13
N HIS C 431 13.33 -42.37 -1.31
CA HIS C 431 11.93 -42.69 -1.48
C HIS C 431 11.59 -44.05 -0.88
N LEU C 432 12.51 -44.99 -0.99
CA LEU C 432 12.29 -46.35 -0.52
C LEU C 432 12.79 -46.56 0.91
N HIS C 433 13.69 -45.69 1.36
CA HIS C 433 14.26 -45.82 2.69
C HIS C 433 14.47 -44.44 3.30
N SER C 434 13.38 -43.82 3.73
CA SER C 434 13.40 -42.44 4.21
C SER C 434 14.13 -42.28 5.53
N HIS C 435 14.50 -43.40 6.15
CA HIS C 435 15.15 -43.37 7.45
C HIS C 435 16.67 -43.28 7.35
N ILE C 436 17.24 -44.04 6.43
CA ILE C 436 18.69 -44.15 6.30
C ILE C 436 19.36 -42.84 5.92
N ARG C 437 20.65 -42.75 6.23
CA ARG C 437 21.45 -41.58 5.93
C ARG C 437 22.05 -41.69 4.53
N ILE C 438 21.82 -40.67 3.71
CA ILE C 438 22.29 -40.66 2.33
C ILE C 438 23.33 -39.57 2.09
N VAL C 439 24.55 -39.99 1.77
CA VAL C 439 25.64 -39.06 1.46
C VAL C 439 26.02 -39.18 0.00
N ALA C 440 25.97 -38.07 -0.73
CA ALA C 440 26.20 -38.11 -2.16
C ALA C 440 27.42 -37.33 -2.58
N ARG C 441 27.94 -37.68 -3.75
CA ARG C 441 29.09 -36.99 -4.33
C ARG C 441 28.69 -36.30 -5.62
N ALA C 442 29.04 -35.03 -5.74
CA ALA C 442 28.78 -34.29 -6.97
C ALA C 442 30.06 -34.09 -7.76
N ASN C 443 30.12 -34.68 -8.95
CA ASN C 443 31.27 -34.50 -9.83
C ASN C 443 31.34 -33.04 -10.29
N GLY C 444 30.21 -32.52 -10.74
CA GLY C 444 30.12 -31.12 -11.12
C GLY C 444 29.31 -30.31 -10.12
N GLU C 445 29.75 -29.09 -9.86
CA GLU C 445 29.10 -28.24 -8.85
C GLU C 445 27.71 -27.78 -9.30
N GLU C 446 27.43 -27.89 -10.59
CA GLU C 446 26.12 -27.53 -11.10
C GLU C 446 25.06 -28.61 -10.80
N ASN C 447 25.47 -29.61 -10.03
CA ASN C 447 24.56 -30.70 -9.64
C ASN C 447 24.35 -30.81 -8.14
N VAL C 448 25.15 -30.07 -7.37
CA VAL C 448 25.07 -30.12 -5.91
C VAL C 448 23.66 -29.88 -5.36
N ASP C 449 22.96 -28.90 -5.92
CA ASP C 449 21.64 -28.54 -5.42
C ASP C 449 20.58 -29.61 -5.68
N GLN C 450 20.68 -30.29 -6.82
CA GLN C 450 19.70 -31.32 -7.17
C GLN C 450 19.88 -32.57 -6.32
N LEU C 451 21.09 -32.78 -5.81
CA LEU C 451 21.34 -33.89 -4.90
C LEU C 451 20.63 -33.66 -3.56
N TYR C 452 20.65 -32.42 -3.10
CA TYR C 452 19.94 -32.08 -1.86
C TYR C 452 18.44 -32.14 -2.08
N ALA C 453 17.98 -31.59 -3.21
CA ALA C 453 16.57 -31.67 -3.57
C ALA C 453 16.12 -33.13 -3.66
N ALA C 454 17.01 -33.98 -4.18
CA ALA C 454 16.72 -35.41 -4.29
C ALA C 454 16.53 -36.06 -2.93
N GLY C 455 17.29 -35.60 -1.93
CA GLY C 455 17.12 -36.08 -0.57
C GLY C 455 18.40 -36.43 0.16
N ALA C 456 19.54 -36.04 -0.41
CA ALA C 456 20.82 -36.31 0.23
C ALA C 456 20.93 -35.56 1.55
N ASP C 457 21.50 -36.20 2.56
CA ASP C 457 21.71 -35.54 3.85
C ASP C 457 22.92 -34.63 3.80
N PHE C 458 23.87 -34.97 2.94
CA PHE C 458 25.03 -34.12 2.71
C PHE C 458 25.62 -34.39 1.33
N VAL C 459 26.16 -33.35 0.71
CA VAL C 459 26.74 -33.46 -0.62
C VAL C 459 28.20 -33.05 -0.61
N VAL C 460 29.06 -33.95 -1.06
CA VAL C 460 30.50 -33.66 -1.15
C VAL C 460 30.87 -33.32 -2.59
N SER C 461 31.14 -32.03 -2.81
CA SER C 461 31.45 -31.56 -4.16
C SER C 461 32.94 -31.63 -4.47
N ASN C 462 33.28 -32.41 -5.48
CA ASN C 462 34.67 -32.53 -5.92
C ASN C 462 35.28 -31.18 -6.27
N ALA C 463 34.53 -30.39 -7.03
CA ALA C 463 35.01 -29.09 -7.50
C ALA C 463 35.40 -28.15 -6.37
N SER C 464 34.49 -27.95 -5.43
CA SER C 464 34.73 -27.02 -4.33
C SER C 464 35.80 -27.49 -3.35
N VAL C 465 35.77 -28.78 -3.00
CA VAL C 465 36.80 -29.33 -2.11
C VAL C 465 38.19 -29.17 -2.74
N GLY C 466 38.31 -29.62 -3.98
CA GLY C 466 39.56 -29.52 -4.72
C GLY C 466 40.04 -28.09 -4.87
N ALA C 467 39.13 -27.21 -5.26
CA ALA C 467 39.47 -25.80 -5.42
C ALA C 467 39.91 -25.18 -4.10
N ASN C 468 39.16 -25.46 -3.04
CA ASN C 468 39.49 -24.95 -1.72
C ASN C 468 40.91 -25.30 -1.30
N ILE C 469 41.26 -26.57 -1.45
CA ILE C 469 42.56 -27.06 -1.04
C ILE C 469 43.70 -26.49 -1.88
N LEU C 470 43.59 -26.63 -3.20
CA LEU C 470 44.59 -26.08 -4.10
C LEU C 470 44.69 -24.57 -3.92
N GLY C 471 43.53 -23.91 -3.85
CA GLY C 471 43.49 -22.47 -3.68
C GLY C 471 44.25 -22.02 -2.46
N ASN C 472 43.96 -22.64 -1.31
CA ASN C 472 44.62 -22.31 -0.07
C ASN C 472 46.11 -22.63 -0.10
N LEU C 473 46.46 -23.67 -0.83
CA LEU C 473 47.87 -24.06 -1.00
C LEU C 473 48.62 -23.04 -1.83
N LEU C 474 47.94 -22.40 -2.78
CA LEU C 474 48.55 -21.41 -3.66
C LEU C 474 48.80 -20.08 -2.97
N GLU C 475 47.79 -19.56 -2.29
CA GLU C 475 47.89 -18.26 -1.64
C GLU C 475 48.85 -18.31 -0.44
N HIS C 476 48.85 -19.43 0.27
CA HIS C 476 49.79 -19.63 1.36
C HIS C 476 51.09 -20.22 0.84
N LYS C 477 51.54 -19.73 -0.31
CA LYS C 477 52.75 -20.24 -0.95
C LYS C 477 53.97 -20.16 -0.03
N GLU C 478 54.05 -19.08 0.76
CA GLU C 478 55.17 -18.88 1.66
C GLU C 478 54.92 -19.50 3.02
N SER C 479 53.64 -19.57 3.41
CA SER C 479 53.27 -20.05 4.73
C SER C 479 53.09 -21.58 4.75
N ALA C 480 52.42 -22.12 3.74
CA ALA C 480 52.11 -23.54 3.68
C ALA C 480 53.35 -24.42 3.51
N PHE C 481 54.04 -24.26 2.39
CA PHE C 481 55.22 -25.07 2.10
C PHE C 481 56.26 -24.97 3.21
N LEU C 482 56.28 -23.83 3.88
CA LEU C 482 57.20 -23.59 4.98
C LEU C 482 56.71 -24.28 6.26
N SER C 483 55.39 -24.31 6.43
CA SER C 483 54.79 -25.01 7.56
C SER C 483 55.01 -26.51 7.43
N GLU C 484 55.33 -26.96 6.22
CA GLU C 484 55.66 -28.37 5.99
C GLU C 484 56.95 -28.75 6.70
N GLY C 485 56.82 -29.47 7.80
CA GLY C 485 57.96 -29.86 8.61
C GLY C 485 58.02 -29.05 9.89
N MET C 486 56.88 -28.47 10.28
CA MET C 486 56.81 -27.62 11.46
C MET C 486 55.75 -28.08 12.46
N ALA C 487 55.73 -27.44 13.62
CA ALA C 487 54.87 -27.84 14.72
C ALA C 487 53.78 -26.82 15.03
N VAL C 488 52.66 -27.32 15.55
CA VAL C 488 51.58 -26.47 16.05
C VAL C 488 51.37 -26.83 17.51
N PHE C 489 51.56 -25.85 18.40
CA PHE C 489 51.46 -26.13 19.83
C PHE C 489 50.67 -25.07 20.59
N ARG C 490 50.18 -25.45 21.76
CA ARG C 490 49.32 -24.59 22.56
C ARG C 490 49.97 -24.26 23.90
N ARG C 491 49.99 -22.97 24.24
CA ARG C 491 50.65 -22.51 25.46
C ARG C 491 49.81 -21.49 26.21
N PRO C 492 49.95 -21.46 27.54
CA PRO C 492 49.31 -20.43 28.35
C PRO C 492 50.08 -19.11 28.28
N LEU C 493 49.38 -18.01 28.04
CA LEU C 493 50.00 -16.70 27.96
C LEU C 493 50.78 -16.38 29.23
N PRO C 494 52.11 -16.20 29.09
CA PRO C 494 52.97 -15.88 30.24
C PRO C 494 52.56 -14.55 30.88
N PRO C 495 52.28 -14.56 32.19
CA PRO C 495 51.75 -13.41 32.93
C PRO C 495 52.48 -12.10 32.62
N ALA C 496 53.80 -12.15 32.50
CA ALA C 496 54.59 -10.95 32.24
C ALA C 496 54.38 -10.39 30.84
N MET C 497 53.64 -11.13 30.02
CA MET C 497 53.36 -10.73 28.64
C MET C 497 52.06 -9.93 28.55
N ALA C 498 51.20 -10.09 29.55
CA ALA C 498 49.89 -9.45 29.54
C ALA C 498 49.97 -7.93 29.49
N GLY C 499 49.12 -7.33 28.65
CA GLY C 499 49.08 -5.89 28.51
C GLY C 499 49.92 -5.40 27.35
N LYS C 500 50.92 -6.21 26.98
CA LYS C 500 51.82 -5.86 25.88
C LYS C 500 51.25 -6.31 24.55
N THR C 501 51.70 -5.65 23.48
CA THR C 501 51.33 -6.04 22.13
C THR C 501 52.28 -7.13 21.63
N ILE C 502 51.78 -8.00 20.78
CA ILE C 502 52.59 -9.06 20.20
C ILE C 502 53.94 -8.53 19.71
N ALA C 503 53.91 -7.30 19.18
CA ALA C 503 55.13 -6.67 18.68
C ALA C 503 56.08 -6.31 19.82
N GLU C 504 55.54 -5.70 20.87
CA GLU C 504 56.36 -5.26 22.00
C GLU C 504 57.11 -6.40 22.68
N THR C 505 56.41 -7.50 22.95
CA THR C 505 57.02 -8.64 23.61
C THR C 505 58.08 -9.30 22.74
N ARG C 506 58.14 -8.89 21.48
CA ARG C 506 59.09 -9.46 20.52
C ARG C 506 59.07 -10.99 20.58
N LEU C 507 57.88 -11.57 20.57
CA LEU C 507 57.72 -13.01 20.61
C LEU C 507 58.38 -13.65 19.39
N ARG C 508 58.10 -13.10 18.21
CA ARG C 508 58.66 -13.61 16.96
C ARG C 508 60.18 -13.62 16.94
N PRO C 509 60.81 -12.48 17.30
CA PRO C 509 62.27 -12.41 17.34
C PRO C 509 62.90 -13.45 18.28
N LEU C 510 62.56 -13.38 19.56
CA LEU C 510 63.16 -14.25 20.57
C LEU C 510 63.03 -15.74 20.26
N THR C 511 61.80 -16.20 20.14
CA THR C 511 61.53 -17.64 20.02
C THR C 511 61.50 -18.14 18.58
N GLY C 512 61.23 -17.24 17.65
CA GLY C 512 61.11 -17.59 16.25
C GLY C 512 59.72 -18.11 15.91
N CYS C 513 58.96 -18.43 16.96
CA CYS C 513 57.61 -18.94 16.80
C CYS C 513 56.64 -17.83 16.42
N SER C 514 55.43 -18.22 16.00
CA SER C 514 54.44 -17.25 15.56
C SER C 514 53.07 -17.53 16.14
N ILE C 515 52.40 -16.49 16.63
CA ILE C 515 51.08 -16.63 17.21
C ILE C 515 49.98 -16.75 16.15
N VAL C 516 49.26 -17.86 16.17
CA VAL C 516 48.27 -18.16 15.13
C VAL C 516 46.83 -18.04 15.63
N ALA C 517 46.62 -18.16 16.94
CA ALA C 517 45.29 -18.03 17.52
C ALA C 517 45.32 -17.72 19.01
N ILE C 518 44.43 -16.82 19.44
CA ILE C 518 44.33 -16.44 20.84
C ILE C 518 42.96 -16.76 21.42
N GLU C 519 42.94 -17.19 22.68
CA GLU C 519 41.70 -17.51 23.37
C GLU C 519 41.64 -16.84 24.74
N ALA C 520 40.46 -16.36 25.11
CA ALA C 520 40.26 -15.71 26.40
C ALA C 520 39.65 -16.67 27.41
N PRO C 521 39.91 -16.44 28.71
CA PRO C 521 39.53 -17.33 29.82
C PRO C 521 38.14 -17.98 29.73
N ASP C 522 37.08 -17.19 29.81
CA ASP C 522 35.73 -17.77 29.92
C ASP C 522 34.85 -17.56 28.68
N ARG C 523 35.46 -17.42 27.52
CA ARG C 523 34.70 -17.15 26.31
C ARG C 523 34.71 -18.32 25.34
N ALA C 524 33.77 -18.32 24.39
CA ALA C 524 33.65 -19.40 23.42
C ALA C 524 34.18 -18.98 22.06
N ASP C 525 34.60 -17.73 21.94
CA ASP C 525 35.16 -17.25 20.68
C ASP C 525 36.68 -17.39 20.66
N ILE C 526 37.28 -17.08 19.51
CA ILE C 526 38.71 -17.22 19.33
C ILE C 526 39.20 -16.24 18.27
N LEU C 527 40.44 -15.82 18.38
CA LEU C 527 41.02 -14.86 17.44
C LEU C 527 42.05 -15.54 16.54
N ILE C 528 41.76 -15.58 15.25
CA ILE C 528 42.63 -16.23 14.28
C ILE C 528 43.56 -15.26 13.57
N SER C 529 44.85 -15.53 13.60
CA SER C 529 45.85 -14.70 12.94
C SER C 529 45.86 -13.27 13.48
N PRO C 530 46.19 -13.10 14.76
CA PRO C 530 46.23 -11.79 15.40
C PRO C 530 47.28 -10.88 14.78
N PRO C 531 46.92 -9.63 14.46
CA PRO C 531 47.86 -8.62 13.97
C PRO C 531 48.86 -8.22 15.06
N PRO C 532 50.07 -7.80 14.65
CA PRO C 532 51.20 -7.55 15.55
C PRO C 532 50.94 -6.51 16.64
N GLU C 533 49.92 -5.67 16.45
CA GLU C 533 49.61 -4.64 17.44
C GLU C 533 48.48 -5.07 18.38
N THR C 534 48.24 -6.37 18.44
CA THR C 534 47.20 -6.93 19.31
C THR C 534 47.65 -6.91 20.76
N ILE C 535 46.79 -6.38 21.63
CA ILE C 535 47.07 -6.34 23.06
C ILE C 535 46.70 -7.67 23.72
N LEU C 536 47.70 -8.33 24.32
CA LEU C 536 47.48 -9.60 24.99
C LEU C 536 46.74 -9.40 26.31
N ALA C 537 45.98 -10.40 26.72
CA ALA C 537 45.19 -10.32 27.95
C ALA C 537 45.54 -11.42 28.95
N GLU C 538 45.14 -11.22 30.20
CA GLU C 538 45.42 -12.17 31.27
C GLU C 538 44.66 -13.49 31.10
N GLY C 539 45.32 -14.60 31.36
CA GLY C 539 44.70 -15.91 31.28
C GLY C 539 44.43 -16.38 29.87
N ALA C 540 45.05 -15.72 28.89
CA ALA C 540 44.86 -16.08 27.49
C ALA C 540 45.61 -17.35 27.14
N ARG C 541 45.01 -18.16 26.27
CA ARG C 541 45.64 -19.37 25.76
C ARG C 541 46.08 -19.15 24.33
N LEU C 542 47.35 -19.42 24.05
CA LEU C 542 47.92 -19.16 22.72
C LEU C 542 48.20 -20.43 21.93
N ILE C 543 47.86 -20.41 20.64
CA ILE C 543 48.28 -21.46 19.73
C ILE C 543 49.36 -20.90 18.81
N LEU C 544 50.49 -21.57 18.75
CA LEU C 544 51.63 -21.05 18.01
C LEU C 544 52.10 -21.99 16.90
N ILE C 545 52.86 -21.44 15.96
CA ILE C 545 53.43 -22.22 14.87
C ILE C 545 54.90 -21.91 14.67
N GLY C 546 55.73 -22.94 14.71
CA GLY C 546 57.16 -22.80 14.50
C GLY C 546 57.82 -24.14 14.33
N THR C 547 59.13 -24.13 14.11
CA THR C 547 59.88 -25.37 13.98
C THR C 547 59.84 -26.16 15.28
N SER C 548 59.90 -27.48 15.17
CA SER C 548 59.90 -28.33 16.36
C SER C 548 61.06 -27.99 17.29
N GLU C 549 62.16 -27.51 16.73
CA GLU C 549 63.30 -27.08 17.53
C GLU C 549 63.02 -25.75 18.21
N GLN C 550 62.28 -24.89 17.52
CA GLN C 550 61.90 -23.60 18.07
C GLN C 550 60.87 -23.77 19.18
N GLU C 551 60.09 -24.85 19.10
CA GLU C 551 59.09 -25.16 20.11
C GLU C 551 59.72 -25.61 21.43
N LYS C 552 60.61 -26.60 21.35
CA LYS C 552 61.27 -27.13 22.53
C LYS C 552 62.12 -26.08 23.24
N THR C 553 62.50 -25.02 22.51
CA THR C 553 63.26 -23.93 23.09
C THR C 553 62.38 -22.72 23.36
N PHE C 554 61.07 -22.90 23.29
CA PHE C 554 60.13 -21.81 23.50
C PHE C 554 59.94 -21.50 24.99
N ASP C 555 59.54 -22.52 25.75
CA ASP C 555 59.21 -22.35 27.16
C ASP C 555 60.35 -21.72 27.98
N GLN C 556 61.58 -21.93 27.54
CA GLN C 556 62.74 -21.45 28.29
C GLN C 556 63.24 -20.10 27.79
N THR C 557 63.22 -19.91 26.47
CA THR C 557 63.62 -18.65 25.87
C THR C 557 62.68 -17.54 26.32
N ILE C 558 61.50 -17.92 26.81
CA ILE C 558 60.51 -16.97 27.28
C ILE C 558 60.81 -16.56 28.72
N ALA C 559 61.72 -17.29 29.37
CA ALA C 559 62.08 -17.00 30.76
C ALA C 559 63.43 -16.32 30.85
N ALA C 560 64.39 -16.76 30.05
CA ALA C 560 65.73 -16.20 30.05
C ALA C 560 65.81 -14.97 29.15
N ARG C 561 65.83 -15.20 27.84
CA ARG C 561 65.91 -14.11 26.88
C ARG C 561 64.53 -13.49 26.64
N GLN D 15 20.38 -5.87 -35.36
CA GLN D 15 20.61 -4.44 -35.26
C GLN D 15 21.80 -4.01 -36.11
N ASN D 16 21.52 -3.64 -37.36
CA ASN D 16 22.57 -3.17 -38.28
C ASN D 16 22.12 -1.95 -39.06
N LEU D 17 20.85 -1.91 -39.44
CA LEU D 17 20.30 -0.79 -40.18
C LEU D 17 20.22 0.46 -39.31
N LYS D 18 20.36 0.27 -38.00
CA LYS D 18 20.33 1.38 -37.05
C LYS D 18 21.48 2.34 -37.26
N VAL D 19 22.70 1.85 -37.16
CA VAL D 19 23.89 2.69 -37.30
C VAL D 19 24.08 3.16 -38.74
N LEU D 20 23.39 2.51 -39.67
CA LEU D 20 23.43 2.91 -41.07
C LEU D 20 22.77 4.28 -41.25
N LEU D 21 21.48 4.35 -40.97
CA LEU D 21 20.74 5.61 -41.11
C LEU D 21 21.25 6.65 -40.12
N LEU D 22 21.85 6.19 -39.02
CA LEU D 22 22.48 7.08 -38.06
C LEU D 22 23.68 7.78 -38.70
N TYR D 23 24.34 7.07 -39.61
CA TYR D 23 25.47 7.65 -40.33
C TYR D 23 24.98 8.54 -41.45
N CYS D 24 23.95 8.08 -42.16
CA CYS D 24 23.33 8.87 -43.22
C CYS D 24 22.86 10.22 -42.69
N ALA D 25 22.34 10.22 -41.46
CA ALA D 25 21.86 11.44 -40.84
C ALA D 25 23.04 12.37 -40.53
N PHE D 26 24.20 11.78 -40.25
CA PHE D 26 25.40 12.56 -39.98
C PHE D 26 25.87 13.26 -41.24
N LEU D 27 25.76 12.58 -42.37
CA LEU D 27 26.15 13.13 -43.65
C LEU D 27 25.23 14.27 -44.08
N LEU D 28 23.95 14.14 -43.76
CA LEU D 28 22.99 15.19 -44.08
C LEU D 28 23.28 16.44 -43.27
N VAL D 29 23.64 16.24 -42.00
CA VAL D 29 24.03 17.35 -41.14
C VAL D 29 25.31 18.00 -41.67
N MET D 30 26.27 17.17 -42.04
CA MET D 30 27.55 17.65 -42.54
C MET D 30 27.38 18.46 -43.83
N LEU D 31 26.51 17.97 -44.71
CA LEU D 31 26.22 18.65 -45.97
C LEU D 31 25.65 20.05 -45.73
N LEU D 32 24.59 20.14 -44.92
CA LEU D 32 23.94 21.41 -44.65
C LEU D 32 24.88 22.39 -43.96
N ALA D 33 25.66 21.89 -43.01
CA ALA D 33 26.62 22.74 -42.28
C ALA D 33 27.67 23.30 -43.23
N TYR D 34 28.26 22.43 -44.05
CA TYR D 34 29.26 22.85 -45.02
C TYR D 34 28.67 23.81 -46.05
N ALA D 35 27.46 23.52 -46.52
CA ALA D 35 26.79 24.37 -47.49
C ALA D 35 26.57 25.78 -46.93
N SER D 36 26.31 25.87 -45.63
CA SER D 36 26.07 27.16 -44.98
C SER D 36 27.38 27.91 -44.77
N ILE D 37 28.42 27.19 -44.37
CA ILE D 37 29.72 27.81 -44.16
C ILE D 37 30.25 28.32 -45.50
N PHE D 38 29.87 27.63 -46.57
CA PHE D 38 30.25 28.03 -47.91
C PHE D 38 29.65 29.38 -48.29
N ARG D 39 28.33 29.50 -48.13
CA ARG D 39 27.63 30.75 -48.41
C ARG D 39 28.18 31.88 -47.54
N TYR D 40 28.42 31.57 -46.28
CA TYR D 40 28.92 32.56 -45.32
C TYR D 40 30.32 33.02 -45.69
N LEU D 41 31.19 32.06 -45.99
CA LEU D 41 32.58 32.37 -46.36
C LEU D 41 32.66 33.13 -47.67
N MET D 42 31.90 32.68 -48.66
CA MET D 42 31.88 33.33 -49.97
C MET D 42 31.49 34.79 -49.85
N TRP D 43 30.57 35.10 -48.93
CA TRP D 43 30.09 36.46 -48.75
C TRP D 43 31.07 37.31 -47.94
N HIS D 44 31.46 36.82 -46.77
CA HIS D 44 32.32 37.58 -45.89
C HIS D 44 33.76 37.65 -46.36
N LEU D 45 34.18 36.65 -47.13
CA LEU D 45 35.57 36.60 -47.60
C LEU D 45 35.77 37.25 -48.96
N GLU D 46 34.81 37.04 -49.86
CA GLU D 46 34.99 37.49 -51.23
C GLU D 46 33.80 38.28 -51.78
N GLY D 47 32.81 38.53 -50.92
CA GLY D 47 31.69 39.36 -51.30
C GLY D 47 30.85 38.78 -52.41
N ARG D 48 30.71 37.45 -52.42
CA ARG D 48 29.90 36.79 -53.43
C ARG D 48 28.66 36.16 -52.79
N ALA D 49 27.50 36.42 -53.39
CA ALA D 49 26.24 35.91 -52.86
C ALA D 49 25.82 34.65 -53.60
N TYR D 50 25.66 33.55 -52.87
CA TYR D 50 25.21 32.29 -53.45
C TYR D 50 23.93 31.82 -52.80
N SER D 51 23.02 31.30 -53.63
CA SER D 51 21.77 30.75 -53.12
C SER D 51 22.01 29.53 -52.24
N PHE D 52 21.02 29.20 -51.42
CA PHE D 52 21.09 28.00 -50.59
C PHE D 52 21.36 26.76 -51.44
N MET D 53 20.69 26.66 -52.57
CA MET D 53 20.85 25.52 -53.47
C MET D 53 22.26 25.45 -54.07
N ALA D 54 22.86 26.61 -54.29
CA ALA D 54 24.20 26.66 -54.85
C ALA D 54 25.18 26.06 -53.85
N GLY D 55 24.97 26.34 -52.57
CA GLY D 55 25.82 25.80 -51.52
C GLY D 55 25.75 24.29 -51.46
N ILE D 56 24.53 23.76 -51.44
CA ILE D 56 24.33 22.31 -51.44
C ILE D 56 25.03 21.69 -52.64
N TYR D 57 24.74 22.24 -53.81
CA TYR D 57 25.32 21.79 -55.07
C TYR D 57 26.85 21.81 -55.07
N TRP D 58 27.44 22.87 -54.52
CA TRP D 58 28.88 22.95 -54.41
C TRP D 58 29.44 21.85 -53.51
N THR D 59 28.85 21.70 -52.33
CA THR D 59 29.33 20.74 -51.34
C THR D 59 29.35 19.31 -51.91
N ILE D 60 28.21 18.86 -52.40
CA ILE D 60 28.12 17.57 -53.09
C ILE D 60 29.22 17.46 -54.14
N THR D 61 29.41 18.53 -54.91
CA THR D 61 30.41 18.56 -55.97
C THR D 61 31.84 18.32 -55.45
N VAL D 62 32.11 18.78 -54.24
CA VAL D 62 33.43 18.61 -53.65
C VAL D 62 33.54 17.27 -52.92
N MET D 63 32.69 17.07 -51.92
CA MET D 63 32.71 15.84 -51.13
C MET D 63 32.68 14.60 -52.02
N THR D 64 32.03 14.71 -53.17
CA THR D 64 31.82 13.58 -54.06
C THR D 64 32.95 13.45 -55.07
N THR D 65 33.84 14.44 -55.10
CA THR D 65 35.03 14.45 -55.96
C THR D 65 34.81 14.75 -57.42
N LEU D 66 33.59 15.11 -57.76
CA LEU D 66 33.26 15.49 -59.13
C LEU D 66 34.09 16.73 -59.50
N GLY D 67 33.89 17.83 -58.77
CA GLY D 67 34.68 19.04 -58.97
C GLY D 67 34.56 19.74 -60.32
N PHE D 68 33.37 20.21 -60.67
CA PHE D 68 33.18 20.95 -61.93
C PHE D 68 34.13 22.14 -62.08
N GLY D 69 34.52 22.74 -60.97
CA GLY D 69 35.36 23.91 -60.98
C GLY D 69 34.59 25.17 -61.34
N ASP D 70 33.30 25.08 -61.58
CA ASP D 70 32.56 26.27 -62.01
C ASP D 70 32.37 27.27 -60.87
N ILE D 71 32.63 26.83 -59.64
CA ILE D 71 32.56 27.70 -58.47
C ILE D 71 33.77 27.43 -57.57
N THR D 72 34.65 28.42 -57.46
CA THR D 72 35.87 28.26 -56.67
C THR D 72 36.17 29.53 -55.87
N PHE D 73 36.83 29.34 -54.73
CA PHE D 73 37.33 30.46 -53.95
C PHE D 73 38.60 31.01 -54.59
N GLU D 74 39.01 32.20 -54.16
CA GLU D 74 40.23 32.80 -54.70
C GLU D 74 41.19 33.21 -53.58
N SER D 75 40.72 33.12 -52.34
CA SER D 75 41.52 33.50 -51.19
C SER D 75 42.11 32.28 -50.49
N ASP D 76 43.16 32.50 -49.70
CA ASP D 76 43.78 31.42 -48.93
C ASP D 76 42.77 30.76 -47.99
N ALA D 77 42.00 31.57 -47.27
CA ALA D 77 41.02 31.04 -46.33
C ALA D 77 39.96 30.20 -47.05
N GLY D 78 39.63 30.57 -48.28
CA GLY D 78 38.69 29.81 -49.07
C GLY D 78 39.31 28.49 -49.51
N TYR D 79 40.61 28.50 -49.76
CA TYR D 79 41.34 27.30 -50.16
C TYR D 79 41.38 26.32 -48.99
N LEU D 80 41.64 26.85 -47.80
CA LEU D 80 41.68 26.03 -46.59
C LEU D 80 40.36 25.28 -46.42
N PHE D 81 39.25 26.02 -46.54
CA PHE D 81 37.93 25.43 -46.38
C PHE D 81 37.62 24.41 -47.47
N ALA D 82 37.89 24.79 -48.72
CA ALA D 82 37.70 23.87 -49.83
C ALA D 82 38.46 22.57 -49.57
N SER D 83 39.69 22.70 -49.11
CA SER D 83 40.53 21.55 -48.83
C SER D 83 39.97 20.70 -47.68
N ILE D 84 39.43 21.36 -46.67
CA ILE D 84 38.85 20.65 -45.53
C ILE D 84 37.61 19.86 -45.96
N VAL D 85 36.79 20.47 -46.82
CA VAL D 85 35.60 19.82 -47.31
C VAL D 85 35.96 18.67 -48.24
N THR D 86 37.04 18.85 -48.99
CA THR D 86 37.52 17.82 -49.91
C THR D 86 37.97 16.57 -49.15
N VAL D 87 38.82 16.76 -48.14
CA VAL D 87 39.29 15.66 -47.32
C VAL D 87 38.13 14.99 -46.58
N SER D 88 37.25 15.79 -46.00
CA SER D 88 36.06 15.28 -45.32
C SER D 88 35.26 14.33 -46.22
N GLY D 89 35.19 14.67 -47.51
CA GLY D 89 34.47 13.83 -48.46
C GLY D 89 35.16 12.50 -48.65
N VAL D 90 36.48 12.53 -48.71
CA VAL D 90 37.26 11.30 -48.90
C VAL D 90 37.18 10.40 -47.68
N ILE D 91 37.29 11.00 -46.50
CA ILE D 91 37.17 10.23 -45.25
C ILE D 91 35.80 9.59 -45.10
N PHE D 92 34.75 10.40 -45.14
CA PHE D 92 33.41 9.92 -44.81
C PHE D 92 32.68 9.22 -45.96
N LEU D 93 33.22 9.30 -47.17
CA LEU D 93 32.55 8.67 -48.32
C LEU D 93 33.42 7.62 -49.00
N ASP D 94 34.74 7.72 -48.83
CA ASP D 94 35.67 6.79 -49.46
C ASP D 94 36.32 5.83 -48.46
N ILE D 95 36.15 6.12 -47.18
CA ILE D 95 36.75 5.28 -46.14
C ILE D 95 35.70 4.76 -45.15
N ILE D 96 35.18 5.64 -44.31
CA ILE D 96 34.24 5.24 -43.28
C ILE D 96 33.06 4.44 -43.83
N LEU D 97 32.56 4.85 -44.99
CA LEU D 97 31.38 4.19 -45.57
C LEU D 97 31.65 2.75 -46.00
N PRO D 98 32.70 2.52 -46.82
CA PRO D 98 33.06 1.15 -47.19
C PRO D 98 33.55 0.33 -45.99
N PHE D 99 34.56 0.86 -45.29
CA PHE D 99 35.09 0.20 -44.10
C PHE D 99 33.97 -0.20 -43.13
N GLY D 100 33.04 0.71 -42.90
CA GLY D 100 31.92 0.44 -42.01
C GLY D 100 31.06 -0.69 -42.52
N PHE D 101 30.89 -0.75 -43.84
CA PHE D 101 30.11 -1.82 -44.46
C PHE D 101 30.75 -3.18 -44.20
N VAL D 102 32.07 -3.25 -44.33
CA VAL D 102 32.81 -4.46 -44.01
C VAL D 102 32.59 -4.84 -42.55
N SER D 103 32.55 -3.84 -41.68
CA SER D 103 32.34 -4.06 -40.26
C SER D 103 30.98 -4.66 -39.94
N MET D 104 29.92 -4.01 -40.40
CA MET D 104 28.57 -4.38 -40.01
C MET D 104 27.96 -5.48 -40.88
N PHE D 105 28.44 -5.61 -42.12
CA PHE D 105 27.85 -6.54 -43.07
C PHE D 105 28.70 -7.79 -43.27
N LEU D 106 29.92 -7.59 -43.76
CA LEU D 106 30.79 -8.71 -44.08
C LEU D 106 31.18 -9.51 -42.82
N ALA D 107 31.74 -8.81 -41.84
CA ALA D 107 32.18 -9.44 -40.59
C ALA D 107 31.17 -10.45 -40.02
N PRO D 108 29.92 -10.01 -39.79
CA PRO D 108 28.91 -10.95 -39.31
C PRO D 108 28.80 -12.14 -40.25
N TRP D 109 28.29 -11.91 -41.46
CA TRP D 109 28.14 -12.95 -42.47
C TRP D 109 29.31 -13.94 -42.46
N ILE D 110 30.52 -13.40 -42.43
CA ILE D 110 31.73 -14.22 -42.40
C ILE D 110 31.65 -15.27 -41.30
N GLU D 111 31.63 -14.81 -40.06
CA GLU D 111 31.65 -15.71 -38.91
C GLU D 111 30.54 -16.74 -38.96
N ARG D 112 29.31 -16.30 -39.20
CA ARG D 112 28.15 -17.19 -39.10
C ARG D 112 27.91 -18.11 -40.30
N ARG D 113 28.53 -17.80 -41.43
CA ARG D 113 28.31 -18.61 -42.64
C ARG D 113 29.55 -19.35 -43.13
N LEU D 114 30.68 -19.10 -42.51
CA LEU D 114 31.92 -19.78 -42.88
C LEU D 114 32.37 -20.70 -41.77
N ARG D 115 31.93 -20.39 -40.56
CA ARG D 115 32.23 -21.20 -39.38
C ARG D 115 31.00 -21.26 -38.49
N TYR D 116 30.49 -22.46 -38.24
CA TYR D 116 29.27 -22.59 -37.46
C TYR D 116 29.48 -22.20 -36.00
N HIS D 117 28.80 -21.13 -35.59
CA HIS D 117 28.77 -20.76 -34.18
C HIS D 117 27.38 -21.04 -33.62
N PRO D 118 27.32 -21.91 -32.59
CA PRO D 118 26.06 -22.38 -32.04
C PRO D 118 25.34 -21.33 -31.20
N THR D 119 24.01 -21.41 -31.18
CA THR D 119 23.21 -20.53 -30.35
C THR D 119 23.22 -21.02 -28.91
N ILE D 120 23.69 -20.17 -28.01
CA ILE D 120 23.92 -20.57 -26.63
C ILE D 120 22.83 -20.05 -25.69
N GLU D 121 21.91 -19.25 -26.23
CA GLU D 121 20.90 -18.60 -25.40
C GLU D 121 19.72 -18.10 -26.23
N LEU D 122 18.56 -17.95 -25.58
CA LEU D 122 17.38 -17.38 -26.22
C LEU D 122 17.15 -15.94 -25.77
N PRO D 123 16.52 -15.13 -26.63
CA PRO D 123 16.23 -13.71 -26.34
C PRO D 123 15.41 -13.55 -25.06
N ASP D 124 15.63 -12.44 -24.36
CA ASP D 124 14.94 -12.15 -23.10
C ASP D 124 13.42 -12.30 -23.20
N ASP D 125 12.86 -12.01 -24.36
CA ASP D 125 11.41 -11.93 -24.51
C ASP D 125 10.75 -13.23 -25.01
N THR D 126 11.57 -14.25 -25.27
CA THR D 126 11.03 -15.52 -25.78
C THR D 126 10.03 -16.12 -24.79
N ARG D 127 8.86 -16.49 -25.31
CA ARG D 127 7.77 -16.97 -24.47
C ARG D 127 6.88 -17.94 -25.23
N GLY D 128 6.17 -18.79 -24.50
CA GLY D 128 5.24 -19.74 -25.10
C GLY D 128 5.91 -20.80 -25.95
N HIS D 129 7.22 -20.89 -25.88
CA HIS D 129 7.98 -21.88 -26.63
C HIS D 129 7.95 -23.25 -25.95
N ILE D 130 8.19 -24.28 -26.75
CA ILE D 130 8.21 -25.65 -26.25
C ILE D 130 9.63 -26.20 -26.32
N LEU D 131 10.20 -26.52 -25.15
CA LEU D 131 11.56 -27.04 -25.06
C LEU D 131 11.61 -28.57 -25.26
N ILE D 132 12.44 -29.01 -26.20
CA ILE D 132 12.60 -30.44 -26.44
C ILE D 132 14.00 -30.89 -26.03
N PHE D 133 14.05 -31.75 -25.02
CA PHE D 133 15.32 -32.31 -24.54
C PHE D 133 15.43 -33.78 -24.92
N GLY D 134 16.28 -34.09 -25.88
CA GLY D 134 16.43 -35.45 -26.36
C GLY D 134 15.72 -35.64 -27.68
N ILE D 135 16.31 -35.09 -28.75
CA ILE D 135 15.73 -35.20 -30.08
C ILE D 135 15.92 -36.62 -30.65
N ASP D 136 14.86 -37.15 -31.25
CA ASP D 136 14.89 -38.47 -31.87
C ASP D 136 13.67 -38.62 -32.79
N PRO D 137 13.50 -39.81 -33.41
CA PRO D 137 12.37 -40.00 -34.33
C PRO D 137 11.02 -39.55 -33.76
N ILE D 138 10.74 -39.91 -32.52
CA ILE D 138 9.47 -39.57 -31.88
C ILE D 138 9.23 -38.06 -31.85
N THR D 139 10.21 -37.32 -31.37
CA THR D 139 10.06 -35.88 -31.21
C THR D 139 10.17 -35.12 -32.52
N ARG D 140 10.98 -35.64 -33.45
CA ARG D 140 11.06 -35.06 -34.79
C ARG D 140 9.71 -35.11 -35.48
N THR D 141 9.05 -36.25 -35.40
CA THR D 141 7.72 -36.41 -35.96
C THR D 141 6.72 -35.51 -35.25
N LEU D 142 6.94 -35.33 -33.96
CA LEU D 142 6.11 -34.45 -33.15
C LEU D 142 6.18 -33.02 -33.70
N ILE D 143 7.39 -32.56 -33.95
CA ILE D 143 7.61 -31.21 -34.44
C ILE D 143 6.91 -30.95 -35.78
N ARG D 144 7.07 -31.88 -36.73
CA ARG D 144 6.39 -31.76 -38.01
C ARG D 144 4.89 -31.78 -37.82
N LYS D 145 4.43 -32.70 -36.98
CA LYS D 145 3.00 -32.87 -36.71
C LYS D 145 2.35 -31.56 -36.26
N LEU D 146 3.11 -30.71 -35.59
CA LEU D 146 2.58 -29.45 -35.06
C LEU D 146 3.20 -28.24 -35.73
N GLU D 147 3.49 -28.37 -37.03
CA GLU D 147 4.03 -27.27 -37.80
C GLU D 147 2.89 -26.32 -38.19
N SER D 148 1.66 -26.74 -37.91
CA SER D 148 0.47 -25.96 -38.24
C SER D 148 0.29 -24.79 -37.28
N ARG D 149 -0.03 -25.10 -36.03
CA ARG D 149 -0.24 -24.08 -35.00
C ARG D 149 0.99 -23.19 -34.89
N ASN D 150 2.09 -23.67 -35.48
CA ASN D 150 3.33 -22.91 -35.54
C ASN D 150 3.86 -22.51 -34.17
N HIS D 151 3.98 -23.49 -33.27
CA HIS D 151 4.62 -23.27 -31.99
C HIS D 151 6.10 -23.02 -32.25
N LEU D 152 6.79 -22.41 -31.29
CA LEU D 152 8.24 -22.29 -31.38
C LEU D 152 8.90 -23.47 -30.67
N PHE D 153 9.22 -24.52 -31.42
CA PHE D 153 9.94 -25.66 -30.87
C PHE D 153 11.43 -25.36 -30.77
N VAL D 154 11.97 -25.50 -29.56
CA VAL D 154 13.40 -25.34 -29.34
C VAL D 154 14.00 -26.64 -28.83
N VAL D 155 14.83 -27.27 -29.65
CA VAL D 155 15.51 -28.50 -29.23
C VAL D 155 16.86 -28.16 -28.60
N VAL D 156 17.18 -28.83 -27.49
CA VAL D 156 18.43 -28.58 -26.80
C VAL D 156 19.33 -29.81 -26.85
N THR D 157 20.62 -29.60 -27.07
CA THR D 157 21.58 -30.70 -27.13
C THR D 157 22.94 -30.27 -26.60
N ASP D 158 23.65 -31.20 -25.97
CA ASP D 158 24.99 -30.94 -25.49
C ASP D 158 26.02 -31.50 -26.47
N ASN D 159 25.55 -31.93 -27.63
CA ASN D 159 26.40 -32.52 -28.66
C ASN D 159 26.64 -31.55 -29.80
N TYR D 160 27.84 -30.98 -29.85
CA TYR D 160 28.20 -29.98 -30.85
C TYR D 160 27.88 -30.42 -32.28
N ASP D 161 28.36 -31.59 -32.66
CA ASP D 161 28.15 -32.11 -34.01
C ASP D 161 26.67 -32.22 -34.36
N GLN D 162 25.86 -32.62 -33.40
CA GLN D 162 24.43 -32.79 -33.62
C GLN D 162 23.72 -31.44 -33.77
N ALA D 163 24.21 -30.43 -33.06
CA ALA D 163 23.65 -29.09 -33.16
C ALA D 163 23.83 -28.57 -34.58
N LEU D 164 25.02 -28.81 -35.13
CA LEU D 164 25.35 -28.37 -36.48
C LEU D 164 24.43 -29.02 -37.51
N HIS D 165 24.24 -30.33 -37.41
CA HIS D 165 23.40 -31.06 -38.34
C HIS D 165 21.93 -30.68 -38.22
N LEU D 166 21.50 -30.34 -37.01
CA LEU D 166 20.10 -29.99 -36.78
C LEU D 166 19.77 -28.58 -37.27
N GLU D 167 20.76 -27.69 -37.23
CA GLU D 167 20.58 -26.30 -37.62
C GLU D 167 20.19 -26.16 -39.09
N GLU D 168 20.71 -27.04 -39.93
CA GLU D 168 20.51 -26.95 -41.37
C GLU D 168 19.11 -27.36 -41.83
N GLN D 169 18.50 -28.30 -41.11
CA GLN D 169 17.19 -28.83 -41.49
C GLN D 169 16.09 -28.35 -40.56
N GLU D 170 16.19 -27.10 -40.13
CA GLU D 170 15.32 -26.60 -39.06
C GLU D 170 13.88 -26.27 -39.44
N GLY D 171 12.94 -26.95 -38.78
CA GLY D 171 11.57 -26.50 -38.67
C GLY D 171 11.39 -26.15 -37.20
N PHE D 172 12.52 -25.83 -36.58
CA PHE D 172 12.63 -25.64 -35.14
C PHE D 172 13.99 -25.02 -34.83
N LYS D 173 14.10 -24.41 -33.65
CA LYS D 173 15.34 -23.75 -33.25
C LYS D 173 16.22 -24.70 -32.44
N VAL D 174 17.54 -24.56 -32.59
CA VAL D 174 18.48 -25.42 -31.87
C VAL D 174 19.40 -24.63 -30.94
N VAL D 175 19.48 -25.07 -29.68
CA VAL D 175 20.36 -24.45 -28.70
C VAL D 175 21.38 -25.44 -28.17
N TYR D 176 22.62 -24.99 -28.01
CA TYR D 176 23.72 -25.85 -27.60
C TYR D 176 24.15 -25.57 -26.16
N GLY D 177 24.04 -26.58 -25.31
CA GLY D 177 24.44 -26.45 -23.92
C GLY D 177 23.98 -27.64 -23.09
N SER D 178 24.53 -27.78 -21.88
CA SER D 178 24.16 -28.86 -20.99
C SER D 178 22.72 -28.68 -20.52
N PRO D 179 21.85 -29.65 -20.85
CA PRO D 179 20.41 -29.55 -20.54
C PRO D 179 20.16 -29.48 -19.04
N THR D 180 21.13 -29.93 -18.24
CA THR D 180 20.91 -30.03 -16.80
C THR D 180 21.63 -28.95 -16.00
N ASP D 181 22.05 -27.87 -16.67
CA ASP D 181 22.65 -26.74 -15.99
C ASP D 181 21.61 -25.61 -15.82
N ALA D 182 21.39 -25.19 -14.58
CA ALA D 182 20.42 -24.15 -14.28
C ALA D 182 20.68 -22.85 -15.07
N HIS D 183 21.96 -22.49 -15.20
CA HIS D 183 22.31 -21.29 -15.96
C HIS D 183 21.84 -21.42 -17.40
N VAL D 184 22.00 -22.61 -17.97
CA VAL D 184 21.60 -22.89 -19.35
C VAL D 184 20.07 -22.85 -19.49
N LEU D 185 19.38 -23.38 -18.49
CA LEU D 185 17.93 -23.38 -18.49
C LEU D 185 17.38 -21.97 -18.30
N ALA D 186 18.17 -21.11 -17.67
CA ALA D 186 17.78 -19.72 -17.47
C ALA D 186 17.82 -18.95 -18.79
N GLY D 187 18.82 -19.24 -19.61
CA GLY D 187 18.94 -18.61 -20.91
C GLY D 187 17.90 -19.14 -21.89
N LEU D 188 17.41 -20.35 -21.62
CA LEU D 188 16.36 -20.94 -22.43
C LEU D 188 14.98 -20.40 -22.06
N ARG D 189 14.92 -19.62 -20.99
CA ARG D 189 13.69 -18.97 -20.55
C ARG D 189 12.62 -19.99 -20.16
N VAL D 190 13.04 -21.04 -19.46
CA VAL D 190 12.10 -22.09 -19.05
C VAL D 190 10.87 -21.54 -18.36
N ALA D 191 11.04 -20.47 -17.58
CA ALA D 191 9.95 -19.87 -16.82
C ALA D 191 8.81 -19.36 -17.71
N ALA D 192 9.13 -18.97 -18.93
CA ALA D 192 8.12 -18.40 -19.83
C ALA D 192 7.67 -19.41 -20.88
N ALA D 193 8.26 -20.61 -20.84
CA ALA D 193 7.95 -21.63 -21.82
C ALA D 193 6.57 -22.23 -21.60
N ARG D 194 5.96 -22.69 -22.69
CA ARG D 194 4.65 -23.32 -22.62
C ARG D 194 4.73 -24.67 -21.95
N SER D 195 5.75 -25.45 -22.32
CA SER D 195 5.87 -26.83 -21.89
C SER D 195 7.27 -27.38 -22.13
N ILE D 196 7.62 -28.42 -21.38
CA ILE D 196 8.91 -29.09 -21.53
C ILE D 196 8.73 -30.58 -21.77
N ILE D 197 9.43 -31.10 -22.78
CA ILE D 197 9.42 -32.53 -23.04
C ILE D 197 10.76 -33.17 -22.70
N ALA D 198 10.80 -33.90 -21.60
CA ALA D 198 12.02 -34.55 -21.14
C ALA D 198 12.14 -35.94 -21.74
N ASN D 199 12.90 -36.03 -22.83
CA ASN D 199 13.08 -37.29 -23.54
C ASN D 199 14.52 -37.78 -23.47
N LEU D 200 15.14 -37.61 -22.31
CA LEU D 200 16.50 -38.10 -22.10
C LEU D 200 16.45 -39.46 -21.41
N SER D 201 17.60 -39.96 -20.98
CA SER D 201 17.63 -41.15 -20.15
C SER D 201 16.85 -40.85 -18.87
N ASP D 202 16.43 -41.90 -18.17
CA ASP D 202 15.71 -41.70 -16.92
C ASP D 202 16.51 -40.93 -15.87
N PRO D 203 17.79 -41.29 -15.68
CA PRO D 203 18.62 -40.51 -14.75
C PRO D 203 18.76 -39.04 -15.16
N ASP D 204 18.96 -38.79 -16.46
CA ASP D 204 19.09 -37.41 -16.94
C ASP D 204 17.78 -36.65 -16.82
N ASN D 205 16.69 -37.30 -17.17
CA ASN D 205 15.38 -36.71 -17.00
C ASN D 205 15.14 -36.26 -15.56
N ALA D 206 15.55 -37.10 -14.60
CA ALA D 206 15.40 -36.77 -13.20
C ALA D 206 16.21 -35.52 -12.86
N ASN D 207 17.44 -35.47 -13.35
CA ASN D 207 18.29 -34.30 -13.15
C ASN D 207 17.63 -33.06 -13.77
N LEU D 208 17.16 -33.20 -15.00
CA LEU D 208 16.48 -32.12 -15.70
C LEU D 208 15.28 -31.61 -14.90
N CYS D 209 14.44 -32.54 -14.44
CA CYS D 209 13.23 -32.16 -13.71
C CYS D 209 13.53 -31.37 -12.44
N LEU D 210 14.44 -31.87 -11.61
CA LEU D 210 14.78 -31.19 -10.36
C LEU D 210 15.36 -29.79 -10.62
N THR D 211 16.19 -29.67 -11.66
CA THR D 211 16.79 -28.40 -12.00
C THR D 211 15.74 -27.39 -12.46
N VAL D 212 14.87 -27.82 -13.35
CA VAL D 212 13.77 -26.99 -13.80
C VAL D 212 12.92 -26.51 -12.62
N ARG D 213 12.61 -27.44 -11.72
CA ARG D 213 11.72 -27.13 -10.59
C ARG D 213 12.34 -26.18 -9.56
N SER D 214 13.66 -26.00 -9.63
CA SER D 214 14.31 -25.05 -8.76
C SER D 214 14.22 -23.63 -9.33
N LEU D 215 13.68 -23.53 -10.55
CA LEU D 215 13.58 -22.25 -11.25
C LEU D 215 12.14 -21.83 -11.53
N CYS D 216 11.27 -22.81 -11.78
CA CYS D 216 9.92 -22.52 -12.21
C CYS D 216 9.02 -23.75 -12.11
N GLN D 217 7.75 -23.57 -12.45
CA GLN D 217 6.78 -24.66 -12.43
C GLN D 217 6.25 -24.99 -13.83
N THR D 218 7.04 -24.66 -14.85
CA THR D 218 6.72 -25.02 -16.22
C THR D 218 6.37 -26.50 -16.31
N PRO D 219 5.20 -26.83 -16.88
CA PRO D 219 4.76 -28.22 -16.97
C PRO D 219 5.74 -29.09 -17.73
N ILE D 220 6.04 -30.26 -17.18
CA ILE D 220 7.00 -31.19 -17.77
C ILE D 220 6.34 -32.51 -18.17
N ILE D 221 6.67 -32.98 -19.37
CA ILE D 221 6.22 -34.29 -19.82
C ILE D 221 7.45 -35.15 -20.08
N ALA D 222 7.64 -36.17 -19.24
CA ALA D 222 8.82 -37.04 -19.36
C ALA D 222 8.51 -38.37 -20.02
N VAL D 223 9.38 -38.80 -20.94
CA VAL D 223 9.27 -40.11 -21.55
C VAL D 223 10.11 -41.12 -20.78
N VAL D 224 9.43 -42.02 -20.07
CA VAL D 224 10.07 -43.03 -19.23
C VAL D 224 10.44 -44.29 -20.00
N LYS D 225 11.63 -44.84 -19.73
CA LYS D 225 12.06 -46.09 -20.34
C LYS D 225 11.60 -47.27 -19.51
N GLU D 226 11.95 -47.24 -18.23
CA GLU D 226 11.54 -48.30 -17.31
C GLU D 226 10.35 -47.82 -16.48
N PRO D 227 9.15 -48.35 -16.79
CA PRO D 227 7.89 -47.97 -16.15
C PRO D 227 7.96 -47.88 -14.63
N VAL D 228 8.91 -48.59 -14.02
CA VAL D 228 9.08 -48.54 -12.57
C VAL D 228 9.60 -47.18 -12.14
N HIS D 229 10.32 -46.51 -13.04
CA HIS D 229 10.90 -45.20 -12.77
C HIS D 229 9.88 -44.08 -12.85
N GLY D 230 8.72 -44.37 -13.44
CA GLY D 230 7.66 -43.39 -13.59
C GLY D 230 7.34 -42.64 -12.31
N GLU D 231 7.23 -43.36 -11.20
CA GLU D 231 6.96 -42.73 -9.91
C GLU D 231 8.06 -41.73 -9.56
N LEU D 232 9.31 -42.14 -9.75
CA LEU D 232 10.46 -41.33 -9.40
C LEU D 232 10.50 -40.01 -10.19
N LEU D 233 10.17 -40.08 -11.47
CA LEU D 233 10.12 -38.87 -12.30
C LEU D 233 8.99 -37.94 -11.86
N ARG D 234 7.90 -38.49 -11.34
CA ARG D 234 6.84 -37.68 -10.76
C ARG D 234 7.37 -36.99 -9.50
N LEU D 235 8.15 -37.73 -8.71
CA LEU D 235 8.77 -37.17 -7.51
C LEU D 235 9.71 -36.03 -7.89
N ALA D 236 10.45 -36.22 -8.97
CA ALA D 236 11.42 -35.23 -9.45
C ALA D 236 10.74 -33.95 -9.90
N GLY D 237 9.48 -34.05 -10.30
CA GLY D 237 8.70 -32.87 -10.65
C GLY D 237 7.92 -32.92 -11.95
N ALA D 238 7.93 -34.06 -12.63
CA ALA D 238 7.23 -34.17 -13.91
C ALA D 238 5.70 -34.21 -13.74
N ASN D 239 5.01 -33.39 -14.52
CA ASN D 239 3.56 -33.35 -14.52
C ASN D 239 2.96 -34.65 -15.07
N GLN D 240 3.56 -35.16 -16.13
CA GLN D 240 3.07 -36.37 -16.79
C GLN D 240 4.21 -37.27 -17.22
N VAL D 241 3.98 -38.58 -17.14
CA VAL D 241 5.00 -39.56 -17.46
C VAL D 241 4.50 -40.49 -18.55
N VAL D 242 5.24 -40.59 -19.65
CA VAL D 242 4.87 -41.46 -20.75
C VAL D 242 5.85 -42.63 -20.91
N PRO D 243 5.40 -43.83 -20.54
CA PRO D 243 6.21 -45.05 -20.71
C PRO D 243 6.07 -45.66 -22.10
N LEU D 244 6.65 -45.00 -23.11
CA LEU D 244 6.50 -45.44 -24.50
C LEU D 244 6.86 -46.90 -24.75
N THR D 245 7.96 -47.38 -24.19
CA THR D 245 8.38 -48.75 -24.44
C THR D 245 7.30 -49.74 -24.02
N ARG D 246 6.74 -49.56 -22.82
CA ARG D 246 5.67 -50.44 -22.37
C ARG D 246 4.47 -50.36 -23.31
N ILE D 247 4.07 -49.13 -23.66
CA ILE D 247 2.95 -48.91 -24.56
C ILE D 247 3.15 -49.59 -25.91
N LEU D 248 4.32 -49.39 -26.50
CA LEU D 248 4.63 -49.99 -27.79
C LEU D 248 4.69 -51.50 -27.70
N GLY D 249 5.35 -52.00 -26.66
CA GLY D 249 5.42 -53.43 -26.42
C GLY D 249 4.03 -54.03 -26.29
N ARG D 250 3.11 -53.27 -25.70
CA ARG D 250 1.74 -53.71 -25.53
C ARG D 250 0.98 -53.72 -26.85
N TYR D 251 1.22 -52.71 -27.69
CA TYR D 251 0.57 -52.66 -29.00
C TYR D 251 0.97 -53.86 -29.85
N LEU D 252 2.26 -54.18 -29.85
CA LEU D 252 2.76 -55.34 -30.59
C LEU D 252 2.10 -56.63 -30.09
N GLY D 253 2.06 -56.80 -28.77
CA GLY D 253 1.47 -57.98 -28.17
C GLY D 253 -0.01 -58.10 -28.48
N ILE D 254 -0.74 -57.01 -28.30
CA ILE D 254 -2.16 -56.97 -28.63
C ILE D 254 -2.41 -57.41 -30.07
N ARG D 255 -1.67 -56.82 -30.99
CA ARG D 255 -1.86 -57.05 -32.42
C ARG D 255 -1.47 -58.47 -32.83
N ALA D 256 -0.61 -59.10 -32.03
CA ALA D 256 -0.12 -60.43 -32.35
C ALA D 256 -1.07 -61.53 -31.91
N THR D 257 -2.01 -61.19 -31.03
CA THR D 257 -2.89 -62.20 -30.44
C THR D 257 -4.37 -62.01 -30.77
N THR D 258 -4.81 -60.75 -30.83
CA THR D 258 -6.21 -60.45 -31.10
C THR D 258 -6.71 -61.11 -32.38
N ASP D 348 -2.48 -75.14 -30.53
CA ASP D 348 -1.32 -74.66 -29.78
C ASP D 348 -0.83 -73.32 -30.31
N GLU D 349 -0.97 -72.28 -29.49
CA GLU D 349 -0.52 -70.95 -29.85
C GLU D 349 0.94 -70.76 -29.45
N LEU D 350 1.69 -70.02 -30.26
CA LEU D 350 3.12 -69.84 -30.02
C LEU D 350 3.65 -68.66 -30.84
N ILE D 351 4.06 -67.61 -30.13
CA ILE D 351 4.51 -66.37 -30.77
C ILE D 351 6.00 -66.16 -30.66
N PHE D 352 6.69 -66.12 -31.80
CA PHE D 352 8.11 -65.78 -31.83
C PHE D 352 8.28 -64.26 -31.75
N ILE D 353 9.08 -63.81 -30.78
CA ILE D 353 9.41 -62.40 -30.67
C ILE D 353 10.88 -62.16 -31.01
N ILE D 354 11.12 -61.50 -32.14
CA ILE D 354 12.46 -61.28 -32.63
C ILE D 354 12.99 -59.92 -32.18
N GLY D 355 13.96 -59.94 -31.26
CA GLY D 355 14.50 -58.71 -30.68
C GLY D 355 14.09 -58.55 -29.22
N HIS D 356 15.08 -58.55 -28.33
CA HIS D 356 14.80 -58.47 -26.90
C HIS D 356 15.27 -57.14 -26.28
N GLY D 357 15.02 -56.04 -26.98
CA GLY D 357 15.23 -54.73 -26.40
C GLY D 357 14.09 -54.42 -25.44
N ARG D 358 14.04 -53.19 -24.95
CA ARG D 358 13.02 -52.81 -23.98
C ARG D 358 11.61 -53.07 -24.51
N ILE D 359 11.41 -52.78 -25.79
CA ILE D 359 10.09 -52.93 -26.40
C ILE D 359 9.71 -54.40 -26.58
N GLY D 360 10.57 -55.16 -27.23
CA GLY D 360 10.34 -56.59 -27.38
C GLY D 360 10.12 -57.21 -26.01
N CYS D 361 10.92 -56.79 -25.05
CA CYS D 361 10.82 -57.24 -23.67
C CYS D 361 9.44 -56.92 -23.12
N ALA D 362 8.95 -55.71 -23.42
CA ALA D 362 7.61 -55.30 -23.00
C ALA D 362 6.55 -56.21 -23.60
N ALA D 363 6.65 -56.47 -24.90
CA ALA D 363 5.71 -57.35 -25.57
C ALA D 363 5.73 -58.73 -24.93
N ALA D 364 6.93 -59.20 -24.58
CA ALA D 364 7.06 -60.48 -23.89
C ALA D 364 6.30 -60.46 -22.57
N ALA D 365 6.51 -59.41 -21.79
CA ALA D 365 5.85 -59.28 -20.49
C ALA D 365 4.33 -59.24 -20.65
N PHE D 366 3.86 -58.62 -21.71
CA PHE D 366 2.42 -58.55 -21.99
C PHE D 366 1.85 -59.93 -22.26
N LEU D 367 2.51 -60.69 -23.14
CA LEU D 367 2.05 -62.03 -23.46
C LEU D 367 2.10 -62.95 -22.24
N ASP D 368 2.79 -62.51 -21.19
CA ASP D 368 2.87 -63.28 -19.96
C ASP D 368 1.60 -63.15 -19.12
N ARG D 369 1.14 -61.91 -18.92
CA ARG D 369 -0.08 -61.67 -18.17
C ARG D 369 -1.22 -62.54 -18.70
N LYS D 370 -1.62 -62.29 -19.94
CA LYS D 370 -2.59 -63.17 -20.60
C LYS D 370 -1.85 -64.38 -21.14
N PRO D 371 -2.05 -65.53 -20.49
CA PRO D 371 -1.31 -66.77 -20.76
C PRO D 371 -1.19 -67.12 -22.24
N VAL D 372 -0.11 -66.65 -22.86
CA VAL D 372 0.23 -67.01 -24.23
C VAL D 372 1.72 -67.33 -24.29
N PRO D 373 2.06 -68.54 -24.74
CA PRO D 373 3.46 -68.96 -24.85
C PRO D 373 4.20 -68.24 -25.98
N PHE D 374 5.51 -68.04 -25.82
CA PHE D 374 6.29 -67.30 -26.80
C PHE D 374 7.76 -67.66 -26.72
N ILE D 375 8.50 -67.29 -27.77
CA ILE D 375 9.95 -67.49 -27.81
C ILE D 375 10.65 -66.20 -28.19
N LEU D 376 11.45 -65.66 -27.25
CA LEU D 376 12.28 -64.50 -27.52
C LEU D 376 13.56 -64.91 -28.22
N ILE D 377 13.93 -64.16 -29.25
CA ILE D 377 15.17 -64.41 -29.99
C ILE D 377 15.98 -63.12 -30.11
N ASP D 378 17.28 -63.21 -29.90
CA ASP D 378 18.13 -62.03 -29.97
C ASP D 378 19.60 -62.39 -30.17
N ARG D 379 20.42 -61.37 -30.38
CA ARG D 379 21.85 -61.55 -30.61
C ARG D 379 22.60 -61.77 -29.29
N GLN D 380 22.35 -60.89 -28.32
CA GLN D 380 23.03 -60.97 -27.04
C GLN D 380 22.06 -60.77 -25.87
N GLU D 381 22.54 -61.04 -24.66
CA GLU D 381 21.71 -60.92 -23.46
C GLU D 381 21.33 -59.47 -23.19
N SER D 382 20.15 -59.28 -22.60
CA SER D 382 19.70 -57.96 -22.24
C SER D 382 20.40 -57.45 -20.98
N PRO D 383 20.99 -56.25 -21.07
CA PRO D 383 21.70 -55.63 -19.95
C PRO D 383 20.77 -55.13 -18.85
N VAL D 384 19.46 -55.11 -19.13
CA VAL D 384 18.50 -54.56 -18.19
C VAL D 384 17.49 -55.60 -17.68
N CYS D 385 17.34 -56.69 -18.43
CA CYS D 385 16.35 -57.70 -18.07
C CYS D 385 16.99 -59.01 -17.62
N ASN D 386 16.42 -59.60 -16.57
CA ASN D 386 16.89 -60.87 -16.04
C ASN D 386 15.74 -61.86 -15.83
N ASP D 387 14.54 -61.45 -16.20
CA ASP D 387 13.34 -62.24 -15.93
C ASP D 387 12.92 -63.11 -17.11
N HIS D 388 13.47 -62.82 -18.28
CA HIS D 388 13.09 -63.54 -19.50
C HIS D 388 14.19 -64.47 -20.01
N VAL D 389 13.77 -65.64 -20.48
CA VAL D 389 14.69 -66.57 -21.13
C VAL D 389 14.76 -66.28 -22.62
N VAL D 390 15.96 -65.94 -23.09
CA VAL D 390 16.14 -65.57 -24.50
C VAL D 390 16.93 -66.63 -25.27
N VAL D 391 16.45 -66.96 -26.47
CA VAL D 391 17.19 -67.84 -27.37
C VAL D 391 18.23 -67.04 -28.13
N TYR D 392 19.49 -67.26 -27.81
CA TYR D 392 20.59 -66.54 -28.44
C TYR D 392 21.00 -67.21 -29.74
N GLY D 393 21.63 -66.43 -30.62
CA GLY D 393 22.01 -66.91 -31.94
C GLY D 393 21.42 -66.03 -33.02
N ASP D 394 22.30 -65.37 -33.77
CA ASP D 394 21.88 -64.42 -34.80
C ASP D 394 20.78 -65.00 -35.69
N ALA D 395 19.75 -64.19 -35.94
CA ALA D 395 18.67 -64.58 -36.83
C ALA D 395 19.06 -64.34 -38.29
N THR D 396 20.27 -63.84 -38.48
CA THR D 396 20.79 -63.57 -39.81
C THR D 396 21.81 -64.65 -40.20
N VAL D 397 21.67 -65.82 -39.60
CA VAL D 397 22.60 -66.92 -39.85
C VAL D 397 21.86 -68.23 -40.13
N GLY D 398 21.72 -68.56 -41.42
CA GLY D 398 21.17 -69.84 -41.84
C GLY D 398 19.77 -70.16 -41.34
N GLN D 399 19.64 -71.30 -40.68
CA GLN D 399 18.34 -71.83 -40.29
C GLN D 399 18.02 -71.55 -38.81
N THR D 400 18.45 -70.40 -38.31
CA THR D 400 18.26 -70.07 -36.90
C THR D 400 16.79 -69.94 -36.51
N LEU D 401 15.93 -69.69 -37.50
CA LEU D 401 14.50 -69.60 -37.25
C LEU D 401 13.84 -70.97 -37.39
N ARG D 402 14.19 -71.68 -38.47
CA ARG D 402 13.66 -73.02 -38.70
C ARG D 402 14.09 -73.99 -37.61
N GLN D 403 15.32 -73.82 -37.11
CA GLN D 403 15.83 -74.66 -36.04
C GLN D 403 15.08 -74.42 -34.74
N ALA D 404 14.69 -73.17 -34.51
CA ALA D 404 13.97 -72.79 -33.30
C ALA D 404 12.52 -73.28 -33.32
N GLY D 405 12.08 -73.74 -34.48
CA GLY D 405 10.74 -74.26 -34.64
C GLY D 405 9.75 -73.25 -35.15
N ILE D 406 10.22 -72.32 -35.98
CA ILE D 406 9.37 -71.28 -36.55
C ILE D 406 8.21 -71.87 -37.36
N ASP D 407 8.30 -73.17 -37.62
CA ASP D 407 7.33 -73.85 -38.47
C ASP D 407 5.97 -74.00 -37.79
N ARG D 408 5.98 -74.04 -36.46
CA ARG D 408 4.76 -74.32 -35.70
C ARG D 408 4.21 -73.07 -35.01
N ALA D 409 4.79 -71.92 -35.32
CA ALA D 409 4.37 -70.67 -34.70
C ALA D 409 2.99 -70.21 -35.19
N SER D 410 2.32 -69.42 -34.36
CA SER D 410 1.02 -68.87 -34.73
C SER D 410 1.10 -67.36 -34.94
N GLY D 411 2.29 -66.81 -34.77
CA GLY D 411 2.51 -65.39 -34.92
C GLY D 411 3.96 -65.00 -34.71
N ILE D 412 4.37 -63.93 -35.39
CA ILE D 412 5.75 -63.45 -35.30
C ILE D 412 5.75 -61.95 -35.01
N ILE D 413 6.54 -61.53 -34.03
CA ILE D 413 6.73 -60.12 -33.76
C ILE D 413 8.17 -59.73 -34.07
N VAL D 414 8.35 -58.82 -35.01
CA VAL D 414 9.70 -58.38 -35.34
C VAL D 414 9.97 -56.98 -34.74
N THR D 415 10.95 -56.91 -33.85
CA THR D 415 11.17 -55.73 -33.03
C THR D 415 12.65 -55.37 -32.87
N THR D 416 13.44 -55.56 -33.91
CA THR D 416 14.81 -55.08 -33.89
C THR D 416 14.81 -53.55 -33.90
N ASN D 417 15.89 -52.95 -33.41
CA ASN D 417 16.01 -51.49 -33.41
C ASN D 417 16.44 -50.94 -34.78
N ASP D 418 16.59 -51.84 -35.75
CA ASP D 418 16.94 -51.45 -37.10
C ASP D 418 15.80 -51.79 -38.07
N ASP D 419 15.24 -50.77 -38.72
CA ASP D 419 14.09 -50.98 -39.62
C ASP D 419 14.41 -51.88 -40.81
N SER D 420 15.56 -51.65 -41.44
CA SER D 420 15.98 -52.48 -42.56
C SER D 420 16.01 -53.95 -42.17
N THR D 421 16.56 -54.24 -41.00
CA THR D 421 16.62 -55.62 -40.55
C THR D 421 15.20 -56.16 -40.32
N ASN D 422 14.34 -55.32 -39.75
CA ASN D 422 12.94 -55.68 -39.58
C ASN D 422 12.24 -55.98 -40.90
N ILE D 423 12.51 -55.14 -41.91
CA ILE D 423 11.95 -55.34 -43.24
C ILE D 423 12.47 -56.62 -43.87
N PHE D 424 13.77 -56.87 -43.69
CA PHE D 424 14.40 -58.07 -44.24
C PHE D 424 13.87 -59.33 -43.57
N LEU D 425 13.67 -59.27 -42.25
CA LEU D 425 13.13 -60.39 -41.51
C LEU D 425 11.68 -60.67 -41.89
N THR D 426 10.92 -59.60 -42.11
CA THR D 426 9.53 -59.73 -42.55
C THR D 426 9.46 -60.38 -43.93
N LEU D 427 10.31 -59.94 -44.86
CA LEU D 427 10.43 -60.57 -46.17
C LEU D 427 10.64 -62.06 -46.03
N ALA D 428 11.66 -62.44 -45.26
CA ALA D 428 12.03 -63.85 -45.10
C ALA D 428 10.88 -64.66 -44.51
N CYS D 429 10.31 -64.17 -43.41
CA CYS D 429 9.23 -64.89 -42.74
C CYS D 429 8.03 -65.10 -43.66
N ARG D 430 7.55 -64.02 -44.27
CA ARG D 430 6.41 -64.10 -45.18
C ARG D 430 6.73 -65.01 -46.35
N HIS D 431 8.01 -65.16 -46.66
CA HIS D 431 8.43 -66.03 -47.74
C HIS D 431 8.29 -67.50 -47.33
N LEU D 432 8.76 -67.83 -46.14
CA LEU D 432 8.68 -69.18 -45.62
C LEU D 432 7.23 -69.58 -45.33
N HIS D 433 6.47 -68.66 -44.76
CA HIS D 433 5.08 -68.93 -44.43
C HIS D 433 4.18 -67.80 -44.92
N SER D 434 3.32 -68.12 -45.87
CA SER D 434 2.57 -67.11 -46.61
C SER D 434 1.41 -66.46 -45.85
N HIS D 435 1.08 -67.00 -44.67
CA HIS D 435 -0.12 -66.55 -43.96
C HIS D 435 0.06 -66.30 -42.47
N ILE D 436 1.11 -66.84 -41.88
CA ILE D 436 1.36 -66.63 -40.45
C ILE D 436 1.31 -65.15 -40.13
N ARG D 437 0.66 -64.80 -39.03
CA ARG D 437 0.52 -63.40 -38.64
C ARG D 437 1.85 -62.77 -38.30
N ILE D 438 2.18 -61.68 -38.99
CA ILE D 438 3.40 -60.94 -38.72
C ILE D 438 3.08 -59.52 -38.28
N VAL D 439 3.49 -59.18 -37.06
CA VAL D 439 3.39 -57.82 -36.56
C VAL D 439 4.80 -57.24 -36.49
N ALA D 440 5.04 -56.16 -37.22
CA ALA D 440 6.38 -55.58 -37.29
C ALA D 440 6.46 -54.19 -36.67
N ARG D 441 7.63 -53.86 -36.11
CA ARG D 441 7.82 -52.54 -35.50
C ARG D 441 8.64 -51.62 -36.40
N ALA D 442 8.22 -50.37 -36.48
CA ALA D 442 8.93 -49.39 -37.28
C ALA D 442 9.53 -48.28 -36.41
N ASN D 443 10.85 -48.17 -36.40
CA ASN D 443 11.53 -47.15 -35.61
C ASN D 443 11.30 -45.75 -36.19
N GLY D 444 11.23 -45.67 -37.52
CA GLY D 444 10.93 -44.43 -38.20
C GLY D 444 9.79 -44.64 -39.18
N GLU D 445 8.97 -43.60 -39.36
CA GLU D 445 7.77 -43.73 -40.18
C GLU D 445 8.05 -43.81 -41.68
N GLU D 446 9.30 -43.57 -42.07
CA GLU D 446 9.67 -43.64 -43.48
C GLU D 446 9.88 -45.09 -43.93
N ASN D 447 9.73 -46.03 -42.99
CA ASN D 447 9.87 -47.45 -43.28
C ASN D 447 8.57 -48.23 -43.11
N VAL D 448 7.50 -47.54 -42.70
CA VAL D 448 6.22 -48.18 -42.42
C VAL D 448 5.61 -48.88 -43.64
N ASP D 449 5.62 -48.21 -44.80
CA ASP D 449 5.03 -48.76 -46.01
C ASP D 449 5.79 -49.96 -46.55
N GLN D 450 7.09 -49.98 -46.30
CA GLN D 450 7.93 -51.08 -46.78
C GLN D 450 7.72 -52.36 -45.95
N LEU D 451 7.44 -52.21 -44.66
CA LEU D 451 7.08 -53.35 -43.83
C LEU D 451 5.80 -54.01 -44.36
N TYR D 452 4.80 -53.20 -44.71
CA TYR D 452 3.58 -53.74 -45.31
C TYR D 452 3.88 -54.43 -46.64
N ALA D 453 4.66 -53.78 -47.50
CA ALA D 453 5.02 -54.35 -48.78
C ALA D 453 5.82 -55.65 -48.61
N ALA D 454 6.49 -55.77 -47.47
CA ALA D 454 7.30 -56.95 -47.18
C ALA D 454 6.42 -58.14 -46.84
N GLY D 455 5.30 -57.87 -46.17
CA GLY D 455 4.34 -58.90 -45.86
C GLY D 455 3.68 -58.72 -44.50
N ALA D 456 4.03 -57.65 -43.80
CA ALA D 456 3.47 -57.41 -42.48
C ALA D 456 1.96 -57.31 -42.53
N ASP D 457 1.30 -57.86 -41.51
CA ASP D 457 -0.16 -57.76 -41.40
C ASP D 457 -0.54 -56.48 -40.66
N PHE D 458 0.27 -56.12 -39.67
CA PHE D 458 0.10 -54.84 -38.99
C PHE D 458 1.45 -54.27 -38.63
N VAL D 459 1.56 -52.94 -38.69
CA VAL D 459 2.81 -52.27 -38.34
C VAL D 459 2.56 -51.29 -37.21
N VAL D 460 3.48 -51.28 -36.24
CA VAL D 460 3.40 -50.33 -35.14
C VAL D 460 4.50 -49.29 -35.30
N SER D 461 4.11 -48.07 -35.65
CA SER D 461 5.07 -47.01 -35.91
C SER D 461 5.42 -46.22 -34.64
N ASN D 462 6.60 -46.49 -34.09
CA ASN D 462 7.08 -45.81 -32.89
C ASN D 462 6.89 -44.29 -32.95
N ALA D 463 7.40 -43.69 -34.02
CA ALA D 463 7.35 -42.25 -34.19
C ALA D 463 5.92 -41.72 -34.09
N SER D 464 5.00 -42.34 -34.82
CA SER D 464 3.64 -41.85 -34.89
C SER D 464 2.91 -42.05 -33.55
N VAL D 465 3.03 -43.24 -32.98
CA VAL D 465 2.38 -43.52 -31.70
C VAL D 465 2.86 -42.56 -30.62
N GLY D 466 4.18 -42.37 -30.53
CA GLY D 466 4.76 -41.43 -29.59
C GLY D 466 4.34 -39.99 -29.84
N ALA D 467 4.47 -39.55 -31.09
CA ALA D 467 4.09 -38.20 -31.48
C ALA D 467 2.62 -37.90 -31.14
N ASN D 468 1.74 -38.86 -31.41
CA ASN D 468 0.32 -38.70 -31.12
C ASN D 468 0.03 -38.56 -29.63
N ILE D 469 0.70 -39.37 -28.81
CA ILE D 469 0.52 -39.29 -27.37
C ILE D 469 1.02 -37.94 -26.84
N LEU D 470 2.27 -37.61 -27.16
CA LEU D 470 2.84 -36.33 -26.76
C LEU D 470 2.03 -35.18 -27.32
N GLY D 471 1.60 -35.33 -28.57
CA GLY D 471 0.76 -34.34 -29.21
C GLY D 471 -0.46 -34.04 -28.37
N ASN D 472 -1.25 -35.08 -28.07
CA ASN D 472 -2.44 -34.92 -27.26
C ASN D 472 -2.09 -34.29 -25.91
N LEU D 473 -1.05 -34.81 -25.28
CA LEU D 473 -0.62 -34.30 -23.98
C LEU D 473 -0.27 -32.81 -24.02
N LEU D 474 0.16 -32.32 -25.18
CA LEU D 474 0.49 -30.91 -25.33
C LEU D 474 -0.75 -30.04 -25.50
N GLU D 475 -1.51 -30.26 -26.56
CA GLU D 475 -2.68 -29.43 -26.85
C GLU D 475 -3.78 -29.56 -25.80
N HIS D 476 -4.05 -30.77 -25.34
CA HIS D 476 -5.04 -30.99 -24.30
C HIS D 476 -4.58 -30.43 -22.96
N LYS D 477 -3.29 -30.13 -22.87
CA LYS D 477 -2.72 -29.55 -21.65
C LYS D 477 -3.21 -28.12 -21.44
N GLU D 478 -3.54 -27.44 -22.54
CA GLU D 478 -3.97 -26.05 -22.47
C GLU D 478 -5.12 -25.74 -23.43
N SER D 479 -5.86 -26.78 -23.82
CA SER D 479 -7.02 -26.61 -24.68
C SER D 479 -7.72 -27.95 -24.92
C1 GLC E . 10.80 86.80 -26.18
C2 GLC E . 10.41 85.97 -27.36
C3 GLC E . 10.76 84.62 -27.19
C4 GLC E . 12.19 84.48 -26.91
C5 GLC E . 12.64 85.31 -25.74
C6 GLC E . 14.13 85.40 -25.59
O1 GLC E . 10.03 86.49 -25.08
O2 GLC E . 8.98 86.04 -27.59
O3 GLC E . 10.49 84.02 -28.41
O4 GLC E . 12.46 83.10 -26.66
O5 GLC E . 12.21 86.64 -25.82
O6 GLC E . 14.61 86.46 -24.88
C1 GLC E . 12.23 82.74 -25.29
C2 GLC E . 13.07 81.57 -24.79
C3 GLC E . 12.59 80.29 -25.23
C4 GLC E . 11.21 80.12 -24.97
C5 GLC E . 10.41 81.23 -25.58
C6 GLC E . 8.93 81.04 -25.32
O2 GLC E . 14.39 81.71 -25.23
O3 GLC E . 13.24 79.34 -24.42
O4 GLC E . 10.79 78.95 -25.60
O5 GLC E . 10.85 82.53 -25.11
O6 GLC E . 8.27 80.10 -26.08
K K F . -15.70 74.22 -19.98
K K G . -15.73 70.88 -18.35
K K H . -15.77 67.54 -16.72
K K I . -15.80 64.44 -15.21
K K J . -15.66 77.78 -21.71
ZN ZN K . -12.04 2.35 41.04
CA CA L . -29.12 23.91 33.18
P PO4 M . -14.68 11.28 35.04
O1 PO4 M . -15.91 11.51 34.19
O2 PO4 M . -13.86 10.16 34.46
O3 PO4 M . -15.10 10.92 36.45
O4 PO4 M . -13.86 12.54 35.08
ZN ZN N . -39.07 -5.16 23.56
CA CA O . -40.66 6.96 -2.13
K K P . -15.60 82.64 -24.08
P PO4 Q . -36.90 2.98 16.41
O1 PO4 Q . -38.19 2.25 16.69
O2 PO4 Q . -36.61 2.93 14.93
O3 PO4 Q . -37.03 4.41 16.86
O4 PO4 Q . -35.76 2.33 17.16
P PO4 R . -53.44 6.30 12.33
O1 PO4 R . -54.72 5.51 12.40
O2 PO4 R . -53.42 7.28 13.48
O3 PO4 R . -53.33 7.05 11.03
O4 PO4 R . -52.27 5.35 12.43
C1 GLC S . -52.47 3.52 29.05
C2 GLC S . -51.82 2.29 28.47
C3 GLC S . -51.29 2.53 27.16
C4 GLC S . -52.24 3.11 26.28
C5 GLC S . -52.89 4.32 26.87
C6 GLC S . -54.00 4.85 26.03
O1 GLC S . -51.55 4.51 29.37
O2 GLC S . -50.77 1.91 29.29
O3 GLC S . -50.99 1.28 26.61
O4 GLC S . -51.57 3.56 25.09
O5 GLC S . -53.42 4.07 28.20
O6 GLC S . -53.71 5.83 25.13
C1 GLC T . -27.89 91.78 -1.96
C2 GLC T . -28.06 92.84 -3.02
C3 GLC T . -28.53 92.30 -4.26
C4 GLC T . -27.73 91.21 -4.70
C5 GLC T . -27.59 90.16 -3.65
C6 GLC T . -26.69 89.05 -4.08
O1 GLC T . -29.10 91.27 -1.52
O2 GLC T . -29.01 93.74 -2.57
O3 GLC T . -28.34 93.30 -5.22
O4 GLC T . -28.39 90.57 -5.79
O5 GLC T . -27.11 90.71 -2.40
O6 GLC T . -27.16 88.18 -4.99
K K U . 36.97 14.48 -60.53
K K V . 37.00 17.58 -62.04
K K W . 37.04 20.73 -63.58
K K X . 37.08 24.48 -65.41
ZN ZN Y . 38.98 -50.69 -3.19
CA CA Z . 60.79 -34.82 -20.37
CA CA AA . 21.55 -29.97 -12.27
K K BA . 36.94 11.40 -59.03
P PO4 CA . 33.19 -30.99 3.35
O1 PO4 CA . 32.25 -29.82 3.21
O2 PO4 CA . 33.23 -31.73 2.03
O3 PO4 CA . 34.58 -30.48 3.68
O4 PO4 CA . 32.69 -31.91 4.43
K K DA . 37.13 29.17 -67.70
ZN ZN EA . 12.79 -59.33 -20.96
P PO4 FA . 14.59 -50.88 -28.18
O1 PO4 FA . 13.46 -51.62 -27.53
O2 PO4 FA . 14.79 -51.39 -29.58
O3 PO4 FA . 14.25 -49.40 -28.23
O4 PO4 FA . 15.85 -51.08 -27.38
C1 GLC GA . 23.24 38.79 -46.17
C2 GLC GA . 23.48 39.13 -47.63
C3 GLC GA . 23.45 37.97 -48.47
C4 GLC GA . 24.32 36.95 -48.00
C5 GLC GA . 24.07 36.61 -46.57
C6 GLC GA . 25.06 35.63 -46.04
O1 GLC GA . 21.94 38.38 -45.93
O2 GLC GA . 22.47 39.99 -48.03
O3 GLC GA . 23.94 38.36 -49.71
O4 GLC GA . 24.08 35.76 -48.75
O5 GLC GA . 24.10 37.78 -45.71
O6 GLC GA . 24.80 34.32 -46.23
#